data_2X1L
#
_entry.id   2X1L
#
_cell.length_a   155.950
_cell.length_b   138.910
_cell.length_c   123.310
_cell.angle_alpha   90.00
_cell.angle_beta   124.84
_cell.angle_gamma   90.00
#
_symmetry.space_group_name_H-M   'C 1 2 1'
#
loop_
_entity.id
_entity.type
_entity.pdbx_description
1 polymer 'METHIONYL-TRNA SYNTHETASE'
2 non-polymer METHIONINE
3 non-polymer ADENOSINE
4 non-polymer '3-CYCLOHEXYL-1-PROPYLSULFONIC ACID'
5 non-polymer 'DIHYDROGENPHOSPHATE ION'
6 water water
#
_entity_poly.entity_id   1
_entity_poly.type   'polypeptide(L)'
_entity_poly.pdbx_seq_one_letter_code
;MAHHHHHHGGSEPFYITTAIAYPNGVPHIGHAYEYIATDAIARFKRLDGYDVRYLTGTDVHGQKMAETAAKEGIPAAELA
RRNSDVFQRLQEKLNISFDRFIRTSDADHYEASKAIWKRMADAGDIYLDAYKGWYSIRDERFFTENETTEQPDGTRIATE
TGAPVTWTEEQTYFFRLSAYTDRLLALYEEHPEFIGPDARRNEIVSFVSGGLKDLSISRTTFDWGVPVPDHPDHVMYVWV
DALTNYLTGVGFPDTESESFRRYWPADLHMIGKDIIRFHTVYWPAFLMSAGLPLPKRIFAHGWLLNRGEKMSKSIGNVVD
PVNLVDTFGLDQVRYFLLREVPFGQDGSYNEDAIIGRVNADLANELGNLAQRSLSMVAKNLGAAVPDPGEFTDEDTALLA
AADALLERVREHFDVPAMHLALEAIWSVLGAANRYFSAQEPWVLRKSDAAEDQQRFRTVLYTTLEVVRIASLLLQPVMPE
STAKLLDLLGQPTDERDFSAIANRIKPGTSLPAPSGIFPRYQND
;
_entity_poly.pdbx_strand_id   A,B,C
#
loop_
_chem_comp.id
_chem_comp.type
_chem_comp.name
_chem_comp.formula
2HP non-polymer 'DIHYDROGENPHOSPHATE ION' 'H2 O4 P -1'
ADN non-polymer ADENOSINE 'C10 H13 N5 O4'
CXS non-polymer '3-CYCLOHEXYL-1-PROPYLSULFONIC ACID' 'C9 H19 N O3 S'
#
# COMPACT_ATOMS: atom_id res chain seq x y z
N SER A 11 -11.08 -0.43 -37.86
CA SER A 11 -11.26 -0.20 -36.40
C SER A 11 -11.11 1.28 -36.05
N GLU A 12 -12.25 1.96 -35.94
CA GLU A 12 -12.28 3.38 -35.58
C GLU A 12 -11.98 3.57 -34.10
N PRO A 13 -11.10 4.54 -33.77
CA PRO A 13 -10.79 4.84 -32.37
C PRO A 13 -11.99 5.44 -31.63
N PHE A 14 -12.09 5.12 -30.34
CA PHE A 14 -13.11 5.67 -29.46
C PHE A 14 -12.52 5.93 -28.09
N TYR A 15 -12.36 7.21 -27.75
CA TYR A 15 -11.79 7.60 -26.47
C TYR A 15 -12.85 8.14 -25.52
N ILE A 16 -13.03 7.40 -24.42
CA ILE A 16 -14.04 7.73 -23.41
C ILE A 16 -13.39 7.92 -22.04
N THR A 17 -13.91 8.87 -21.27
CA THR A 17 -13.37 9.18 -19.94
C THR A 17 -14.47 9.35 -18.91
N THR A 18 -14.11 9.16 -17.64
CA THR A 18 -14.98 9.55 -16.54
C THR A 18 -14.34 10.75 -15.84
N ALA A 19 -15.14 11.46 -15.06
CA ALA A 19 -14.62 12.47 -14.14
C ALA A 19 -13.76 11.77 -13.10
N ILE A 20 -12.68 12.43 -12.68
CA ILE A 20 -11.78 11.87 -11.68
C ILE A 20 -12.12 12.44 -10.29
N ALA A 21 -12.57 11.57 -9.39
CA ALA A 21 -13.10 11.99 -8.09
C ALA A 21 -12.03 12.43 -7.10
N TYR A 22 -12.38 13.37 -6.22
CA TYR A 22 -11.58 13.66 -5.05
C TYR A 22 -11.72 12.48 -4.09
N PRO A 23 -10.59 11.83 -3.74
CA PRO A 23 -10.66 10.74 -2.79
C PRO A 23 -10.55 11.25 -1.35
N ASN A 24 -11.47 12.12 -0.96
CA ASN A 24 -11.50 12.70 0.38
C ASN A 24 -12.19 11.79 1.38
N GLY A 25 -13.01 10.88 0.88
CA GLY A 25 -13.70 9.90 1.71
C GLY A 25 -13.87 8.57 1.00
N VAL A 26 -14.84 7.79 1.46
CA VAL A 26 -15.15 6.50 0.84
C VAL A 26 -15.96 6.72 -0.45
N PRO A 27 -15.79 5.83 -1.45
CA PRO A 27 -16.63 5.91 -2.64
C PRO A 27 -18.06 5.52 -2.32
N HIS A 28 -19.02 6.17 -2.99
CA HIS A 28 -20.43 5.87 -2.78
C HIS A 28 -21.17 5.58 -4.09
N ILE A 29 -22.48 5.34 -3.97
CA ILE A 29 -23.32 4.91 -5.10
C ILE A 29 -23.26 5.83 -6.33
N GLY A 30 -23.07 7.13 -6.09
CA GLY A 30 -22.93 8.11 -7.17
C GLY A 30 -21.72 7.87 -8.05
N HIS A 31 -20.59 7.55 -7.41
CA HIS A 31 -19.37 7.20 -8.13
C HIS A 31 -19.56 5.92 -8.94
N ALA A 32 -20.10 4.89 -8.28
CA ALA A 32 -20.39 3.59 -8.91
C ALA A 32 -21.32 3.75 -10.11
N TYR A 33 -22.31 4.64 -9.98
CA TYR A 33 -23.26 4.94 -11.05
C TYR A 33 -22.56 5.42 -12.32
N GLU A 34 -21.65 6.36 -12.17
CA GLU A 34 -20.89 6.93 -13.29
C GLU A 34 -19.95 5.90 -13.94
N TYR A 35 -19.27 5.11 -13.10
CA TYR A 35 -18.29 4.14 -13.59
C TYR A 35 -18.94 3.03 -14.41
N ILE A 36 -20.05 2.51 -13.92
CA ILE A 36 -20.79 1.43 -14.59
C ILE A 36 -21.40 1.91 -15.91
N ALA A 37 -22.00 3.10 -15.88
CA ALA A 37 -22.58 3.72 -17.07
C ALA A 37 -21.56 3.90 -18.19
N THR A 38 -20.38 4.41 -17.83
CA THR A 38 -19.29 4.60 -18.77
C THR A 38 -18.73 3.27 -19.26
N ASP A 39 -18.59 2.31 -18.34
CA ASP A 39 -18.11 0.97 -18.67
C ASP A 39 -18.99 0.30 -19.72
N ALA A 40 -20.31 0.47 -19.58
CA ALA A 40 -21.29 -0.10 -20.51
C ALA A 40 -21.10 0.44 -21.93
N ILE A 41 -20.81 1.72 -22.06
CA ILE A 41 -20.55 2.34 -23.37
C ILE A 41 -19.22 1.86 -23.95
N ALA A 42 -18.18 1.86 -23.12
CA ALA A 42 -16.85 1.39 -23.51
C ALA A 42 -16.87 -0.06 -23.99
N ARG A 43 -17.60 -0.91 -23.25
CA ARG A 43 -17.77 -2.32 -23.60
C ARG A 43 -18.57 -2.49 -24.89
N PHE A 44 -19.64 -1.70 -25.03
CA PHE A 44 -20.48 -1.74 -26.23
C PHE A 44 -19.65 -1.45 -27.47
N LYS A 45 -18.82 -0.41 -27.40
CA LYS A 45 -18.00 0.02 -28.53
C LYS A 45 -16.94 -1.02 -28.90
N ARG A 46 -16.39 -1.71 -27.90
CA ARG A 46 -15.46 -2.81 -28.15
C ARG A 46 -16.14 -3.95 -28.91
N LEU A 47 -17.34 -4.31 -28.47
CA LEU A 47 -18.13 -5.37 -29.09
C LEU A 47 -18.69 -4.97 -30.46
N ASP A 48 -18.71 -3.65 -30.72
CA ASP A 48 -19.21 -3.12 -31.99
C ASP A 48 -18.08 -2.84 -32.99
N GLY A 49 -16.86 -3.18 -32.59
CA GLY A 49 -15.71 -3.13 -33.51
C GLY A 49 -14.82 -1.90 -33.43
N TYR A 50 -14.93 -1.15 -32.33
CA TYR A 50 -14.14 0.06 -32.14
C TYR A 50 -12.83 -0.19 -31.39
N ASP A 51 -11.83 0.65 -31.67
CA ASP A 51 -10.57 0.66 -30.92
C ASP A 51 -10.75 1.61 -29.73
N VAL A 52 -11.02 1.03 -28.57
CA VAL A 52 -11.42 1.81 -27.40
C VAL A 52 -10.29 2.05 -26.41
N ARG A 53 -10.14 3.32 -26.02
CA ARG A 53 -9.37 3.67 -24.82
C ARG A 53 -10.31 4.27 -23.77
N TYR A 54 -10.20 3.77 -22.55
CA TYR A 54 -11.10 4.10 -21.46
C TYR A 54 -10.31 4.55 -20.24
N LEU A 55 -10.42 5.85 -19.93
CA LEU A 55 -9.70 6.43 -18.80
C LEU A 55 -10.62 6.74 -17.63
N THR A 56 -10.11 6.46 -16.42
CA THR A 56 -10.77 6.82 -15.16
C THR A 56 -9.68 7.08 -14.11
N GLY A 57 -10.08 7.54 -12.92
CA GLY A 57 -9.12 7.71 -11.83
C GLY A 57 -9.51 8.69 -10.74
N THR A 58 -8.50 9.32 -10.13
CA THR A 58 -8.69 10.21 -8.98
C THR A 58 -7.99 11.56 -9.13
N ASP A 59 -8.59 12.58 -8.51
CA ASP A 59 -8.10 13.94 -8.50
C ASP A 59 -7.60 14.24 -7.08
N VAL A 60 -6.28 14.19 -6.89
CA VAL A 60 -5.70 14.09 -5.54
C VAL A 60 -5.25 15.39 -4.85
N HIS A 61 -5.08 16.46 -5.61
CA HIS A 61 -4.63 17.74 -5.06
C HIS A 61 -5.78 18.65 -4.61
N GLY A 62 -5.44 19.84 -4.13
CA GLY A 62 -6.44 20.84 -3.74
C GLY A 62 -6.54 21.04 -2.24
N GLN A 63 -7.22 22.12 -1.84
CA GLN A 63 -7.42 22.47 -0.44
C GLN A 63 -8.31 21.46 0.29
N LYS A 64 -9.36 21.02 -0.38
CA LYS A 64 -10.31 20.05 0.19
C LYS A 64 -9.60 18.79 0.65
N MET A 65 -8.69 18.28 -0.20
CA MET A 65 -7.88 17.11 0.13
C MET A 65 -6.89 17.39 1.26
N ALA A 66 -6.24 18.55 1.19
CA ALA A 66 -5.25 18.94 2.20
C ALA A 66 -5.87 19.11 3.58
N GLU A 67 -7.09 19.67 3.63
CA GLU A 67 -7.83 19.84 4.88
C GLU A 67 -8.25 18.51 5.50
N THR A 68 -8.74 17.60 4.65
CA THR A 68 -9.14 16.26 5.09
C THR A 68 -7.95 15.52 5.70
N ALA A 69 -6.80 15.64 5.05
CA ALA A 69 -5.55 15.03 5.52
C ALA A 69 -5.12 15.59 6.87
N ALA A 70 -5.23 16.91 7.02
CA ALA A 70 -4.83 17.60 8.25
C ALA A 70 -5.72 17.21 9.44
N LYS A 71 -7.01 17.03 9.17
CA LYS A 71 -7.98 16.58 10.19
C LYS A 71 -7.66 15.18 10.69
N GLU A 72 -7.25 14.30 9.77
CA GLU A 72 -6.91 12.92 10.11
C GLU A 72 -5.53 12.77 10.73
N GLY A 73 -4.69 13.80 10.57
CA GLY A 73 -3.34 13.81 11.15
C GLY A 73 -2.31 13.06 10.32
N ILE A 74 -2.56 12.96 9.01
CA ILE A 74 -1.64 12.32 8.08
C ILE A 74 -1.29 13.26 6.93
N PRO A 75 -0.11 13.07 6.29
CA PRO A 75 0.27 13.92 5.15
C PRO A 75 -0.70 13.77 3.97
N ALA A 76 -0.84 14.84 3.19
CA ALA A 76 -1.74 14.86 2.03
C ALA A 76 -1.44 13.75 1.02
N ALA A 77 -0.16 13.51 0.76
CA ALA A 77 0.28 12.46 -0.16
C ALA A 77 -0.13 11.07 0.30
N GLU A 78 -0.12 10.87 1.62
CA GLU A 78 -0.53 9.61 2.24
C GLU A 78 -2.04 9.36 2.06
N LEU A 79 -2.85 10.38 2.38
CA LEU A 79 -4.30 10.29 2.21
C LEU A 79 -4.68 10.05 0.76
N ALA A 80 -4.00 10.77 -0.15
CA ALA A 80 -4.25 10.66 -1.58
C ALA A 80 -4.03 9.24 -2.10
N ARG A 81 -2.89 8.63 -1.72
CA ARG A 81 -2.54 7.29 -2.17
C ARG A 81 -3.47 6.23 -1.59
N ARG A 82 -3.70 6.29 -0.29
CA ARG A 82 -4.51 5.33 0.44
C ARG A 82 -5.97 5.31 -0.05
N ASN A 83 -6.58 6.48 -0.15
CA ASN A 83 -7.97 6.59 -0.57
C ASN A 83 -8.19 6.33 -2.07
N SER A 84 -7.17 6.61 -2.88
CA SER A 84 -7.22 6.29 -4.31
C SER A 84 -7.19 4.77 -4.55
N ASP A 85 -6.44 4.06 -3.70
CA ASP A 85 -6.40 2.60 -3.72
C ASP A 85 -7.80 2.00 -3.49
N VAL A 86 -8.58 2.63 -2.62
CA VAL A 86 -9.94 2.20 -2.32
C VAL A 86 -10.86 2.41 -3.53
N PHE A 87 -10.67 3.54 -4.22
CA PHE A 87 -11.43 3.85 -5.44
C PHE A 87 -11.11 2.90 -6.59
N GLN A 88 -9.82 2.55 -6.72
CA GLN A 88 -9.39 1.60 -7.74
C GLN A 88 -9.94 0.21 -7.48
N ARG A 89 -9.88 -0.23 -6.22
CA ARG A 89 -10.37 -1.54 -5.81
C ARG A 89 -11.88 -1.69 -6.02
N LEU A 90 -12.61 -0.60 -5.82
CA LEU A 90 -14.05 -0.59 -6.08
C LEU A 90 -14.34 -0.85 -7.56
N GLN A 91 -13.64 -0.14 -8.43
CA GLN A 91 -13.81 -0.28 -9.88
C GLN A 91 -13.42 -1.67 -10.37
N GLU A 92 -12.43 -2.27 -9.70
CA GLU A 92 -12.05 -3.66 -9.96
C GLU A 92 -13.14 -4.62 -9.51
N LYS A 93 -13.81 -4.31 -8.40
CA LYS A 93 -14.94 -5.10 -7.92
C LYS A 93 -16.19 -4.88 -8.77
N LEU A 94 -16.30 -3.71 -9.39
CA LEU A 94 -17.41 -3.40 -10.28
C LEU A 94 -17.19 -3.92 -11.71
N ASN A 95 -16.06 -4.60 -11.92
CA ASN A 95 -15.67 -5.14 -13.23
C ASN A 95 -15.58 -4.06 -14.31
N ILE A 96 -14.94 -2.95 -13.96
CA ILE A 96 -14.77 -1.83 -14.89
C ILE A 96 -13.56 -2.07 -15.79
N SER A 97 -13.78 -2.00 -17.09
CA SER A 97 -12.75 -2.32 -18.08
C SER A 97 -11.93 -1.09 -18.50
N PHE A 98 -11.46 -0.33 -17.53
CA PHE A 98 -10.60 0.82 -17.79
C PHE A 98 -9.23 0.37 -18.29
N ASP A 99 -8.65 1.14 -19.20
CA ASP A 99 -7.32 0.86 -19.73
C ASP A 99 -6.23 1.48 -18.85
N ARG A 100 -6.61 2.52 -18.12
CA ARG A 100 -5.72 3.16 -17.14
C ARG A 100 -6.52 3.81 -16.01
N PHE A 101 -6.09 3.55 -14.78
CA PHE A 101 -6.57 4.28 -13.62
C PHE A 101 -5.56 5.38 -13.31
N ILE A 102 -5.88 6.60 -13.75
CA ILE A 102 -4.96 7.73 -13.60
C ILE A 102 -5.11 8.42 -12.24
N ARG A 103 -4.00 8.93 -11.72
CA ARG A 103 -3.99 9.73 -10.50
C ARG A 103 -3.18 10.98 -10.81
N THR A 104 -3.66 12.14 -10.33
CA THR A 104 -3.00 13.41 -10.65
C THR A 104 -1.64 13.57 -9.96
N SER A 105 -1.28 12.57 -9.15
CA SER A 105 0.04 12.49 -8.52
C SER A 105 1.07 11.80 -9.43
N ASP A 106 0.61 11.25 -10.56
CA ASP A 106 1.49 10.55 -11.51
C ASP A 106 2.53 11.48 -12.13
N ALA A 107 3.74 10.95 -12.31
CA ALA A 107 4.86 11.71 -12.86
C ALA A 107 4.58 12.30 -14.24
N ASP A 108 3.95 11.51 -15.11
CA ASP A 108 3.62 11.95 -16.47
C ASP A 108 2.52 13.03 -16.48
N HIS A 109 1.67 13.00 -15.44
CA HIS A 109 0.64 14.03 -15.30
C HIS A 109 1.22 15.39 -14.88
N TYR A 110 2.27 15.36 -14.08
CA TYR A 110 3.01 16.58 -13.72
C TYR A 110 3.60 17.26 -14.96
N GLU A 111 4.22 16.45 -15.82
CA GLU A 111 4.81 16.94 -17.07
C GLU A 111 3.76 17.47 -18.04
N ALA A 112 2.63 16.77 -18.11
CA ALA A 112 1.51 17.18 -18.96
C ALA A 112 0.92 18.51 -18.49
N SER A 113 0.70 18.63 -17.17
CA SER A 113 0.16 19.85 -16.58
C SER A 113 1.06 21.06 -16.83
N LYS A 114 2.36 20.87 -16.66
CA LYS A 114 3.35 21.92 -16.91
C LYS A 114 3.39 22.33 -18.38
N ALA A 115 3.15 21.36 -19.27
CA ALA A 115 3.19 21.60 -20.71
C ALA A 115 1.99 22.38 -21.24
N ILE A 116 0.79 22.07 -20.75
CA ILE A 116 -0.41 22.80 -21.17
C ILE A 116 -0.42 24.22 -20.60
N TRP A 117 0.16 24.39 -19.41
CA TRP A 117 0.34 25.71 -18.82
C TRP A 117 1.27 26.55 -19.69
N LYS A 118 2.33 25.93 -20.19
CA LYS A 118 3.31 26.58 -21.06
C LYS A 118 2.68 27.01 -22.38
N ARG A 119 1.88 26.13 -22.98
CA ARG A 119 1.15 26.44 -24.22
C ARG A 119 0.26 27.66 -24.06
N MET A 120 -0.50 27.70 -22.98
CA MET A 120 -1.43 28.79 -22.70
C MET A 120 -0.70 30.10 -22.38
N ALA A 121 0.43 30.00 -21.70
CA ALA A 121 1.27 31.16 -21.40
C ALA A 121 1.93 31.72 -22.65
N ASP A 122 2.44 30.83 -23.51
CA ASP A 122 3.05 31.21 -24.77
C ASP A 122 2.05 31.84 -25.74
N ALA A 123 0.78 31.44 -25.60
CA ALA A 123 -0.31 32.03 -26.38
C ALA A 123 -0.69 33.44 -25.90
N GLY A 124 -0.22 33.80 -24.70
CA GLY A 124 -0.47 35.12 -24.13
C GLY A 124 -1.76 35.21 -23.34
N ASP A 125 -2.22 34.06 -22.84
CA ASP A 125 -3.50 33.99 -22.11
C ASP A 125 -3.34 33.84 -20.59
N ILE A 126 -2.11 33.98 -20.10
CA ILE A 126 -1.84 33.92 -18.68
C ILE A 126 -1.12 35.18 -18.20
N TYR A 127 -1.69 35.83 -17.19
CA TYR A 127 -1.11 37.05 -16.63
C TYR A 127 -1.23 37.12 -15.10
N LEU A 128 -0.35 37.89 -14.47
CA LEU A 128 -0.33 38.04 -13.02
C LEU A 128 -1.08 39.29 -12.57
N ASP A 129 -2.03 39.11 -11.66
CA ASP A 129 -2.83 40.21 -11.11
C ASP A 129 -3.36 39.86 -9.73
N ALA A 130 -3.91 40.86 -9.03
CA ALA A 130 -4.44 40.69 -7.70
C ALA A 130 -5.86 40.11 -7.74
N TYR A 131 -6.08 39.02 -7.01
CA TYR A 131 -7.40 38.42 -6.89
C TYR A 131 -8.02 38.68 -5.51
N LYS A 132 -9.29 39.07 -5.52
CA LYS A 132 -10.09 39.21 -4.31
C LYS A 132 -11.45 38.56 -4.55
N GLY A 133 -11.84 37.66 -3.65
CA GLY A 133 -13.12 36.97 -3.80
C GLY A 133 -13.36 35.86 -2.80
N TRP A 134 -14.51 35.19 -2.96
CA TRP A 134 -14.94 34.13 -2.07
C TRP A 134 -14.66 32.76 -2.68
N TYR A 135 -14.06 31.87 -1.88
CA TYR A 135 -13.72 30.54 -2.35
C TYR A 135 -14.44 29.45 -1.57
N SER A 136 -15.08 28.54 -2.30
CA SER A 136 -15.71 27.37 -1.72
C SER A 136 -14.75 26.19 -1.81
N ILE A 137 -14.22 25.78 -0.66
CA ILE A 137 -13.27 24.66 -0.58
C ILE A 137 -13.95 23.33 -0.92
N ARG A 138 -15.19 23.17 -0.45
CA ARG A 138 -16.00 21.98 -0.73
C ARG A 138 -16.21 21.77 -2.23
N ASP A 139 -16.43 22.87 -2.94
CA ASP A 139 -16.68 22.84 -4.39
C ASP A 139 -15.40 23.04 -5.22
N GLU A 140 -14.33 23.49 -4.55
CA GLU A 140 -13.09 23.91 -5.21
C GLU A 140 -13.41 24.93 -6.32
N ARG A 141 -14.12 25.99 -5.93
CA ARG A 141 -14.76 26.89 -6.88
C ARG A 141 -14.77 28.34 -6.39
N PHE A 142 -14.60 29.27 -7.33
CA PHE A 142 -14.64 30.70 -7.03
C PHE A 142 -16.07 31.24 -7.12
N PHE A 143 -16.40 32.16 -6.21
CA PHE A 143 -17.69 32.85 -6.22
C PHE A 143 -17.51 34.35 -5.99
N THR A 144 -18.26 35.16 -6.73
CA THR A 144 -18.24 36.61 -6.58
C THR A 144 -19.05 37.03 -5.34
N GLU A 145 -18.87 38.30 -4.94
CA GLU A 145 -19.59 38.89 -3.82
C GLU A 145 -21.11 38.73 -3.94
N ASN A 146 -21.62 38.96 -5.14
CA ASN A 146 -23.06 38.83 -5.43
C ASN A 146 -23.56 37.39 -5.53
N GLU A 147 -22.62 36.44 -5.65
CA GLU A 147 -22.95 35.02 -5.70
C GLU A 147 -23.01 34.40 -4.30
N THR A 148 -22.78 35.22 -3.27
CA THR A 148 -22.81 34.75 -1.89
C THR A 148 -23.98 35.33 -1.10
N THR A 149 -24.35 34.66 -0.02
CA THR A 149 -25.42 35.11 0.87
C THR A 149 -24.91 35.24 2.30
N GLU A 150 -25.10 36.42 2.89
CA GLU A 150 -24.76 36.66 4.28
C GLU A 150 -25.86 36.08 5.18
N GLN A 151 -25.53 34.98 5.84
CA GLN A 151 -26.47 34.26 6.70
C GLN A 151 -26.78 35.07 7.98
N PRO A 152 -27.99 34.88 8.54
CA PRO A 152 -28.40 35.58 9.77
C PRO A 152 -27.45 35.39 10.95
N ASP A 153 -26.67 34.30 10.94
CA ASP A 153 -25.70 34.03 12.00
C ASP A 153 -24.32 34.64 11.74
N GLY A 154 -24.18 35.36 10.62
CA GLY A 154 -22.94 36.05 10.29
C GLY A 154 -22.05 35.36 9.28
N THR A 155 -22.24 34.06 9.10
CA THR A 155 -21.45 33.27 8.15
C THR A 155 -21.80 33.61 6.70
N ARG A 156 -20.85 33.37 5.80
CA ARG A 156 -21.06 33.58 4.38
C ARG A 156 -21.04 32.23 3.65
N ILE A 157 -22.08 31.98 2.86
CA ILE A 157 -22.16 30.76 2.05
C ILE A 157 -22.32 31.09 0.57
N ALA A 158 -21.94 30.14 -0.29
CA ALA A 158 -22.19 30.25 -1.72
C ALA A 158 -23.66 29.92 -1.97
N THR A 159 -24.37 30.85 -2.61
CA THR A 159 -25.82 30.75 -2.80
C THR A 159 -26.24 29.48 -3.54
N GLU A 160 -25.53 29.17 -4.63
CA GLU A 160 -25.86 28.04 -5.51
C GLU A 160 -25.75 26.67 -4.83
N THR A 161 -24.67 26.46 -4.06
CA THR A 161 -24.38 25.15 -3.49
C THR A 161 -24.69 25.04 -1.99
N GLY A 162 -24.68 26.18 -1.29
CA GLY A 162 -24.92 26.22 0.15
C GLY A 162 -23.67 25.99 0.98
N ALA A 163 -22.53 25.83 0.30
CA ALA A 163 -21.26 25.56 0.95
C ALA A 163 -20.63 26.83 1.51
N PRO A 164 -19.93 26.72 2.67
CA PRO A 164 -19.25 27.86 3.26
C PRO A 164 -18.12 28.41 2.38
N VAL A 165 -18.03 29.73 2.29
CA VAL A 165 -16.97 30.38 1.51
C VAL A 165 -16.01 31.16 2.39
N THR A 166 -14.73 31.12 2.01
CA THR A 166 -13.67 31.81 2.71
C THR A 166 -13.22 33.02 1.89
N TRP A 167 -13.04 34.15 2.57
CA TRP A 167 -12.53 35.36 1.92
C TRP A 167 -11.06 35.16 1.55
N THR A 168 -10.73 35.48 0.30
CA THR A 168 -9.40 35.23 -0.25
C THR A 168 -8.83 36.48 -0.92
N GLU A 169 -7.60 36.82 -0.53
CA GLU A 169 -6.86 37.91 -1.16
C GLU A 169 -5.45 37.45 -1.49
N GLU A 170 -5.22 37.17 -2.77
CA GLU A 170 -3.94 36.62 -3.25
C GLU A 170 -3.56 37.19 -4.60
N GLN A 171 -2.26 37.33 -4.82
CA GLN A 171 -1.72 37.69 -6.13
C GLN A 171 -1.58 36.40 -6.94
N THR A 172 -2.52 36.16 -7.85
CA THR A 172 -2.58 34.90 -8.60
C THR A 172 -2.45 35.10 -10.10
N TYR A 173 -2.18 34.00 -10.81
CA TYR A 173 -2.20 34.01 -12.27
C TYR A 173 -3.63 33.84 -12.77
N PHE A 174 -3.93 34.49 -13.89
CA PHE A 174 -5.26 34.45 -14.47
C PHE A 174 -5.25 33.89 -15.89
N PHE A 175 -6.28 33.10 -16.22
CA PHE A 175 -6.52 32.71 -17.60
C PHE A 175 -7.50 33.69 -18.23
N ARG A 176 -7.23 34.06 -19.47
CA ARG A 176 -8.04 35.05 -20.19
C ARG A 176 -9.35 34.48 -20.73
N LEU A 177 -10.22 34.03 -19.81
CA LEU A 177 -11.51 33.45 -20.18
C LEU A 177 -12.45 34.44 -20.87
N SER A 178 -12.35 35.72 -20.47
CA SER A 178 -13.15 36.79 -21.06
C SER A 178 -12.93 36.95 -22.56
N ALA A 179 -11.77 36.51 -23.04
CA ALA A 179 -11.41 36.61 -24.45
C ALA A 179 -11.99 35.48 -25.30
N TYR A 180 -12.62 34.49 -24.66
CA TYR A 180 -13.13 33.30 -25.36
C TYR A 180 -14.65 33.16 -25.38
N THR A 181 -15.35 34.11 -24.75
CA THR A 181 -16.81 34.07 -24.62
C THR A 181 -17.54 33.79 -25.95
N ASP A 182 -17.28 34.62 -26.96
CA ASP A 182 -17.98 34.51 -28.24
C ASP A 182 -17.56 33.28 -29.06
N ARG A 183 -16.30 32.87 -28.90
CA ARG A 183 -15.81 31.66 -29.54
C ARG A 183 -16.47 30.42 -28.95
N LEU A 184 -16.73 30.45 -27.63
CA LEU A 184 -17.42 29.37 -26.95
C LEU A 184 -18.90 29.30 -27.36
N LEU A 185 -19.53 30.47 -27.51
CA LEU A 185 -20.91 30.57 -27.97
C LEU A 185 -21.08 30.04 -29.41
N ALA A 186 -20.11 30.35 -30.26
CA ALA A 186 -20.09 29.85 -31.63
C ALA A 186 -19.97 28.33 -31.67
N LEU A 187 -19.19 27.78 -30.75
CA LEU A 187 -19.03 26.32 -30.60
C LEU A 187 -20.34 25.62 -30.27
N TYR A 188 -21.10 26.17 -29.33
CA TYR A 188 -22.39 25.59 -28.93
C TYR A 188 -23.41 25.63 -30.06
N GLU A 189 -23.37 26.71 -30.84
CA GLU A 189 -24.28 26.89 -31.97
C GLU A 189 -23.95 25.97 -33.15
N GLU A 190 -22.67 25.88 -33.47
CA GLU A 190 -22.21 25.07 -34.60
C GLU A 190 -22.16 23.57 -34.25
N HIS A 191 -21.87 23.28 -32.99
CA HIS A 191 -21.80 21.89 -32.52
C HIS A 191 -22.66 21.69 -31.27
N PRO A 192 -23.99 21.52 -31.45
CA PRO A 192 -24.89 21.32 -30.32
C PRO A 192 -24.65 20.01 -29.58
N GLU A 193 -24.00 19.06 -30.26
CA GLU A 193 -23.70 17.74 -29.68
C GLU A 193 -22.58 17.81 -28.64
N PHE A 194 -21.89 18.95 -28.57
CA PHE A 194 -20.81 19.19 -27.62
C PHE A 194 -21.26 19.04 -26.16
N ILE A 195 -22.51 19.39 -25.90
CA ILE A 195 -23.10 19.28 -24.56
C ILE A 195 -24.40 18.49 -24.59
N GLY A 196 -24.49 17.48 -23.72
CA GLY A 196 -25.71 16.67 -23.60
C GLY A 196 -26.06 16.41 -22.15
N PRO A 197 -27.36 16.22 -21.84
CA PRO A 197 -28.49 16.34 -22.76
C PRO A 197 -28.83 17.80 -23.10
N ASP A 198 -29.84 17.99 -23.96
CA ASP A 198 -30.21 19.31 -24.48
C ASP A 198 -30.43 20.38 -23.42
N ALA A 199 -31.14 20.02 -22.34
CA ALA A 199 -31.44 20.95 -21.26
C ALA A 199 -30.19 21.54 -20.60
N ARG A 200 -29.14 20.72 -20.50
CA ARG A 200 -27.86 21.16 -19.95
C ARG A 200 -27.18 22.18 -20.86
N ARG A 201 -27.26 21.96 -22.17
CA ARG A 201 -26.69 22.90 -23.15
C ARG A 201 -27.35 24.27 -23.09
N ASN A 202 -28.68 24.28 -22.99
CA ASN A 202 -29.44 25.52 -22.86
C ASN A 202 -29.01 26.36 -21.64
N GLU A 203 -28.69 25.66 -20.55
CA GLU A 203 -28.20 26.30 -19.32
C GLU A 203 -26.79 26.88 -19.49
N ILE A 204 -25.93 26.17 -20.21
CA ILE A 204 -24.57 26.64 -20.49
C ILE A 204 -24.58 27.84 -21.45
N VAL A 205 -25.41 27.76 -22.48
CA VAL A 205 -25.59 28.88 -23.42
C VAL A 205 -26.06 30.13 -22.67
N SER A 206 -27.04 29.96 -21.79
CA SER A 206 -27.57 31.06 -20.97
C SER A 206 -26.53 31.66 -20.03
N PHE A 207 -25.68 30.80 -19.46
CA PHE A 207 -24.63 31.22 -18.54
C PHE A 207 -23.51 32.00 -19.24
N VAL A 208 -23.06 31.51 -20.38
CA VAL A 208 -21.99 32.15 -21.15
C VAL A 208 -22.47 33.47 -21.77
N SER A 209 -23.74 33.53 -22.17
CA SER A 209 -24.34 34.73 -22.77
C SER A 209 -24.38 35.93 -21.82
N GLY A 210 -24.23 35.67 -20.52
CA GLY A 210 -24.19 36.74 -19.52
C GLY A 210 -22.82 37.36 -19.34
N GLY A 211 -21.86 36.91 -20.14
CA GLY A 211 -20.49 37.41 -20.07
C GLY A 211 -19.62 36.60 -19.13
N LEU A 212 -18.36 36.43 -19.50
CA LEU A 212 -17.41 35.68 -18.68
C LEU A 212 -16.28 36.57 -18.18
N LYS A 213 -15.91 36.36 -16.92
CA LYS A 213 -14.77 37.04 -16.31
C LYS A 213 -13.54 36.15 -16.36
N ASP A 214 -12.36 36.75 -16.18
CA ASP A 214 -11.11 36.00 -16.16
C ASP A 214 -11.04 35.08 -14.93
N LEU A 215 -10.34 33.95 -15.10
CA LEU A 215 -10.31 32.91 -14.08
C LEU A 215 -8.95 32.81 -13.39
N SER A 216 -8.96 32.83 -12.06
CA SER A 216 -7.76 32.61 -11.26
C SER A 216 -7.32 31.16 -11.41
N ILE A 217 -6.07 30.95 -11.84
CA ILE A 217 -5.57 29.60 -12.14
C ILE A 217 -4.35 29.17 -11.31
N SER A 218 -3.99 29.97 -10.31
CA SER A 218 -2.93 29.61 -9.37
C SER A 218 -3.27 30.05 -7.95
N ARG A 219 -2.56 29.47 -6.98
CA ARG A 219 -2.74 29.79 -5.57
C ARG A 219 -1.38 29.86 -4.86
N THR A 220 -1.29 30.67 -3.81
CA THR A 220 -0.03 30.91 -3.10
C THR A 220 -0.01 30.46 -1.64
N THR A 221 -1.20 30.15 -1.10
CA THR A 221 -1.33 29.92 0.35
C THR A 221 -1.20 28.46 0.80
N PHE A 222 -1.01 27.55 -0.16
CA PHE A 222 -0.79 26.13 0.14
C PHE A 222 0.07 25.48 -0.95
N ASP A 223 0.66 24.33 -0.64
CA ASP A 223 1.59 23.67 -1.58
C ASP A 223 1.10 22.33 -2.14
N TRP A 224 -0.09 21.89 -1.70
CA TRP A 224 -0.64 20.62 -2.19
C TRP A 224 -1.25 20.79 -3.59
N GLY A 225 -0.38 20.72 -4.59
CA GLY A 225 -0.77 20.85 -5.99
C GLY A 225 0.44 20.87 -6.91
N VAL A 226 0.18 21.00 -8.20
CA VAL A 226 1.25 21.05 -9.21
C VAL A 226 1.89 22.44 -9.23
N PRO A 227 3.22 22.52 -9.00
CA PRO A 227 3.91 23.81 -9.05
C PRO A 227 3.85 24.44 -10.44
N VAL A 228 3.64 25.75 -10.47
CA VAL A 228 3.64 26.51 -11.71
C VAL A 228 5.09 26.64 -12.21
N PRO A 229 5.34 26.24 -13.48
CA PRO A 229 6.69 26.32 -14.07
C PRO A 229 7.33 27.70 -13.90
N ASP A 230 8.55 27.70 -13.37
CA ASP A 230 9.34 28.91 -13.09
C ASP A 230 8.80 29.79 -11.95
N HIS A 231 7.72 29.34 -11.32
CA HIS A 231 7.13 30.05 -10.18
C HIS A 231 6.71 29.08 -9.07
N PRO A 232 7.70 28.55 -8.31
CA PRO A 232 7.46 27.50 -7.30
C PRO A 232 6.59 27.95 -6.12
N ASP A 233 6.48 29.26 -5.93
CA ASP A 233 5.60 29.83 -4.90
C ASP A 233 4.12 29.72 -5.26
N HIS A 234 3.84 29.40 -6.53
CA HIS A 234 2.48 29.21 -7.02
C HIS A 234 2.19 27.74 -7.30
N VAL A 235 1.01 27.28 -6.88
CA VAL A 235 0.51 25.97 -7.28
C VAL A 235 -0.67 26.14 -8.23
N MET A 236 -0.83 25.19 -9.15
CA MET A 236 -1.91 25.24 -10.12
C MET A 236 -3.26 25.03 -9.45
N TYR A 237 -4.25 25.81 -9.89
CA TYR A 237 -5.64 25.62 -9.50
C TYR A 237 -6.01 24.17 -9.80
N VAL A 238 -6.51 23.48 -8.77
CA VAL A 238 -6.77 22.04 -8.85
C VAL A 238 -7.49 21.61 -10.14
N TRP A 239 -8.37 22.47 -10.64
CA TRP A 239 -9.15 22.15 -11.84
C TRP A 239 -8.36 22.15 -13.16
N VAL A 240 -7.42 23.08 -13.30
CA VAL A 240 -6.54 23.12 -14.47
C VAL A 240 -5.71 21.84 -14.51
N ASP A 241 -5.17 21.48 -13.35
CA ASP A 241 -4.45 20.22 -13.12
C ASP A 241 -5.36 19.01 -13.41
N ALA A 242 -6.56 19.01 -12.84
CA ALA A 242 -7.51 17.91 -12.98
C ALA A 242 -7.97 17.67 -14.42
N LEU A 243 -8.33 18.74 -15.12
CA LEU A 243 -8.82 18.67 -16.50
C LEU A 243 -7.79 18.09 -17.47
N THR A 244 -6.52 18.32 -17.19
CA THR A 244 -5.41 17.88 -18.03
C THR A 244 -5.23 16.35 -18.03
N ASN A 245 -5.85 15.66 -17.07
CA ASN A 245 -5.77 14.20 -16.98
C ASN A 245 -6.25 13.50 -18.26
N TYR A 246 -7.24 14.10 -18.92
CA TYR A 246 -7.79 13.57 -20.16
C TYR A 246 -6.75 13.56 -21.29
N LEU A 247 -5.79 14.47 -21.20
CA LEU A 247 -4.69 14.53 -22.15
C LEU A 247 -3.55 13.59 -21.77
N THR A 248 -3.24 13.55 -20.47
CA THR A 248 -2.20 12.66 -19.93
C THR A 248 -2.47 11.20 -20.29
N GLY A 249 -3.73 10.78 -20.14
CA GLY A 249 -4.14 9.41 -20.41
C GLY A 249 -3.95 8.92 -21.83
N VAL A 250 -3.62 9.84 -22.75
CA VAL A 250 -3.33 9.47 -24.14
C VAL A 250 -1.92 9.88 -24.61
N GLY A 251 -1.06 10.28 -23.67
CA GLY A 251 0.36 10.49 -23.98
C GLY A 251 0.88 11.90 -24.01
N PHE A 252 0.01 12.89 -23.81
CA PHE A 252 0.42 14.30 -23.71
C PHE A 252 1.48 14.45 -22.61
N PRO A 253 2.53 15.25 -22.84
CA PRO A 253 2.78 16.22 -23.92
C PRO A 253 3.45 15.68 -25.19
N ASP A 254 3.51 14.36 -25.35
CA ASP A 254 4.03 13.76 -26.57
C ASP A 254 2.91 13.68 -27.62
N THR A 255 2.70 14.78 -28.33
CA THR A 255 1.63 14.89 -29.33
C THR A 255 1.92 14.08 -30.59
N GLU A 256 3.18 13.72 -30.79
CA GLU A 256 3.61 12.89 -31.92
C GLU A 256 3.50 11.39 -31.68
N SER A 257 3.19 11.01 -30.44
CA SER A 257 3.00 9.59 -30.08
C SER A 257 1.74 9.03 -30.75
N GLU A 258 1.74 7.72 -30.98
CA GLU A 258 0.63 7.06 -31.68
C GLU A 258 -0.65 7.02 -30.85
N SER A 259 -0.52 7.00 -29.53
CA SER A 259 -1.66 7.05 -28.62
C SER A 259 -2.41 8.38 -28.71
N PHE A 260 -1.66 9.48 -28.78
CA PHE A 260 -2.25 10.82 -28.89
C PHE A 260 -2.83 11.07 -30.28
N ARG A 261 -2.15 10.55 -31.30
CA ARG A 261 -2.56 10.72 -32.69
C ARG A 261 -3.92 10.12 -33.00
N ARG A 262 -4.21 8.94 -32.45
CA ARG A 262 -5.44 8.22 -32.78
C ARG A 262 -6.61 8.48 -31.81
N TYR A 263 -6.30 8.69 -30.53
CA TYR A 263 -7.35 8.81 -29.50
C TYR A 263 -7.83 10.23 -29.23
N TRP A 264 -6.91 11.18 -29.14
CA TRP A 264 -7.30 12.59 -28.99
C TRP A 264 -7.75 13.17 -30.33
N PRO A 265 -8.87 13.90 -30.35
CA PRO A 265 -9.71 14.31 -29.21
C PRO A 265 -10.69 13.26 -28.70
N ALA A 266 -10.98 13.32 -27.41
CA ALA A 266 -11.93 12.42 -26.76
C ALA A 266 -13.30 12.48 -27.42
N ASP A 267 -13.92 11.32 -27.59
CA ASP A 267 -15.25 11.24 -28.18
C ASP A 267 -16.33 11.60 -27.15
N LEU A 268 -16.10 11.21 -25.90
CA LEU A 268 -17.08 11.42 -24.84
C LEU A 268 -16.45 11.60 -23.46
N HIS A 269 -16.75 12.74 -22.84
CA HIS A 269 -16.46 12.94 -21.42
C HIS A 269 -17.72 12.64 -20.63
N MET A 270 -17.64 11.65 -19.74
CA MET A 270 -18.77 11.30 -18.88
C MET A 270 -18.59 11.99 -17.53
N ILE A 271 -19.52 12.88 -17.20
CA ILE A 271 -19.48 13.65 -15.95
C ILE A 271 -20.88 13.79 -15.35
N GLY A 272 -20.92 14.19 -14.08
CA GLY A 272 -22.18 14.58 -13.45
C GLY A 272 -22.48 16.04 -13.75
N LYS A 273 -23.71 16.46 -13.46
CA LYS A 273 -24.15 17.82 -13.80
C LYS A 273 -23.62 18.92 -12.87
N ASP A 274 -23.02 18.52 -11.74
CA ASP A 274 -22.46 19.48 -10.78
C ASP A 274 -21.12 20.07 -11.23
N ILE A 275 -20.49 19.45 -12.23
CA ILE A 275 -19.18 19.89 -12.72
C ILE A 275 -19.19 20.20 -14.21
N ILE A 276 -20.36 20.56 -14.73
CA ILE A 276 -20.56 20.78 -16.17
C ILE A 276 -19.82 22.01 -16.71
N ARG A 277 -19.81 23.10 -15.93
CA ARG A 277 -19.19 24.36 -16.36
C ARG A 277 -17.68 24.23 -16.54
N PHE A 278 -17.05 23.43 -15.69
CA PHE A 278 -15.62 23.15 -15.80
C PHE A 278 -15.27 22.47 -17.12
N HIS A 279 -16.15 21.56 -17.56
CA HIS A 279 -15.92 20.75 -18.75
C HIS A 279 -16.40 21.40 -20.05
N THR A 280 -17.38 22.29 -19.95
CA THR A 280 -18.01 22.87 -21.14
C THR A 280 -17.69 24.35 -21.36
N VAL A 281 -17.12 25.00 -20.35
CA VAL A 281 -16.73 26.41 -20.46
C VAL A 281 -15.21 26.60 -20.35
N TYR A 282 -14.65 26.22 -19.20
CA TYR A 282 -13.22 26.38 -18.95
C TYR A 282 -12.36 25.46 -19.83
N TRP A 283 -12.74 24.18 -19.86
CA TRP A 283 -11.99 23.14 -20.58
C TRP A 283 -11.78 23.42 -22.08
N PRO A 284 -12.87 23.71 -22.83
CA PRO A 284 -12.68 24.04 -24.24
C PRO A 284 -11.88 25.33 -24.47
N ALA A 285 -12.04 26.30 -23.58
CA ALA A 285 -11.27 27.54 -23.63
C ALA A 285 -9.77 27.30 -23.40
N PHE A 286 -9.45 26.42 -22.46
CA PHE A 286 -8.07 26.02 -22.20
C PHE A 286 -7.42 25.38 -23.43
N LEU A 287 -8.17 24.52 -24.11
CA LEU A 287 -7.69 23.80 -25.28
C LEU A 287 -7.56 24.70 -26.51
N MET A 288 -8.47 25.66 -26.64
CA MET A 288 -8.39 26.68 -27.69
C MET A 288 -7.10 27.48 -27.54
N SER A 289 -6.80 27.87 -26.30
CA SER A 289 -5.58 28.59 -25.98
C SER A 289 -4.33 27.76 -26.23
N ALA A 290 -4.40 26.48 -25.89
CA ALA A 290 -3.28 25.56 -26.06
C ALA A 290 -3.09 25.12 -27.53
N GLY A 291 -4.10 25.37 -28.36
CA GLY A 291 -4.06 24.99 -29.76
C GLY A 291 -4.33 23.51 -29.97
N LEU A 292 -5.21 22.95 -29.16
CA LEU A 292 -5.54 21.53 -29.22
C LEU A 292 -7.00 21.31 -29.63
N PRO A 293 -7.26 20.26 -30.42
CA PRO A 293 -8.64 19.93 -30.83
C PRO A 293 -9.54 19.63 -29.63
N LEU A 294 -10.82 19.96 -29.77
CA LEU A 294 -11.78 19.86 -28.68
C LEU A 294 -12.46 18.49 -28.65
N PRO A 295 -12.86 18.03 -27.44
CA PRO A 295 -13.64 16.80 -27.33
C PRO A 295 -14.95 16.90 -28.10
N LYS A 296 -15.44 15.77 -28.59
CA LYS A 296 -16.64 15.75 -29.44
C LYS A 296 -17.93 15.96 -28.65
N ARG A 297 -17.96 15.44 -27.42
CA ARG A 297 -19.18 15.43 -26.62
C ARG A 297 -18.91 15.35 -25.12
N ILE A 298 -19.63 16.17 -24.37
CA ILE A 298 -19.67 16.07 -22.91
C ILE A 298 -21.11 15.74 -22.51
N PHE A 299 -21.30 14.61 -21.84
CA PHE A 299 -22.61 14.25 -21.33
C PHE A 299 -22.67 14.28 -19.82
N ALA A 300 -23.62 15.06 -19.30
CA ALA A 300 -23.82 15.19 -17.86
C ALA A 300 -24.99 14.32 -17.40
N HIS A 301 -24.67 13.30 -16.61
CA HIS A 301 -25.69 12.43 -16.03
C HIS A 301 -26.31 13.06 -14.78
N GLY A 302 -27.46 12.56 -14.37
CA GLY A 302 -28.16 13.08 -13.21
C GLY A 302 -27.62 12.58 -11.89
N TRP A 303 -28.19 13.08 -10.81
CA TRP A 303 -27.79 12.74 -9.45
C TRP A 303 -28.64 11.57 -8.96
N LEU A 304 -27.98 10.57 -8.39
CA LEU A 304 -28.68 9.42 -7.80
C LEU A 304 -28.59 9.48 -6.28
N LEU A 305 -29.73 9.38 -5.62
CA LEU A 305 -29.81 9.51 -4.17
C LEU A 305 -30.67 8.43 -3.53
N ASN A 306 -30.33 8.08 -2.29
CA ASN A 306 -31.06 7.08 -1.52
C ASN A 306 -32.30 7.66 -0.84
N ARG A 307 -33.42 6.95 -0.97
CA ARG A 307 -34.65 7.29 -0.25
C ARG A 307 -34.66 6.60 1.11
N GLY A 308 -35.08 7.32 2.14
CA GLY A 308 -35.14 6.76 3.49
C GLY A 308 -33.80 6.72 4.17
N GLU A 309 -33.69 5.86 5.20
CA GLU A 309 -32.49 5.79 6.04
C GLU A 309 -31.28 5.20 5.32
N LYS A 310 -30.11 5.71 5.67
CA LYS A 310 -28.83 5.25 5.13
C LYS A 310 -28.56 3.81 5.55
N MET A 311 -28.82 3.50 6.81
CA MET A 311 -28.63 2.15 7.35
C MET A 311 -29.93 1.36 7.34
N SER A 312 -29.87 0.16 6.79
CA SER A 312 -31.01 -0.76 6.75
C SER A 312 -30.82 -1.89 7.75
N LYS A 313 -31.91 -2.28 8.42
CA LYS A 313 -31.89 -3.34 9.41
C LYS A 313 -31.55 -4.71 8.81
N SER A 314 -31.86 -4.88 7.53
CA SER A 314 -31.66 -6.16 6.84
C SER A 314 -30.36 -6.25 6.03
N ILE A 315 -30.05 -5.18 5.29
CA ILE A 315 -28.89 -5.21 4.37
C ILE A 315 -27.70 -4.33 4.79
N GLY A 316 -27.96 -3.34 5.64
CA GLY A 316 -26.91 -2.43 6.11
C GLY A 316 -26.83 -1.15 5.32
N ASN A 317 -25.62 -0.73 4.98
CA ASN A 317 -25.38 0.53 4.27
C ASN A 317 -25.86 0.49 2.82
N VAL A 318 -26.90 1.28 2.54
CA VAL A 318 -27.58 1.28 1.24
C VAL A 318 -26.86 2.16 0.21
N VAL A 319 -26.04 3.09 0.67
CA VAL A 319 -25.28 3.97 -0.25
C VAL A 319 -23.89 3.41 -0.58
N ASP A 320 -23.51 2.34 0.11
CA ASP A 320 -22.23 1.68 -0.12
C ASP A 320 -22.33 0.68 -1.28
N PRO A 321 -21.65 0.98 -2.41
CA PRO A 321 -21.70 0.13 -3.59
C PRO A 321 -21.14 -1.28 -3.35
N VAL A 322 -20.12 -1.38 -2.51
CA VAL A 322 -19.52 -2.66 -2.13
C VAL A 322 -20.55 -3.55 -1.45
N ASN A 323 -21.31 -2.98 -0.51
CA ASN A 323 -22.36 -3.70 0.21
C ASN A 323 -23.50 -4.15 -0.69
N LEU A 324 -23.89 -3.29 -1.63
CA LEU A 324 -24.97 -3.61 -2.58
C LEU A 324 -24.60 -4.76 -3.51
N VAL A 325 -23.36 -4.77 -3.97
CA VAL A 325 -22.83 -5.85 -4.82
C VAL A 325 -22.79 -7.18 -4.06
N ASP A 326 -22.30 -7.15 -2.83
CA ASP A 326 -22.25 -8.35 -1.98
C ASP A 326 -23.63 -8.90 -1.65
N THR A 327 -24.61 -8.00 -1.50
CA THR A 327 -25.97 -8.37 -1.14
C THR A 327 -26.75 -8.92 -2.34
N PHE A 328 -26.74 -8.19 -3.45
CA PHE A 328 -27.58 -8.52 -4.61
C PHE A 328 -26.85 -9.23 -5.76
N GLY A 329 -25.54 -9.01 -5.85
CA GLY A 329 -24.75 -9.50 -6.99
C GLY A 329 -24.38 -8.33 -7.89
N LEU A 330 -23.18 -8.40 -8.47
CA LEU A 330 -22.65 -7.30 -9.29
C LEU A 330 -23.55 -6.94 -10.48
N ASP A 331 -23.89 -7.94 -11.28
CA ASP A 331 -24.68 -7.72 -12.49
C ASP A 331 -26.11 -7.26 -12.20
N GLN A 332 -26.60 -7.61 -11.01
CA GLN A 332 -27.89 -7.13 -10.51
C GLN A 332 -27.86 -5.63 -10.24
N VAL A 333 -26.79 -5.17 -9.60
CA VAL A 333 -26.59 -3.75 -9.30
C VAL A 333 -26.36 -2.96 -10.59
N ARG A 334 -25.50 -3.47 -11.46
CA ARG A 334 -25.19 -2.85 -12.76
C ARG A 334 -26.45 -2.63 -13.58
N TYR A 335 -27.28 -3.67 -13.69
CA TYR A 335 -28.55 -3.57 -14.42
C TYR A 335 -29.51 -2.57 -13.79
N PHE A 336 -29.67 -2.62 -12.47
CA PHE A 336 -30.59 -1.75 -11.75
C PHE A 336 -30.29 -0.26 -12.00
N LEU A 337 -29.03 0.12 -11.84
CA LEU A 337 -28.61 1.51 -11.98
C LEU A 337 -28.89 2.06 -13.38
N LEU A 338 -28.72 1.22 -14.38
CA LEU A 338 -28.88 1.63 -15.78
C LEU A 338 -30.31 1.49 -16.30
N ARG A 339 -31.17 0.84 -15.52
CA ARG A 339 -32.58 0.64 -15.90
C ARG A 339 -33.53 1.56 -15.13
N GLU A 340 -33.26 1.77 -13.85
CA GLU A 340 -34.16 2.49 -12.95
C GLU A 340 -34.35 3.96 -13.29
N VAL A 341 -33.24 4.63 -13.62
CA VAL A 341 -33.26 6.07 -13.89
C VAL A 341 -32.99 6.35 -15.37
N PRO A 342 -33.87 7.15 -16.00
CA PRO A 342 -33.56 7.62 -17.36
C PRO A 342 -32.27 8.41 -17.34
N PHE A 343 -31.28 7.96 -18.13
CA PHE A 343 -29.93 8.50 -18.07
C PHE A 343 -29.88 9.97 -18.48
N GLY A 344 -29.30 10.79 -17.61
CA GLY A 344 -29.30 12.24 -17.80
C GLY A 344 -30.17 12.94 -16.77
N GLN A 345 -31.18 12.22 -16.26
CA GLN A 345 -32.11 12.77 -15.28
C GLN A 345 -31.71 12.42 -13.86
N ASP A 346 -32.17 13.22 -12.90
CA ASP A 346 -32.01 12.92 -11.48
C ASP A 346 -32.92 11.74 -11.11
N GLY A 347 -32.48 10.94 -10.15
CA GLY A 347 -33.26 9.78 -9.71
C GLY A 347 -33.06 9.40 -8.26
N SER A 348 -33.95 8.57 -7.75
CA SER A 348 -33.85 8.05 -6.40
C SER A 348 -34.12 6.55 -6.36
N TYR A 349 -33.68 5.91 -5.28
CA TYR A 349 -33.84 4.46 -5.10
C TYR A 349 -33.92 4.09 -3.62
N ASN A 350 -34.54 2.93 -3.36
CA ASN A 350 -34.46 2.30 -2.04
C ASN A 350 -34.23 0.80 -2.18
N GLU A 351 -34.16 0.11 -1.05
CA GLU A 351 -33.92 -1.34 -1.01
C GLU A 351 -34.96 -2.12 -1.81
N ASP A 352 -36.23 -1.81 -1.60
CA ASP A 352 -37.34 -2.53 -2.24
C ASP A 352 -37.42 -2.34 -3.75
N ALA A 353 -36.90 -1.22 -4.25
CA ALA A 353 -36.85 -0.96 -5.69
C ALA A 353 -35.83 -1.87 -6.37
N ILE A 354 -34.71 -2.13 -5.68
CA ILE A 354 -33.68 -3.05 -6.17
C ILE A 354 -34.21 -4.48 -6.22
N ILE A 355 -34.80 -4.93 -5.10
CA ILE A 355 -35.38 -6.27 -4.99
C ILE A 355 -36.44 -6.51 -6.08
N GLY A 356 -37.32 -5.53 -6.27
CA GLY A 356 -38.36 -5.60 -7.29
C GLY A 356 -37.82 -5.71 -8.71
N ARG A 357 -36.65 -5.11 -8.94
CA ARG A 357 -36.01 -5.12 -10.24
C ARG A 357 -35.21 -6.41 -10.46
N VAL A 358 -34.60 -6.91 -9.39
CA VAL A 358 -33.84 -8.17 -9.43
C VAL A 358 -34.76 -9.38 -9.64
N ASN A 359 -35.89 -9.40 -8.94
CA ASN A 359 -36.80 -10.54 -8.96
C ASN A 359 -37.72 -10.62 -10.18
N ALA A 360 -38.12 -9.47 -10.71
CA ALA A 360 -39.06 -9.42 -11.83
C ALA A 360 -38.34 -9.45 -13.18
N ASP A 361 -37.42 -8.51 -13.38
CA ASP A 361 -36.73 -8.33 -14.66
C ASP A 361 -35.65 -9.39 -14.92
N LEU A 362 -34.84 -9.66 -13.90
CA LEU A 362 -33.70 -10.55 -14.07
C LEU A 362 -34.02 -12.02 -13.75
N ALA A 363 -34.57 -12.27 -12.56
CA ALA A 363 -34.85 -13.63 -12.11
C ALA A 363 -35.98 -14.30 -12.89
N ASN A 364 -37.04 -13.55 -13.18
CA ASN A 364 -38.23 -14.10 -13.82
C ASN A 364 -38.30 -13.88 -15.33
N GLU A 365 -38.17 -12.63 -15.76
CA GLU A 365 -38.33 -12.28 -17.17
C GLU A 365 -37.23 -12.88 -18.05
N LEU A 366 -35.98 -12.70 -17.63
CA LEU A 366 -34.83 -13.22 -18.37
C LEU A 366 -34.39 -14.60 -17.88
N GLY A 367 -34.23 -14.73 -16.56
CA GLY A 367 -33.74 -15.96 -15.93
C GLY A 367 -34.61 -17.18 -16.17
N ASN A 368 -35.90 -17.05 -15.84
CA ASN A 368 -36.86 -18.15 -15.98
C ASN A 368 -37.10 -18.55 -17.43
N LEU A 369 -37.15 -17.57 -18.33
CA LEU A 369 -37.31 -17.83 -19.76
C LEU A 369 -36.14 -18.65 -20.31
N ALA A 370 -34.92 -18.28 -19.89
CA ALA A 370 -33.71 -18.98 -20.31
C ALA A 370 -33.63 -20.37 -19.70
N GLN A 371 -34.04 -20.50 -18.44
CA GLN A 371 -33.97 -21.78 -17.73
C GLN A 371 -35.00 -22.79 -18.24
N ARG A 372 -36.26 -22.35 -18.37
CA ARG A 372 -37.35 -23.19 -18.87
C ARG A 372 -37.06 -23.74 -20.27
N SER A 373 -36.49 -22.90 -21.13
CA SER A 373 -36.16 -23.28 -22.50
C SER A 373 -34.97 -24.24 -22.57
N LEU A 374 -33.90 -23.90 -21.86
CA LEU A 374 -32.68 -24.71 -21.87
C LEU A 374 -32.83 -26.06 -21.17
N SER A 375 -33.68 -26.12 -20.16
CA SER A 375 -33.94 -27.37 -19.44
C SER A 375 -34.74 -28.36 -20.30
N MET A 376 -35.65 -27.82 -21.11
CA MET A 376 -36.43 -28.64 -22.05
C MET A 376 -35.54 -29.23 -23.15
N VAL A 377 -34.47 -28.51 -23.50
CA VAL A 377 -33.50 -28.98 -24.48
C VAL A 377 -32.65 -30.12 -23.88
N ALA A 378 -32.17 -29.91 -22.67
CA ALA A 378 -31.29 -30.87 -22.00
C ALA A 378 -32.00 -32.17 -21.60
N LYS A 379 -33.30 -32.09 -21.35
CA LYS A 379 -34.08 -33.24 -20.90
C LYS A 379 -34.85 -33.94 -22.02
N ASN A 380 -35.48 -33.15 -22.89
CA ASN A 380 -36.36 -33.70 -23.93
C ASN A 380 -35.77 -33.74 -25.34
N LEU A 381 -34.67 -33.01 -25.56
CA LEU A 381 -34.09 -32.90 -26.91
C LEU A 381 -32.61 -33.29 -26.99
N GLY A 382 -32.15 -34.10 -26.04
CA GLY A 382 -30.80 -34.66 -26.08
C GLY A 382 -29.66 -33.66 -25.97
N ALA A 383 -29.87 -32.61 -25.18
CA ALA A 383 -28.86 -31.58 -24.87
C ALA A 383 -28.17 -30.98 -26.10
N ALA A 384 -28.95 -30.73 -27.14
CA ALA A 384 -28.45 -30.11 -28.38
C ALA A 384 -29.51 -29.21 -29.00
N VAL A 385 -29.06 -28.13 -29.63
CA VAL A 385 -29.95 -27.17 -30.29
C VAL A 385 -30.83 -27.89 -31.31
N PRO A 386 -32.17 -27.80 -31.15
CA PRO A 386 -33.10 -28.51 -32.02
C PRO A 386 -33.08 -28.01 -33.46
N ASP A 387 -33.25 -28.93 -34.41
CA ASP A 387 -33.36 -28.60 -35.81
C ASP A 387 -34.79 -28.12 -36.08
N PRO A 388 -34.95 -26.83 -36.44
CA PRO A 388 -36.30 -26.26 -36.62
C PRO A 388 -36.96 -26.74 -37.91
N GLY A 389 -38.28 -26.64 -37.96
CA GLY A 389 -39.05 -26.94 -39.17
C GLY A 389 -39.38 -25.67 -39.91
N GLU A 390 -40.65 -25.53 -40.29
CA GLU A 390 -41.15 -24.34 -40.98
C GLU A 390 -41.57 -23.27 -39.98
N PHE A 391 -41.12 -22.04 -40.20
CA PHE A 391 -41.45 -20.92 -39.32
C PHE A 391 -42.83 -20.35 -39.63
N THR A 392 -43.64 -20.17 -38.58
CA THR A 392 -44.98 -19.60 -38.71
C THR A 392 -44.94 -18.08 -38.62
N ASP A 393 -46.08 -17.43 -38.84
CA ASP A 393 -46.21 -15.98 -38.73
C ASP A 393 -45.88 -15.46 -37.33
N GLU A 394 -46.13 -16.29 -36.32
CA GLU A 394 -45.82 -15.96 -34.93
C GLU A 394 -44.32 -16.09 -34.64
N ASP A 395 -43.70 -17.12 -35.22
CA ASP A 395 -42.25 -17.32 -35.12
C ASP A 395 -41.50 -16.15 -35.75
N THR A 396 -41.94 -15.77 -36.96
CA THR A 396 -41.31 -14.71 -37.75
C THR A 396 -41.44 -13.34 -37.09
N ALA A 397 -42.62 -13.04 -36.55
CA ALA A 397 -42.88 -11.74 -35.89
C ALA A 397 -41.99 -11.53 -34.66
N LEU A 398 -41.72 -12.62 -33.94
CA LEU A 398 -40.86 -12.57 -32.76
C LEU A 398 -39.38 -12.42 -33.15
N LEU A 399 -38.96 -13.17 -34.16
CA LEU A 399 -37.58 -13.12 -34.64
C LEU A 399 -37.22 -11.77 -35.27
N ALA A 400 -38.18 -11.17 -35.97
CA ALA A 400 -38.00 -9.85 -36.58
C ALA A 400 -37.83 -8.78 -35.52
N ALA A 401 -38.58 -8.89 -34.42
CA ALA A 401 -38.46 -7.97 -33.30
C ALA A 401 -37.11 -8.10 -32.59
N ALA A 402 -36.60 -9.33 -32.53
CA ALA A 402 -35.28 -9.60 -31.96
C ALA A 402 -34.15 -9.16 -32.89
N ASP A 403 -34.35 -9.32 -34.20
CA ASP A 403 -33.35 -8.92 -35.21
C ASP A 403 -33.21 -7.40 -35.34
N ALA A 404 -34.27 -6.67 -34.99
CA ALA A 404 -34.29 -5.21 -35.10
C ALA A 404 -33.59 -4.51 -33.94
N LEU A 405 -33.20 -5.28 -32.93
CA LEU A 405 -32.66 -4.73 -31.68
C LEU A 405 -31.29 -4.07 -31.82
N LEU A 406 -30.35 -4.74 -32.49
CA LEU A 406 -28.98 -4.24 -32.60
C LEU A 406 -28.89 -2.80 -33.13
N GLU A 407 -29.67 -2.50 -34.17
CA GLU A 407 -29.73 -1.14 -34.73
C GLU A 407 -30.38 -0.14 -33.76
N ARG A 408 -31.46 -0.57 -33.11
CA ARG A 408 -32.15 0.24 -32.11
C ARG A 408 -31.24 0.54 -30.91
N VAL A 409 -30.61 -0.51 -30.39
CA VAL A 409 -29.75 -0.43 -29.21
C VAL A 409 -28.50 0.42 -29.49
N ARG A 410 -27.93 0.27 -30.68
CA ARG A 410 -26.78 1.08 -31.11
C ARG A 410 -27.09 2.57 -31.03
N GLU A 411 -28.25 2.97 -31.54
CA GLU A 411 -28.69 4.37 -31.52
C GLU A 411 -28.87 4.88 -30.10
N HIS A 412 -29.44 4.05 -29.23
CA HIS A 412 -29.61 4.39 -27.82
C HIS A 412 -28.29 4.61 -27.09
N PHE A 413 -27.30 3.75 -27.38
CA PHE A 413 -25.98 3.86 -26.76
C PHE A 413 -25.19 5.09 -27.20
N ASP A 414 -25.47 5.59 -28.41
CA ASP A 414 -24.82 6.78 -28.92
C ASP A 414 -25.34 8.09 -28.31
N VAL A 415 -26.48 8.03 -27.65
CA VAL A 415 -27.10 9.21 -27.04
C VAL A 415 -26.23 9.86 -25.94
N PRO A 416 -25.86 9.12 -24.86
CA PRO A 416 -26.20 7.74 -24.49
C PRO A 416 -27.49 7.63 -23.68
N ALA A 417 -28.22 6.54 -23.90
CA ALA A 417 -29.49 6.27 -23.23
C ALA A 417 -29.64 4.77 -22.99
N MET A 418 -28.82 4.24 -22.08
CA MET A 418 -28.80 2.80 -21.78
C MET A 418 -30.14 2.26 -21.29
N HIS A 419 -30.90 3.09 -20.58
CA HIS A 419 -32.21 2.71 -20.07
C HIS A 419 -33.20 2.32 -21.18
N LEU A 420 -33.18 3.07 -22.28
CA LEU A 420 -34.04 2.81 -23.42
C LEU A 420 -33.58 1.57 -24.20
N ALA A 421 -32.29 1.29 -24.16
CA ALA A 421 -31.73 0.08 -24.77
C ALA A 421 -32.20 -1.15 -23.99
N LEU A 422 -32.19 -1.05 -22.67
CA LEU A 422 -32.65 -2.14 -21.79
C LEU A 422 -34.15 -2.36 -21.91
N GLU A 423 -34.91 -1.26 -22.00
CA GLU A 423 -36.36 -1.32 -22.19
C GLU A 423 -36.75 -2.00 -23.50
N ALA A 424 -35.98 -1.76 -24.55
CA ALA A 424 -36.22 -2.36 -25.86
C ALA A 424 -35.95 -3.87 -25.86
N ILE A 425 -34.88 -4.27 -25.18
CA ILE A 425 -34.51 -5.68 -25.05
C ILE A 425 -35.56 -6.45 -24.22
N TRP A 426 -35.97 -5.87 -23.09
CA TRP A 426 -36.99 -6.48 -22.23
C TRP A 426 -38.39 -6.52 -22.85
N SER A 427 -38.65 -5.60 -23.79
CA SER A 427 -39.89 -5.63 -24.56
C SER A 427 -39.94 -6.87 -25.45
N VAL A 428 -38.79 -7.24 -26.01
CA VAL A 428 -38.66 -8.45 -26.81
C VAL A 428 -38.70 -9.70 -25.92
N LEU A 429 -38.03 -9.64 -24.77
CA LEU A 429 -38.07 -10.72 -23.78
C LEU A 429 -39.49 -10.97 -23.30
N GLY A 430 -40.25 -9.89 -23.12
CA GLY A 430 -41.68 -9.97 -22.79
C GLY A 430 -42.45 -10.70 -23.88
N ALA A 431 -42.17 -10.35 -25.13
CA ALA A 431 -42.79 -10.99 -26.29
C ALA A 431 -42.40 -12.47 -26.40
N ALA A 432 -41.16 -12.78 -26.02
CA ALA A 432 -40.65 -14.16 -26.03
C ALA A 432 -41.32 -15.02 -24.95
N ASN A 433 -41.64 -14.41 -23.82
CA ASN A 433 -42.38 -15.08 -22.74
C ASN A 433 -43.84 -15.35 -23.10
N ARG A 434 -44.47 -14.37 -23.76
CA ARG A 434 -45.85 -14.51 -24.22
C ARG A 434 -45.96 -15.54 -25.35
N TYR A 435 -44.94 -15.59 -26.20
CA TYR A 435 -44.82 -16.57 -27.27
C TYR A 435 -44.68 -17.99 -26.71
N PHE A 436 -43.79 -18.13 -25.73
CA PHE A 436 -43.54 -19.42 -25.07
C PHE A 436 -44.79 -19.96 -24.38
N SER A 437 -45.58 -19.07 -23.79
CA SER A 437 -46.80 -19.45 -23.09
C SER A 437 -47.95 -19.79 -24.04
N ALA A 438 -48.01 -19.10 -25.17
CA ALA A 438 -49.07 -19.32 -26.17
C ALA A 438 -48.87 -20.63 -26.94
N GLN A 439 -47.60 -20.99 -27.18
CA GLN A 439 -47.26 -22.17 -27.97
C GLN A 439 -47.40 -23.48 -27.19
N GLU A 440 -47.35 -23.38 -25.86
CA GLU A 440 -47.46 -24.53 -24.95
C GLU A 440 -46.54 -25.70 -25.32
N PRO A 441 -45.21 -25.51 -25.18
CA PRO A 441 -44.27 -26.58 -25.53
C PRO A 441 -44.31 -27.77 -24.57
N TRP A 442 -44.78 -27.55 -23.35
CA TRP A 442 -44.92 -28.62 -22.36
C TRP A 442 -46.05 -29.59 -22.72
N VAL A 443 -46.99 -29.12 -23.55
CA VAL A 443 -48.07 -29.96 -24.08
C VAL A 443 -47.60 -30.66 -25.35
N LEU A 444 -46.80 -29.94 -26.15
CA LEU A 444 -46.31 -30.45 -27.44
C LEU A 444 -45.31 -31.61 -27.31
N ARG A 445 -44.51 -31.58 -26.26
CA ARG A 445 -43.48 -32.61 -26.02
C ARG A 445 -44.07 -33.99 -25.69
N LYS A 446 -45.30 -34.00 -25.19
CA LYS A 446 -45.99 -35.24 -24.81
C LYS A 446 -46.90 -35.77 -25.92
N SER A 447 -47.20 -34.91 -26.89
CA SER A 447 -48.10 -35.25 -28.00
C SER A 447 -47.53 -36.35 -28.90
N ASP A 448 -48.39 -37.29 -29.29
CA ASP A 448 -48.01 -38.42 -30.14
C ASP A 448 -47.88 -38.01 -31.61
N ALA A 449 -48.66 -37.01 -32.02
CA ALA A 449 -48.67 -36.52 -33.40
C ALA A 449 -47.31 -36.03 -33.88
N ALA A 450 -46.99 -36.32 -35.14
CA ALA A 450 -45.70 -35.96 -35.73
C ALA A 450 -45.55 -34.47 -35.97
N GLU A 451 -46.65 -33.80 -36.30
CA GLU A 451 -46.65 -32.36 -36.55
C GLU A 451 -46.36 -31.54 -35.29
N ASP A 452 -46.85 -32.03 -34.15
CA ASP A 452 -46.65 -31.38 -32.85
C ASP A 452 -45.21 -31.52 -32.35
N GLN A 453 -44.57 -32.65 -32.67
CA GLN A 453 -43.19 -32.90 -32.28
C GLN A 453 -42.20 -32.03 -33.06
N GLN A 454 -42.54 -31.74 -34.32
CA GLN A 454 -41.75 -30.82 -35.14
C GLN A 454 -41.98 -29.39 -34.70
N ARG A 455 -43.23 -29.06 -34.39
CA ARG A 455 -43.61 -27.74 -33.88
C ARG A 455 -42.89 -27.43 -32.57
N PHE A 456 -42.76 -28.45 -31.72
CA PHE A 456 -42.04 -28.36 -30.45
C PHE A 456 -40.57 -27.96 -30.67
N ARG A 457 -39.95 -28.54 -31.70
CA ARG A 457 -38.56 -28.25 -32.04
C ARG A 457 -38.36 -26.82 -32.55
N THR A 458 -39.33 -26.33 -33.32
CA THR A 458 -39.29 -24.98 -33.88
C THR A 458 -39.44 -23.91 -32.80
N VAL A 459 -40.41 -24.10 -31.91
CA VAL A 459 -40.68 -23.17 -30.81
C VAL A 459 -39.46 -23.01 -29.90
N LEU A 460 -38.80 -24.12 -29.59
CA LEU A 460 -37.60 -24.09 -28.76
C LEU A 460 -36.41 -23.45 -29.45
N TYR A 461 -36.28 -23.68 -30.76
CA TYR A 461 -35.24 -23.02 -31.56
C TYR A 461 -35.47 -21.51 -31.59
N THR A 462 -36.72 -21.11 -31.83
CA THR A 462 -37.11 -19.70 -31.90
C THR A 462 -36.86 -18.99 -30.55
N THR A 463 -37.16 -19.69 -29.46
CA THR A 463 -36.95 -19.17 -28.11
C THR A 463 -35.46 -18.98 -27.80
N LEU A 464 -34.65 -20.00 -28.14
CA LEU A 464 -33.22 -19.96 -27.87
C LEU A 464 -32.47 -18.90 -28.68
N GLU A 465 -32.96 -18.63 -29.89
CA GLU A 465 -32.36 -17.60 -30.75
C GLU A 465 -32.58 -16.20 -30.18
N VAL A 466 -33.80 -15.93 -29.71
CA VAL A 466 -34.12 -14.66 -29.06
C VAL A 466 -33.25 -14.45 -27.81
N VAL A 467 -33.15 -15.49 -26.98
CA VAL A 467 -32.32 -15.48 -25.78
C VAL A 467 -30.84 -15.23 -26.14
N ARG A 468 -30.38 -15.84 -27.22
CA ARG A 468 -29.01 -15.65 -27.72
C ARG A 468 -28.73 -14.20 -28.10
N ILE A 469 -29.65 -13.60 -28.86
CA ILE A 469 -29.53 -12.21 -29.31
C ILE A 469 -29.54 -11.25 -28.11
N ALA A 470 -30.47 -11.47 -27.19
CA ALA A 470 -30.56 -10.68 -25.97
C ALA A 470 -29.29 -10.80 -25.12
N SER A 471 -28.77 -12.01 -24.99
CA SER A 471 -27.56 -12.27 -24.20
C SER A 471 -26.32 -11.58 -24.76
N LEU A 472 -26.21 -11.56 -26.09
CA LEU A 472 -25.10 -10.89 -26.77
C LEU A 472 -25.17 -9.38 -26.59
N LEU A 473 -26.38 -8.83 -26.61
CA LEU A 473 -26.59 -7.40 -26.50
C LEU A 473 -26.42 -6.88 -25.07
N LEU A 474 -26.63 -7.76 -24.08
CA LEU A 474 -26.57 -7.38 -22.67
C LEU A 474 -25.17 -7.53 -22.06
N GLN A 475 -24.21 -7.98 -22.86
CA GLN A 475 -22.82 -8.12 -22.43
C GLN A 475 -22.20 -6.84 -21.84
N PRO A 476 -22.47 -5.65 -22.43
CA PRO A 476 -21.95 -4.42 -21.84
C PRO A 476 -22.52 -4.10 -20.46
N VAL A 477 -23.76 -4.50 -20.22
CA VAL A 477 -24.43 -4.23 -18.94
C VAL A 477 -24.09 -5.29 -17.89
N MET A 478 -24.13 -6.57 -18.28
CA MET A 478 -23.90 -7.68 -17.36
C MET A 478 -22.85 -8.67 -17.91
N PRO A 479 -21.56 -8.30 -17.83
CA PRO A 479 -20.48 -9.08 -18.46
C PRO A 479 -20.41 -10.55 -18.05
N GLU A 480 -20.42 -10.82 -16.75
CA GLU A 480 -20.24 -12.19 -16.24
C GLU A 480 -21.47 -13.08 -16.42
N SER A 481 -22.67 -12.53 -16.19
CA SER A 481 -23.91 -13.27 -16.32
C SER A 481 -24.23 -13.64 -17.77
N THR A 482 -23.89 -12.74 -18.70
CA THR A 482 -24.08 -12.99 -20.12
C THR A 482 -23.05 -14.00 -20.64
N ALA A 483 -21.84 -13.94 -20.07
CA ALA A 483 -20.78 -14.89 -20.40
C ALA A 483 -21.18 -16.33 -20.06
N LYS A 484 -21.86 -16.51 -18.93
CA LYS A 484 -22.36 -17.81 -18.50
C LYS A 484 -23.55 -18.25 -19.35
N LEU A 485 -24.40 -17.28 -19.69
CA LEU A 485 -25.60 -17.55 -20.49
C LEU A 485 -25.26 -17.92 -21.92
N LEU A 486 -24.18 -17.35 -22.44
CA LEU A 486 -23.69 -17.68 -23.78
C LEU A 486 -22.96 -19.02 -23.80
N ASP A 487 -22.37 -19.40 -22.66
CA ASP A 487 -21.76 -20.72 -22.50
C ASP A 487 -22.81 -21.83 -22.60
N LEU A 488 -23.96 -21.61 -21.96
CA LEU A 488 -25.07 -22.57 -21.96
C LEU A 488 -25.77 -22.65 -23.31
N LEU A 489 -25.63 -21.61 -24.13
CA LEU A 489 -26.23 -21.58 -25.46
C LEU A 489 -25.26 -22.09 -26.53
N GLY A 490 -24.09 -22.57 -26.09
CA GLY A 490 -23.11 -23.19 -26.97
C GLY A 490 -22.41 -22.24 -27.92
N GLN A 491 -22.40 -20.96 -27.58
CA GLN A 491 -21.77 -19.93 -28.39
C GLN A 491 -20.26 -19.96 -28.23
N PRO A 492 -19.51 -20.06 -29.34
CA PRO A 492 -18.05 -20.04 -29.32
C PRO A 492 -17.49 -18.76 -28.71
N THR A 493 -16.30 -18.88 -28.12
CA THR A 493 -15.64 -17.76 -27.43
C THR A 493 -15.28 -16.60 -28.37
N ASP A 494 -14.90 -16.95 -29.59
CA ASP A 494 -14.46 -15.96 -30.58
C ASP A 494 -15.63 -15.33 -31.36
N GLU A 495 -16.83 -15.90 -31.18
CA GLU A 495 -18.03 -15.42 -31.87
C GLU A 495 -19.00 -14.73 -30.90
N ARG A 496 -18.50 -13.72 -30.19
CA ARG A 496 -19.31 -13.03 -29.18
C ARG A 496 -19.34 -11.51 -29.33
N ASP A 497 -18.77 -11.00 -30.41
CA ASP A 497 -18.93 -9.60 -30.80
C ASP A 497 -20.32 -9.42 -31.41
N PHE A 498 -20.75 -8.17 -31.59
CA PHE A 498 -22.07 -7.87 -32.12
C PHE A 498 -22.29 -8.37 -33.56
N SER A 499 -21.19 -8.64 -34.27
CA SER A 499 -21.25 -9.17 -35.63
C SER A 499 -21.84 -10.59 -35.68
N ALA A 500 -21.75 -11.30 -34.56
CA ALA A 500 -22.27 -12.67 -34.45
C ALA A 500 -23.79 -12.73 -34.31
N ILE A 501 -24.43 -11.59 -34.06
CA ILE A 501 -25.90 -11.50 -33.94
C ILE A 501 -26.59 -11.84 -35.27
N ALA A 502 -25.95 -11.46 -36.37
CA ALA A 502 -26.46 -11.75 -37.71
C ALA A 502 -26.48 -13.25 -38.03
N ASN A 503 -25.58 -14.00 -37.40
CA ASN A 503 -25.48 -15.44 -37.59
C ASN A 503 -26.38 -16.20 -36.63
N ARG A 504 -27.39 -16.88 -37.18
CA ARG A 504 -28.34 -17.67 -36.40
C ARG A 504 -27.66 -18.80 -35.63
N ILE A 505 -28.24 -19.15 -34.49
CA ILE A 505 -27.75 -20.28 -33.68
C ILE A 505 -27.78 -21.58 -34.49
N LYS A 506 -26.67 -22.33 -34.46
CA LYS A 506 -26.53 -23.53 -35.26
C LYS A 506 -27.27 -24.72 -34.66
N PRO A 507 -28.17 -25.35 -35.43
CA PRO A 507 -28.84 -26.57 -34.98
C PRO A 507 -27.86 -27.72 -34.81
N GLY A 508 -27.99 -28.46 -33.72
CA GLY A 508 -27.11 -29.58 -33.43
C GLY A 508 -25.95 -29.24 -32.51
N THR A 509 -25.79 -27.95 -32.19
CA THR A 509 -24.74 -27.48 -31.31
C THR A 509 -24.93 -28.04 -29.90
N SER A 510 -23.87 -28.63 -29.36
CA SER A 510 -23.92 -29.26 -28.04
C SER A 510 -24.00 -28.21 -26.93
N LEU A 511 -24.96 -28.41 -26.02
CA LEU A 511 -25.19 -27.48 -24.91
C LEU A 511 -24.86 -28.13 -23.57
N PRO A 512 -24.10 -27.44 -22.71
CA PRO A 512 -23.77 -27.93 -21.37
C PRO A 512 -24.99 -27.97 -20.46
N ALA A 513 -24.88 -28.71 -19.35
CA ALA A 513 -25.95 -28.82 -18.37
C ALA A 513 -26.35 -27.44 -17.85
N PRO A 514 -27.62 -27.05 -18.06
CA PRO A 514 -28.08 -25.71 -17.69
C PRO A 514 -28.42 -25.56 -16.20
N SER A 515 -28.21 -24.37 -15.68
CA SER A 515 -28.57 -24.02 -14.30
C SER A 515 -28.87 -22.52 -14.21
N GLY A 516 -29.67 -22.15 -13.21
CA GLY A 516 -30.05 -20.75 -13.00
C GLY A 516 -28.86 -19.81 -12.85
N ILE A 517 -28.95 -18.66 -13.51
CA ILE A 517 -27.88 -17.66 -13.49
C ILE A 517 -28.31 -16.41 -12.71
N PHE A 518 -29.60 -16.12 -12.75
CA PHE A 518 -30.16 -14.99 -12.03
C PHE A 518 -31.04 -15.46 -10.88
N PRO A 519 -30.44 -15.66 -9.69
CA PRO A 519 -31.20 -16.17 -8.55
C PRO A 519 -32.12 -15.13 -7.93
N ARG A 520 -33.25 -15.58 -7.40
CA ARG A 520 -34.21 -14.71 -6.72
C ARG A 520 -33.64 -14.26 -5.38
N TYR A 521 -34.01 -13.05 -4.95
CA TYR A 521 -33.58 -12.53 -3.66
C TYR A 521 -34.63 -12.78 -2.58
N SER B 11 -11.46 -34.68 -12.18
CA SER B 11 -10.84 -33.33 -12.34
C SER B 11 -10.02 -32.97 -11.09
N GLU B 12 -8.80 -33.49 -11.02
CA GLU B 12 -7.93 -33.34 -9.86
C GLU B 12 -7.41 -31.90 -9.76
N PRO B 13 -7.39 -31.34 -8.54
CA PRO B 13 -6.82 -30.00 -8.31
C PRO B 13 -5.31 -29.97 -8.53
N PHE B 14 -4.83 -28.89 -9.14
CA PHE B 14 -3.40 -28.67 -9.35
C PHE B 14 -3.04 -27.21 -9.06
N TYR B 15 -2.29 -27.00 -7.99
CA TYR B 15 -1.93 -25.66 -7.56
C TYR B 15 -0.44 -25.39 -7.79
N ILE B 16 -0.16 -24.43 -8.68
CA ILE B 16 1.20 -24.08 -9.05
C ILE B 16 1.48 -22.60 -8.80
N THR B 17 2.71 -22.29 -8.38
CA THR B 17 3.10 -20.93 -8.04
C THR B 17 4.45 -20.56 -8.65
N THR B 18 4.70 -19.26 -8.76
CA THR B 18 6.03 -18.76 -9.08
C THR B 18 6.54 -17.99 -7.88
N ALA B 19 7.85 -17.76 -7.81
CA ALA B 19 8.41 -16.84 -6.85
C ALA B 19 7.89 -15.44 -7.15
N ILE B 20 7.72 -14.65 -6.09
CA ILE B 20 7.24 -13.28 -6.26
C ILE B 20 8.42 -12.30 -6.21
N ALA B 21 8.63 -11.59 -7.31
CA ALA B 21 9.82 -10.75 -7.48
C ALA B 21 9.75 -9.46 -6.66
N TYR B 22 10.92 -9.02 -6.19
CA TYR B 22 11.06 -7.66 -5.66
C TYR B 22 11.00 -6.70 -6.85
N PRO B 23 9.99 -5.81 -6.87
CA PRO B 23 9.91 -4.86 -7.97
C PRO B 23 10.70 -3.58 -7.65
N ASN B 24 12.02 -3.72 -7.51
CA ASN B 24 12.89 -2.56 -7.27
C ASN B 24 13.45 -1.98 -8.57
N GLY B 25 13.30 -2.72 -9.65
CA GLY B 25 13.72 -2.29 -10.97
C GLY B 25 12.78 -2.77 -12.06
N VAL B 26 13.27 -2.78 -13.30
CA VAL B 26 12.50 -3.30 -14.44
C VAL B 26 12.66 -4.82 -14.55
N PRO B 27 11.62 -5.52 -15.03
CA PRO B 27 11.71 -6.96 -15.23
C PRO B 27 12.66 -7.32 -16.36
N HIS B 28 13.45 -8.38 -16.17
CA HIS B 28 14.37 -8.86 -17.20
C HIS B 28 14.04 -10.28 -17.66
N ILE B 29 14.88 -10.82 -18.56
CA ILE B 29 14.67 -12.13 -19.17
C ILE B 29 14.57 -13.28 -18.16
N GLY B 30 15.29 -13.15 -17.05
CA GLY B 30 15.26 -14.14 -15.97
C GLY B 30 13.87 -14.32 -15.39
N HIS B 31 13.19 -13.20 -15.16
CA HIS B 31 11.80 -13.21 -14.69
C HIS B 31 10.89 -13.85 -15.73
N ALA B 32 11.02 -13.40 -16.98
CA ALA B 32 10.23 -13.92 -18.10
C ALA B 32 10.42 -15.43 -18.29
N TYR B 33 11.65 -15.89 -18.06
CA TYR B 33 11.99 -17.31 -18.12
C TYR B 33 11.18 -18.14 -17.12
N GLU B 34 11.11 -17.67 -15.87
CA GLU B 34 10.35 -18.36 -14.83
C GLU B 34 8.85 -18.35 -15.09
N TYR B 35 8.33 -17.22 -15.59
CA TYR B 35 6.89 -17.08 -15.84
C TYR B 35 6.41 -17.95 -16.99
N ILE B 36 7.17 -18.00 -18.07
CA ILE B 36 6.84 -18.81 -19.24
C ILE B 36 6.89 -20.30 -18.92
N ALA B 37 7.96 -20.72 -18.23
CA ALA B 37 8.13 -22.11 -17.81
C ALA B 37 6.99 -22.60 -16.93
N THR B 38 6.58 -21.76 -15.98
CA THR B 38 5.46 -22.07 -15.09
C THR B 38 4.14 -22.09 -15.85
N ASP B 39 3.97 -21.12 -16.76
CA ASP B 39 2.77 -21.03 -17.60
C ASP B 39 2.57 -22.28 -18.46
N ALA B 40 3.67 -22.79 -19.02
CA ALA B 40 3.63 -24.00 -19.84
C ALA B 40 3.11 -25.20 -19.06
N ILE B 41 3.57 -25.37 -17.82
CA ILE B 41 3.10 -26.46 -16.96
C ILE B 41 1.64 -26.26 -16.56
N ALA B 42 1.27 -25.03 -16.23
CA ALA B 42 -0.11 -24.69 -15.87
C ALA B 42 -1.09 -24.93 -17.02
N ARG B 43 -0.69 -24.50 -18.23
CA ARG B 43 -1.51 -24.70 -19.44
C ARG B 43 -1.62 -26.18 -19.82
N PHE B 44 -0.50 -26.91 -19.67
CA PHE B 44 -0.48 -28.35 -19.91
C PHE B 44 -1.51 -29.06 -19.03
N LYS B 45 -1.47 -28.75 -17.73
CA LYS B 45 -2.35 -29.39 -16.76
C LYS B 45 -3.84 -29.10 -17.01
N ARG B 46 -4.14 -27.88 -17.45
CA ARG B 46 -5.51 -27.51 -17.84
C ARG B 46 -5.99 -28.34 -19.03
N LEU B 47 -5.12 -28.48 -20.02
CA LEU B 47 -5.42 -29.24 -21.23
C LEU B 47 -5.43 -30.75 -20.99
N ASP B 48 -4.78 -31.18 -19.91
CA ASP B 48 -4.75 -32.59 -19.52
C ASP B 48 -5.92 -32.94 -18.59
N GLY B 49 -6.72 -31.95 -18.25
CA GLY B 49 -7.96 -32.16 -17.51
C GLY B 49 -7.90 -31.88 -16.01
N TYR B 50 -6.97 -31.02 -15.60
CA TYR B 50 -6.82 -30.69 -14.19
C TYR B 50 -7.53 -29.39 -13.81
N ASP B 51 -7.95 -29.31 -12.56
CA ASP B 51 -8.48 -28.08 -11.97
C ASP B 51 -7.30 -27.25 -11.48
N VAL B 52 -6.91 -26.25 -12.29
CA VAL B 52 -5.69 -25.51 -12.06
C VAL B 52 -5.91 -24.14 -11.41
N ARG B 53 -5.18 -23.88 -10.33
CA ARG B 53 -5.00 -22.52 -9.83
C ARG B 53 -3.52 -22.14 -9.97
N TYR B 54 -3.30 -20.94 -10.52
CA TYR B 54 -1.97 -20.48 -10.89
C TYR B 54 -1.70 -19.09 -10.30
N LEU B 55 -0.76 -19.03 -9.37
CA LEU B 55 -0.44 -17.80 -8.66
C LEU B 55 0.94 -17.26 -9.02
N THR B 56 1.01 -15.94 -9.18
CA THR B 56 2.27 -15.22 -9.41
C THR B 56 2.11 -13.80 -8.84
N GLY B 57 3.17 -13.00 -8.91
CA GLY B 57 3.09 -11.61 -8.46
C GLY B 57 4.37 -10.98 -7.95
N THR B 58 4.23 -10.11 -6.94
CA THR B 58 5.34 -9.30 -6.45
C THR B 58 5.51 -9.28 -4.93
N ASP B 59 6.76 -9.19 -4.50
CA ASP B 59 7.17 -9.12 -3.11
C ASP B 59 7.59 -7.68 -2.83
N VAL B 60 6.71 -6.90 -2.22
CA VAL B 60 6.86 -5.44 -2.19
C VAL B 60 7.54 -4.81 -0.96
N HIS B 61 7.67 -5.56 0.13
CA HIS B 61 8.27 -5.03 1.36
C HIS B 61 9.78 -5.27 1.44
N GLY B 62 10.36 -4.91 2.59
CA GLY B 62 11.79 -5.15 2.84
C GLY B 62 12.68 -3.92 2.75
N GLN B 63 13.87 -4.03 3.32
CA GLN B 63 14.86 -2.95 3.33
C GLN B 63 15.34 -2.53 1.93
N LYS B 64 15.49 -3.52 1.05
CA LYS B 64 15.93 -3.30 -0.32
C LYS B 64 14.95 -2.39 -1.08
N MET B 65 13.66 -2.66 -0.93
CA MET B 65 12.61 -1.85 -1.54
C MET B 65 12.54 -0.45 -0.95
N ALA B 66 12.71 -0.35 0.37
CA ALA B 66 12.68 0.93 1.08
C ALA B 66 13.85 1.83 0.70
N GLU B 67 15.03 1.23 0.53
CA GLU B 67 16.23 1.93 0.10
C GLU B 67 16.14 2.45 -1.33
N THR B 68 15.54 1.64 -2.20
CA THR B 68 15.31 2.02 -3.60
C THR B 68 14.36 3.21 -3.69
N ALA B 69 13.32 3.17 -2.87
CA ALA B 69 12.33 4.25 -2.80
C ALA B 69 12.94 5.55 -2.28
N ALA B 70 13.78 5.44 -1.25
CA ALA B 70 14.45 6.59 -0.64
C ALA B 70 15.47 7.23 -1.58
N LYS B 71 16.11 6.41 -2.41
CA LYS B 71 17.07 6.88 -3.40
C LYS B 71 16.39 7.69 -4.51
N GLU B 72 15.19 7.27 -4.90
CA GLU B 72 14.43 7.97 -5.94
C GLU B 72 13.74 9.22 -5.38
N GLY B 73 13.34 9.17 -4.12
CA GLY B 73 12.68 10.30 -3.45
C GLY B 73 11.18 10.20 -3.39
N ILE B 74 10.66 8.97 -3.53
CA ILE B 74 9.22 8.71 -3.46
C ILE B 74 8.91 7.69 -2.35
N PRO B 75 7.68 7.72 -1.80
CA PRO B 75 7.30 6.77 -0.76
C PRO B 75 7.36 5.32 -1.23
N ALA B 76 7.70 4.41 -0.32
CA ALA B 76 7.86 2.99 -0.62
C ALA B 76 6.60 2.36 -1.23
N ALA B 77 5.43 2.71 -0.70
CA ALA B 77 4.16 2.18 -1.18
C ALA B 77 3.82 2.64 -2.60
N GLU B 78 4.31 3.83 -2.96
CA GLU B 78 4.10 4.39 -4.30
C GLU B 78 4.96 3.67 -5.33
N LEU B 79 6.24 3.48 -5.00
CA LEU B 79 7.18 2.72 -5.84
C LEU B 79 6.70 1.29 -6.05
N ALA B 80 6.23 0.68 -4.97
CA ALA B 80 5.75 -0.71 -4.98
C ALA B 80 4.57 -0.91 -5.94
N ARG B 81 3.59 0.00 -5.89
CA ARG B 81 2.42 -0.08 -6.75
C ARG B 81 2.77 0.17 -8.21
N ARG B 82 3.65 1.15 -8.46
CA ARG B 82 4.07 1.52 -9.81
C ARG B 82 4.90 0.42 -10.48
N ASN B 83 5.91 -0.08 -9.77
CA ASN B 83 6.82 -1.09 -10.31
C ASN B 83 6.17 -2.48 -10.46
N SER B 84 5.21 -2.78 -9.59
CA SER B 84 4.44 -4.03 -9.70
C SER B 84 3.51 -4.02 -10.92
N ASP B 85 3.00 -2.84 -11.24
CA ASP B 85 2.18 -2.64 -12.45
C ASP B 85 2.95 -3.04 -13.70
N VAL B 86 4.23 -2.67 -13.75
CA VAL B 86 5.12 -3.01 -14.86
C VAL B 86 5.33 -4.54 -14.97
N PHE B 87 5.46 -5.20 -13.83
CA PHE B 87 5.59 -6.66 -13.79
C PHE B 87 4.32 -7.37 -14.26
N GLN B 88 3.17 -6.81 -13.89
CA GLN B 88 1.88 -7.38 -14.29
C GLN B 88 1.60 -7.18 -15.78
N ARG B 89 1.97 -6.02 -16.31
CA ARG B 89 1.82 -5.73 -17.75
C ARG B 89 2.68 -6.65 -18.62
N LEU B 90 3.87 -6.99 -18.13
CA LEU B 90 4.77 -7.90 -18.83
C LEU B 90 4.17 -9.31 -18.93
N GLN B 91 3.65 -9.81 -17.82
CA GLN B 91 3.04 -11.14 -17.77
C GLN B 91 1.81 -11.23 -18.67
N GLU B 92 1.07 -10.13 -18.78
CA GLU B 92 -0.04 -10.04 -19.72
C GLU B 92 0.46 -10.09 -21.17
N LYS B 93 1.59 -9.42 -21.41
CA LYS B 93 2.22 -9.41 -22.74
C LYS B 93 2.87 -10.75 -23.07
N LEU B 94 3.28 -11.49 -22.04
CA LEU B 94 3.86 -12.82 -22.22
C LEU B 94 2.80 -13.90 -22.33
N ASN B 95 1.53 -13.49 -22.27
CA ASN B 95 0.38 -14.39 -22.34
C ASN B 95 0.37 -15.42 -21.20
N ILE B 96 0.62 -14.94 -19.98
CA ILE B 96 0.64 -15.80 -18.80
C ILE B 96 -0.79 -15.97 -18.26
N SER B 97 -1.20 -17.23 -18.10
CA SER B 97 -2.56 -17.57 -17.71
C SER B 97 -2.74 -17.68 -16.18
N PHE B 98 -2.15 -16.73 -15.45
CA PHE B 98 -2.29 -16.70 -13.99
C PHE B 98 -3.73 -16.39 -13.58
N ASP B 99 -4.15 -16.98 -12.47
CA ASP B 99 -5.49 -16.75 -11.92
C ASP B 99 -5.53 -15.52 -11.03
N ARG B 100 -4.42 -15.23 -10.36
CA ARG B 100 -4.27 -14.03 -9.55
C ARG B 100 -2.84 -13.51 -9.57
N PHE B 101 -2.70 -12.20 -9.79
CA PHE B 101 -1.44 -11.51 -9.61
C PHE B 101 -1.44 -10.93 -8.20
N ILE B 102 -0.78 -11.61 -7.28
CA ILE B 102 -0.76 -11.22 -5.88
C ILE B 102 0.31 -10.18 -5.58
N ARG B 103 -0.01 -9.25 -4.69
CA ARG B 103 0.96 -8.29 -4.17
C ARG B 103 0.90 -8.37 -2.65
N THR B 104 2.07 -8.36 -2.02
CA THR B 104 2.15 -8.52 -0.56
C THR B 104 1.54 -7.34 0.21
N SER B 105 1.18 -6.29 -0.52
CA SER B 105 0.51 -5.11 0.04
C SER B 105 -1.02 -5.28 0.12
N ASP B 106 -1.54 -6.32 -0.54
CA ASP B 106 -2.98 -6.62 -0.52
C ASP B 106 -3.48 -6.86 0.91
N ALA B 107 -4.70 -6.43 1.17
CA ALA B 107 -5.29 -6.50 2.51
C ALA B 107 -5.41 -7.92 3.05
N ASP B 108 -5.82 -8.85 2.19
CA ASP B 108 -5.98 -10.25 2.59
C ASP B 108 -4.65 -10.93 2.92
N HIS B 109 -3.55 -10.40 2.35
CA HIS B 109 -2.21 -10.90 2.65
C HIS B 109 -1.72 -10.48 4.03
N TYR B 110 -2.11 -9.28 4.45
CA TYR B 110 -1.83 -8.79 5.81
C TYR B 110 -2.49 -9.69 6.85
N GLU B 111 -3.74 -10.07 6.58
CA GLU B 111 -4.49 -10.98 7.43
C GLU B 111 -3.82 -12.34 7.52
N ALA B 112 -3.38 -12.86 6.36
CA ALA B 112 -2.75 -14.17 6.28
C ALA B 112 -1.40 -14.21 6.99
N SER B 113 -0.62 -13.15 6.82
CA SER B 113 0.70 -13.02 7.46
C SER B 113 0.59 -12.97 8.98
N LYS B 114 -0.40 -12.24 9.48
CA LYS B 114 -0.65 -12.13 10.92
C LYS B 114 -1.16 -13.44 11.51
N ALA B 115 -1.99 -14.15 10.74
CA ALA B 115 -2.55 -15.43 11.17
C ALA B 115 -1.48 -16.52 11.33
N ILE B 116 -0.57 -16.62 10.36
CA ILE B 116 0.49 -17.62 10.41
C ILE B 116 1.53 -17.30 11.49
N TRP B 117 1.79 -16.02 11.72
CA TRP B 117 2.67 -15.58 12.81
C TRP B 117 2.11 -16.01 14.16
N LYS B 118 0.79 -15.80 14.34
CA LYS B 118 0.09 -16.18 15.57
C LYS B 118 0.11 -17.69 15.79
N ARG B 119 -0.07 -18.45 14.72
CA ARG B 119 0.02 -19.92 14.78
C ARG B 119 1.40 -20.38 15.25
N MET B 120 2.45 -19.77 14.71
CA MET B 120 3.82 -20.09 15.07
C MET B 120 4.16 -19.61 16.48
N ALA B 121 3.57 -18.49 16.88
CA ALA B 121 3.74 -17.95 18.23
C ALA B 121 3.03 -18.83 19.27
N ASP B 122 1.80 -19.24 18.97
CA ASP B 122 1.02 -20.11 19.86
C ASP B 122 1.64 -21.50 20.02
N ALA B 123 2.33 -21.95 18.97
CA ALA B 123 3.05 -23.22 19.00
C ALA B 123 4.29 -23.16 19.90
N GLY B 124 4.72 -21.94 20.22
CA GLY B 124 5.88 -21.73 21.09
C GLY B 124 7.19 -21.62 20.33
N ASP B 125 7.11 -21.26 19.06
CA ASP B 125 8.28 -21.23 18.17
C ASP B 125 8.83 -19.84 17.87
N ILE B 126 8.30 -18.82 18.54
CA ILE B 126 8.79 -17.45 18.39
C ILE B 126 9.19 -16.88 19.75
N TYR B 127 10.43 -16.38 19.84
CA TYR B 127 10.94 -15.75 21.06
C TYR B 127 11.77 -14.51 20.74
N LEU B 128 11.86 -13.60 21.70
CA LEU B 128 12.63 -12.37 21.55
C LEU B 128 14.03 -12.56 22.11
N ASP B 129 15.04 -12.18 21.32
CA ASP B 129 16.44 -12.19 21.76
C ASP B 129 17.32 -11.24 20.96
N ALA B 130 18.58 -11.13 21.34
CA ALA B 130 19.52 -10.21 20.72
C ALA B 130 20.05 -10.69 19.37
N TYR B 131 19.96 -9.82 18.37
CA TYR B 131 20.46 -10.10 17.03
C TYR B 131 21.69 -9.22 16.77
N LYS B 132 22.86 -9.78 17.04
CA LYS B 132 24.12 -9.06 16.91
C LYS B 132 24.71 -9.25 15.51
N GLU B 170 20.40 -4.98 17.99
CA GLU B 170 18.97 -5.00 17.71
C GLU B 170 18.31 -6.22 18.36
N GLN B 171 17.20 -5.98 19.06
CA GLN B 171 16.43 -7.06 19.67
C GLN B 171 15.31 -7.48 18.71
N THR B 172 15.45 -8.68 18.16
CA THR B 172 14.48 -9.19 17.17
C THR B 172 13.84 -10.49 17.63
N TYR B 173 12.69 -10.81 17.04
CA TYR B 173 12.07 -12.11 17.25
C TYR B 173 12.75 -13.18 16.41
N PHE B 174 12.82 -14.39 16.95
CA PHE B 174 13.48 -15.51 16.30
C PHE B 174 12.53 -16.68 16.11
N PHE B 175 12.62 -17.34 14.96
CA PHE B 175 11.93 -18.61 14.74
C PHE B 175 12.84 -19.75 15.17
N ARG B 176 12.25 -20.74 15.86
CA ARG B 176 13.01 -21.87 16.40
C ARG B 176 13.38 -22.89 15.32
N LEU B 177 14.14 -22.45 14.32
CA LEU B 177 14.57 -23.29 13.21
C LEU B 177 15.44 -24.47 13.67
N SER B 178 16.26 -24.23 14.70
CA SER B 178 17.12 -25.26 15.28
C SER B 178 16.35 -26.44 15.87
N ALA B 179 15.05 -26.26 16.08
CA ALA B 179 14.19 -27.31 16.63
C ALA B 179 13.64 -28.24 15.56
N TYR B 180 13.80 -27.85 14.29
CA TYR B 180 13.21 -28.59 13.17
C TYR B 180 14.21 -29.34 12.29
N THR B 181 15.49 -29.24 12.65
CA THR B 181 16.59 -29.83 11.88
C THR B 181 16.34 -31.30 11.48
N ASP B 182 16.11 -32.16 12.48
CA ASP B 182 15.94 -33.59 12.23
C ASP B 182 14.61 -33.93 11.56
N ARG B 183 13.56 -33.16 11.86
CA ARG B 183 12.26 -33.32 11.21
C ARG B 183 12.33 -32.94 9.73
N LEU B 184 13.20 -31.99 9.41
CA LEU B 184 13.45 -31.59 8.03
C LEU B 184 14.26 -32.63 7.27
N LEU B 185 15.25 -33.22 7.94
CA LEU B 185 16.07 -34.27 7.34
C LEU B 185 15.24 -35.53 7.05
N ALA B 186 14.29 -35.82 7.92
CA ALA B 186 13.37 -36.93 7.73
C ALA B 186 12.48 -36.71 6.52
N LEU B 187 12.08 -35.46 6.30
CA LEU B 187 11.25 -35.07 5.16
C LEU B 187 11.95 -35.32 3.82
N TYR B 188 13.23 -34.95 3.73
CA TYR B 188 14.00 -35.13 2.50
C TYR B 188 14.25 -36.60 2.19
N GLU B 189 14.39 -37.41 3.24
CA GLU B 189 14.60 -38.85 3.10
C GLU B 189 13.31 -39.57 2.70
N GLU B 190 12.20 -39.22 3.38
CA GLU B 190 10.90 -39.85 3.13
C GLU B 190 10.26 -39.36 1.83
N HIS B 191 10.45 -38.08 1.51
CA HIS B 191 9.90 -37.48 0.30
C HIS B 191 10.98 -36.77 -0.52
N PRO B 192 11.80 -37.54 -1.26
CA PRO B 192 12.86 -36.90 -2.07
C PRO B 192 12.34 -36.01 -3.19
N GLU B 193 11.09 -36.22 -3.60
CA GLU B 193 10.45 -35.40 -4.63
C GLU B 193 10.13 -33.98 -4.16
N PHE B 194 10.32 -33.73 -2.86
CA PHE B 194 10.10 -32.41 -2.27
C PHE B 194 11.04 -31.34 -2.85
N ILE B 195 12.24 -31.75 -3.23
CA ILE B 195 13.23 -30.85 -3.85
C ILE B 195 13.76 -31.42 -5.15
N GLY B 196 13.68 -30.62 -6.22
CA GLY B 196 14.22 -30.98 -7.52
C GLY B 196 15.00 -29.83 -8.13
N PRO B 197 16.00 -30.14 -9.00
CA PRO B 197 16.48 -31.50 -9.32
C PRO B 197 17.32 -32.11 -8.19
N ASP B 198 17.70 -33.38 -8.36
CA ASP B 198 18.44 -34.14 -7.33
C ASP B 198 19.66 -33.41 -6.78
N ALA B 199 20.40 -32.74 -7.66
CA ALA B 199 21.59 -31.99 -7.28
C ALA B 199 21.31 -30.93 -6.23
N ARG B 200 20.16 -30.27 -6.34
CA ARG B 200 19.74 -29.25 -5.37
C ARG B 200 19.36 -29.86 -4.02
N ARG B 201 18.70 -31.01 -4.06
CA ARG B 201 18.30 -31.71 -2.84
C ARG B 201 19.51 -32.13 -2.01
N ASN B 202 20.52 -32.68 -2.68
CA ASN B 202 21.76 -33.12 -2.03
C ASN B 202 22.49 -31.97 -1.32
N GLU B 203 22.41 -30.78 -1.90
CA GLU B 203 23.00 -29.58 -1.31
C GLU B 203 22.24 -29.14 -0.05
N ILE B 204 20.93 -29.26 -0.10
CA ILE B 204 20.06 -28.93 1.06
C ILE B 204 20.25 -29.94 2.19
N VAL B 205 20.24 -31.23 1.85
CA VAL B 205 20.51 -32.30 2.80
C VAL B 205 21.84 -32.03 3.53
N SER B 206 22.87 -31.71 2.75
CA SER B 206 24.20 -31.40 3.29
C SER B 206 24.20 -30.18 4.20
N PHE B 207 23.42 -29.16 3.82
CA PHE B 207 23.34 -27.91 4.58
C PHE B 207 22.62 -28.09 5.92
N VAL B 208 21.50 -28.82 5.91
CA VAL B 208 20.71 -29.07 7.12
C VAL B 208 21.44 -30.04 8.07
N SER B 209 22.17 -30.99 7.49
CA SER B 209 22.93 -31.98 8.26
C SER B 209 24.00 -31.37 9.17
N GLY B 210 24.53 -30.22 8.78
CA GLY B 210 25.52 -29.50 9.57
C GLY B 210 24.95 -28.69 10.72
N GLY B 211 23.64 -28.83 10.97
CA GLY B 211 22.97 -28.12 12.06
C GLY B 211 22.43 -26.76 11.64
N LEU B 212 21.27 -26.40 12.18
CA LEU B 212 20.61 -25.14 11.84
C LEU B 212 20.58 -24.17 13.02
N LYS B 213 20.79 -22.88 12.71
CA LYS B 213 20.67 -21.82 13.69
C LYS B 213 19.27 -21.23 13.66
N ASP B 214 18.84 -20.63 14.76
CA ASP B 214 17.55 -19.94 14.80
C ASP B 214 17.57 -18.70 13.89
N LEU B 215 16.42 -18.40 13.29
CA LEU B 215 16.33 -17.35 12.28
C LEU B 215 15.60 -16.11 12.79
N SER B 216 16.27 -14.96 12.69
CA SER B 216 15.66 -13.66 12.99
C SER B 216 14.52 -13.39 12.02
N ILE B 217 13.33 -13.13 12.58
CA ILE B 217 12.12 -12.99 11.76
C ILE B 217 11.39 -11.65 11.92
N SER B 218 12.03 -10.69 12.60
CA SER B 218 11.48 -9.33 12.73
C SER B 218 12.56 -8.25 12.64
N ARG B 219 12.13 -7.02 12.35
CA ARG B 219 13.03 -5.88 12.26
C ARG B 219 12.41 -4.65 12.95
N THR B 220 13.26 -3.81 13.52
CA THR B 220 12.80 -2.62 14.27
C THR B 220 13.35 -1.29 13.75
N THR B 221 14.36 -1.36 12.88
CA THR B 221 15.02 -0.16 12.36
C THR B 221 14.23 0.53 11.23
N PHE B 222 13.24 -0.17 10.70
CA PHE B 222 12.37 0.36 9.65
C PHE B 222 10.96 -0.23 9.77
N ASP B 223 9.99 0.36 9.07
CA ASP B 223 8.60 -0.08 9.18
C ASP B 223 7.93 -0.45 7.85
N TRP B 224 8.74 -0.61 6.80
CA TRP B 224 8.21 -1.04 5.50
C TRP B 224 8.03 -2.56 5.48
N GLY B 225 6.88 -3.00 5.96
CA GLY B 225 6.56 -4.42 6.07
C GLY B 225 5.35 -4.65 6.94
N VAL B 226 4.90 -5.91 7.01
CA VAL B 226 3.75 -6.29 7.82
C VAL B 226 4.08 -6.19 9.30
N PRO B 227 3.27 -5.41 10.07
CA PRO B 227 3.50 -5.27 11.51
C PRO B 227 3.25 -6.57 12.27
N VAL B 228 4.12 -6.87 13.23
CA VAL B 228 3.98 -8.05 14.08
C VAL B 228 2.79 -7.85 15.03
N PRO B 229 1.85 -8.81 15.07
CA PRO B 229 0.69 -8.74 15.96
C PRO B 229 1.09 -8.50 17.42
N ASP B 230 0.40 -7.56 18.06
CA ASP B 230 0.62 -7.19 19.47
C ASP B 230 1.97 -6.49 19.74
N HIS B 231 2.80 -6.36 18.70
CA HIS B 231 4.09 -5.68 18.82
C HIS B 231 4.32 -4.76 17.61
N PRO B 232 3.65 -3.59 17.59
CA PRO B 232 3.65 -2.68 16.43
C PRO B 232 5.00 -2.03 16.13
N ASP B 233 5.93 -2.11 17.07
CA ASP B 233 7.30 -1.60 16.87
C ASP B 233 8.16 -2.58 16.06
N HIS B 234 7.65 -3.79 15.84
CA HIS B 234 8.31 -4.80 15.01
C HIS B 234 7.58 -5.00 13.70
N VAL B 235 8.33 -5.11 12.61
CA VAL B 235 7.78 -5.55 11.33
C VAL B 235 8.34 -6.93 10.97
N MET B 236 7.52 -7.74 10.31
CA MET B 236 7.93 -9.09 9.91
C MET B 236 9.06 -9.05 8.89
N TYR B 237 10.04 -9.92 9.09
CA TYR B 237 11.11 -10.11 8.11
C TYR B 237 10.47 -10.46 6.76
N VAL B 238 10.89 -9.73 5.72
CA VAL B 238 10.27 -9.80 4.40
C VAL B 238 9.98 -11.22 3.90
N TRP B 239 10.88 -12.16 4.21
CA TRP B 239 10.74 -13.54 3.76
C TRP B 239 9.60 -14.31 4.43
N VAL B 240 9.33 -14.05 5.70
CA VAL B 240 8.20 -14.66 6.40
C VAL B 240 6.88 -14.24 5.73
N ASP B 241 6.75 -12.93 5.53
CA ASP B 241 5.59 -12.36 4.82
C ASP B 241 5.52 -12.81 3.36
N ALA B 242 6.66 -12.84 2.68
CA ALA B 242 6.73 -13.21 1.26
C ALA B 242 6.27 -14.65 0.99
N LEU B 243 6.78 -15.59 1.78
CA LEU B 243 6.45 -17.01 1.63
C LEU B 243 4.98 -17.29 1.91
N THR B 244 4.35 -16.46 2.73
CA THR B 244 2.94 -16.59 3.10
C THR B 244 1.99 -16.31 1.92
N ASN B 245 2.50 -15.68 0.85
CA ASN B 245 1.70 -15.38 -0.33
C ASN B 245 1.06 -16.63 -0.96
N TYR B 246 1.80 -17.75 -0.92
CA TYR B 246 1.31 -19.02 -1.44
C TYR B 246 0.05 -19.50 -0.70
N LEU B 247 -0.03 -19.18 0.59
CA LEU B 247 -1.21 -19.49 1.39
C LEU B 247 -2.34 -18.50 1.10
N THR B 248 -1.98 -17.23 0.99
CA THR B 248 -2.92 -16.15 0.71
C THR B 248 -3.68 -16.39 -0.60
N GLY B 249 -2.96 -16.86 -1.61
CA GLY B 249 -3.52 -17.11 -2.94
C GLY B 249 -4.65 -18.12 -3.01
N VAL B 250 -4.79 -18.91 -1.95
CA VAL B 250 -5.85 -19.93 -1.87
C VAL B 250 -6.81 -19.77 -0.68
N GLY B 251 -6.84 -18.57 -0.09
CA GLY B 251 -7.87 -18.25 0.91
C GLY B 251 -7.47 -18.11 2.36
N PHE B 252 -6.23 -18.48 2.71
CA PHE B 252 -5.72 -18.33 4.07
C PHE B 252 -5.88 -16.88 4.53
N PRO B 253 -6.31 -16.65 5.79
CA PRO B 253 -6.51 -17.56 6.92
C PRO B 253 -7.79 -18.40 6.95
N ASP B 254 -8.67 -18.23 5.96
CA ASP B 254 -9.91 -19.01 5.91
C ASP B 254 -9.64 -20.45 5.46
N THR B 255 -9.23 -21.28 6.41
CA THR B 255 -8.87 -22.68 6.16
C THR B 255 -10.06 -23.56 5.79
N GLU B 256 -11.28 -23.03 5.97
CA GLU B 256 -12.49 -23.80 5.72
C GLU B 256 -13.14 -23.47 4.37
N SER B 257 -12.60 -22.46 3.68
CA SER B 257 -13.09 -22.04 2.36
C SER B 257 -12.87 -23.11 1.30
N GLU B 258 -13.65 -23.02 0.22
CA GLU B 258 -13.57 -23.98 -0.90
C GLU B 258 -12.18 -24.02 -1.54
N SER B 259 -11.57 -22.84 -1.70
CA SER B 259 -10.27 -22.72 -2.34
C SER B 259 -9.13 -23.37 -1.55
N PHE B 260 -9.14 -23.19 -0.24
CA PHE B 260 -8.08 -23.72 0.62
C PHE B 260 -8.15 -25.24 0.74
N ARG B 261 -9.36 -25.77 0.88
CA ARG B 261 -9.57 -27.20 1.05
C ARG B 261 -9.20 -28.03 -0.18
N ARG B 262 -9.35 -27.46 -1.37
CA ARG B 262 -9.04 -28.20 -2.60
C ARG B 262 -7.63 -27.96 -3.15
N TYR B 263 -7.14 -26.74 -3.07
CA TYR B 263 -5.86 -26.38 -3.70
C TYR B 263 -4.64 -26.57 -2.79
N TRP B 264 -4.75 -26.19 -1.52
CA TRP B 264 -3.64 -26.42 -0.58
C TRP B 264 -3.65 -27.88 -0.10
N PRO B 265 -2.47 -28.54 -0.05
CA PRO B 265 -1.12 -28.02 -0.31
C PRO B 265 -0.75 -27.87 -1.79
N ALA B 266 0.12 -26.89 -2.07
CA ALA B 266 0.61 -26.63 -3.42
C ALA B 266 1.30 -27.85 -4.02
N ASP B 267 1.01 -28.11 -5.30
CA ASP B 267 1.64 -29.22 -6.01
C ASP B 267 3.08 -28.89 -6.41
N LEU B 268 3.32 -27.62 -6.77
CA LEU B 268 4.63 -27.21 -7.26
C LEU B 268 4.93 -25.73 -7.00
N HIS B 269 6.04 -25.48 -6.31
CA HIS B 269 6.62 -24.14 -6.22
C HIS B 269 7.74 -24.02 -7.24
N MET B 270 7.59 -23.09 -8.18
CA MET B 270 8.61 -22.83 -9.19
C MET B 270 9.49 -21.66 -8.74
N ILE B 271 10.77 -21.94 -8.53
CA ILE B 271 11.73 -20.92 -8.07
C ILE B 271 13.07 -21.07 -8.78
N GLY B 272 13.92 -20.04 -8.66
CA GLY B 272 15.30 -20.12 -9.10
C GLY B 272 16.18 -20.71 -8.01
N LYS B 273 17.38 -21.13 -8.40
CA LYS B 273 18.31 -21.79 -7.45
C LYS B 273 18.81 -20.88 -6.32
N ASP B 274 18.81 -19.58 -6.56
CA ASP B 274 19.31 -18.60 -5.58
C ASP B 274 18.46 -18.49 -4.31
N ILE B 275 17.20 -18.92 -4.37
CA ILE B 275 16.28 -18.82 -3.23
C ILE B 275 15.79 -20.18 -2.74
N ILE B 276 16.61 -21.22 -2.98
CA ILE B 276 16.27 -22.60 -2.61
C ILE B 276 16.09 -22.80 -1.09
N ARG B 277 17.00 -22.22 -0.30
CA ARG B 277 17.02 -22.42 1.15
C ARG B 277 15.79 -21.85 1.86
N PHE B 278 15.26 -20.75 1.34
CA PHE B 278 14.04 -20.14 1.88
C PHE B 278 12.83 -21.06 1.70
N HIS B 279 12.78 -21.73 0.55
CA HIS B 279 11.63 -22.55 0.17
C HIS B 279 11.68 -24.00 0.66
N THR B 280 12.88 -24.50 0.92
CA THR B 280 13.06 -25.92 1.25
C THR B 280 13.52 -26.17 2.68
N VAL B 281 13.98 -25.12 3.36
CA VAL B 281 14.37 -25.22 4.76
C VAL B 281 13.43 -24.41 5.66
N TYR B 282 13.38 -23.10 5.45
CA TYR B 282 12.58 -22.21 6.28
C TYR B 282 11.08 -22.44 6.10
N TRP B 283 10.63 -22.46 4.85
CA TRP B 283 9.20 -22.59 4.49
C TRP B 283 8.51 -23.82 5.10
N PRO B 284 9.08 -25.03 4.89
CA PRO B 284 8.45 -26.21 5.53
C PRO B 284 8.48 -26.15 7.06
N ALA B 285 9.57 -25.62 7.62
CA ALA B 285 9.68 -25.44 9.07
C ALA B 285 8.59 -24.51 9.60
N PHE B 286 8.33 -23.42 8.89
CA PHE B 286 7.24 -22.51 9.21
C PHE B 286 5.90 -23.22 9.21
N LEU B 287 5.67 -24.06 8.20
CA LEU B 287 4.39 -24.75 8.03
C LEU B 287 4.18 -25.86 9.06
N MET B 288 5.24 -26.57 9.40
CA MET B 288 5.21 -27.58 10.46
C MET B 288 4.81 -26.94 11.79
N SER B 289 5.41 -25.79 12.08
CA SER B 289 5.09 -24.99 13.26
C SER B 289 3.65 -24.52 13.23
N ALA B 290 3.20 -24.07 12.06
CA ALA B 290 1.84 -23.57 11.88
C ALA B 290 0.78 -24.68 11.82
N GLY B 291 1.23 -25.92 11.67
CA GLY B 291 0.33 -27.07 11.61
C GLY B 291 -0.39 -27.17 10.29
N LEU B 292 0.30 -26.79 9.21
CA LEU B 292 -0.26 -26.80 7.86
C LEU B 292 0.50 -27.79 6.97
N PRO B 293 -0.22 -28.50 6.08
CA PRO B 293 0.40 -29.44 5.15
C PRO B 293 1.48 -28.79 4.29
N LEU B 294 2.52 -29.55 3.99
CA LEU B 294 3.66 -29.06 3.21
C LEU B 294 3.40 -29.20 1.71
N PRO B 295 3.96 -28.29 0.90
CA PRO B 295 3.88 -28.43 -0.56
C PRO B 295 4.52 -29.73 -1.05
N LYS B 296 4.04 -30.23 -2.19
CA LYS B 296 4.49 -31.52 -2.71
C LYS B 296 5.88 -31.46 -3.35
N ARG B 297 6.19 -30.36 -4.04
CA ARG B 297 7.43 -30.25 -4.80
C ARG B 297 7.90 -28.80 -4.96
N ILE B 298 9.19 -28.59 -4.70
CA ILE B 298 9.87 -27.34 -5.03
C ILE B 298 10.93 -27.65 -6.07
N PHE B 299 10.80 -27.04 -7.24
CA PHE B 299 11.78 -27.21 -8.30
C PHE B 299 12.53 -25.91 -8.57
N ALA B 300 13.84 -25.95 -8.39
CA ALA B 300 14.71 -24.80 -8.63
C ALA B 300 15.31 -24.87 -10.02
N HIS B 301 14.87 -23.98 -10.91
CA HIS B 301 15.44 -23.87 -12.25
C HIS B 301 16.77 -23.14 -12.22
N GLY B 302 17.53 -23.27 -13.30
CA GLY B 302 18.86 -22.67 -13.41
C GLY B 302 18.84 -21.18 -13.74
N TRP B 303 20.03 -20.60 -13.77
CA TRP B 303 20.20 -19.17 -14.02
C TRP B 303 20.42 -18.92 -15.51
N LEU B 304 19.74 -17.91 -16.04
CA LEU B 304 19.88 -17.52 -17.43
C LEU B 304 20.75 -16.26 -17.55
N LEU B 305 21.86 -16.38 -18.28
CA LEU B 305 22.84 -15.30 -18.40
C LEU B 305 23.20 -14.98 -19.84
N ASN B 306 23.32 -13.70 -20.14
CA ASN B 306 23.68 -13.21 -21.47
C ASN B 306 25.19 -13.21 -21.71
N ARG B 307 25.60 -13.69 -22.89
CA ARG B 307 27.00 -13.65 -23.30
C ARG B 307 27.27 -12.47 -24.22
N GLY B 308 28.47 -11.89 -24.10
CA GLY B 308 28.87 -10.75 -24.92
C GLY B 308 28.26 -9.45 -24.42
N GLU B 309 28.15 -8.48 -25.33
CA GLU B 309 27.63 -7.15 -24.99
C GLU B 309 26.12 -7.18 -24.71
N LYS B 310 25.71 -6.45 -23.68
CA LYS B 310 24.31 -6.36 -23.27
C LYS B 310 23.48 -5.60 -24.30
N MET B 311 24.08 -4.58 -24.91
CA MET B 311 23.43 -3.81 -25.98
C MET B 311 23.97 -4.24 -27.34
N SER B 312 23.07 -4.73 -28.19
CA SER B 312 23.41 -5.16 -29.54
C SER B 312 23.07 -4.09 -30.57
N LYS B 313 23.85 -4.05 -31.65
CA LYS B 313 23.68 -3.05 -32.71
C LYS B 313 22.42 -3.28 -33.55
N SER B 314 22.05 -4.55 -33.73
CA SER B 314 20.94 -4.93 -34.60
C SER B 314 19.57 -5.00 -33.91
N ILE B 315 19.55 -5.48 -32.66
CA ILE B 315 18.29 -5.70 -31.94
C ILE B 315 18.09 -4.82 -30.69
N GLY B 316 19.19 -4.33 -30.13
CA GLY B 316 19.14 -3.52 -28.92
C GLY B 316 19.48 -4.32 -27.68
N ASN B 317 18.69 -4.13 -26.62
CA ASN B 317 18.91 -4.81 -25.35
C ASN B 317 18.52 -6.29 -25.40
N VAL B 318 19.48 -7.16 -25.11
CA VAL B 318 19.30 -8.61 -25.20
C VAL B 318 18.62 -9.18 -23.95
N VAL B 319 18.75 -8.49 -22.81
CA VAL B 319 18.17 -8.94 -21.54
C VAL B 319 16.73 -8.45 -21.31
N ASP B 320 16.31 -7.45 -22.08
CA ASP B 320 14.95 -6.91 -21.99
C ASP B 320 13.95 -7.85 -22.66
N PRO B 321 12.99 -8.39 -21.88
CA PRO B 321 12.00 -9.35 -22.40
C PRO B 321 11.01 -8.71 -23.38
N VAL B 322 10.65 -7.46 -23.14
CA VAL B 322 9.72 -6.73 -24.00
C VAL B 322 10.33 -6.53 -25.40
N ASN B 323 11.63 -6.25 -25.44
CA ASN B 323 12.37 -6.09 -26.69
C ASN B 323 12.42 -7.38 -27.52
N LEU B 324 12.72 -8.50 -26.86
CA LEU B 324 12.81 -9.79 -27.53
C LEU B 324 11.48 -10.25 -28.12
N VAL B 325 10.39 -10.00 -27.40
CA VAL B 325 9.04 -10.35 -27.86
C VAL B 325 8.62 -9.49 -29.06
N ASP B 326 9.02 -8.21 -29.04
CA ASP B 326 8.72 -7.29 -30.13
C ASP B 326 9.54 -7.58 -31.39
N THR B 327 10.74 -8.12 -31.21
CA THR B 327 11.66 -8.38 -32.32
C THR B 327 11.40 -9.76 -32.96
N PHE B 328 11.43 -10.81 -32.14
CA PHE B 328 11.35 -12.19 -32.63
C PHE B 328 9.95 -12.77 -32.65
N GLY B 329 9.07 -12.23 -31.81
CA GLY B 329 7.72 -12.77 -31.63
C GLY B 329 7.60 -13.53 -30.32
N LEU B 330 6.44 -13.43 -29.69
CA LEU B 330 6.20 -14.03 -28.37
C LEU B 330 6.43 -15.54 -28.32
N ASP B 331 5.72 -16.27 -29.17
CA ASP B 331 5.81 -17.74 -29.21
C ASP B 331 7.19 -18.23 -29.61
N GLN B 332 7.92 -17.40 -30.36
CA GLN B 332 9.31 -17.67 -30.72
C GLN B 332 10.23 -17.58 -29.50
N VAL B 333 10.01 -16.57 -28.67
CA VAL B 333 10.76 -16.39 -27.42
C VAL B 333 10.39 -17.49 -26.41
N ARG B 334 9.10 -17.76 -26.29
CA ARG B 334 8.60 -18.81 -25.40
C ARG B 334 9.20 -20.17 -25.73
N TYR B 335 9.26 -20.51 -27.02
CA TYR B 335 9.86 -21.76 -27.47
C TYR B 335 11.36 -21.81 -27.20
N PHE B 336 12.06 -20.71 -27.51
CA PHE B 336 13.51 -20.65 -27.36
C PHE B 336 13.96 -20.93 -25.93
N LEU B 337 13.35 -20.23 -24.98
CA LEU B 337 13.71 -20.33 -23.56
C LEU B 337 13.50 -21.73 -23.01
N LEU B 338 12.44 -22.40 -23.47
CA LEU B 338 12.11 -23.75 -23.00
C LEU B 338 12.89 -24.86 -23.71
N ARG B 339 13.48 -24.54 -24.86
CA ARG B 339 14.22 -25.52 -25.65
C ARG B 339 15.74 -25.44 -25.45
N GLU B 340 16.28 -24.23 -25.45
CA GLU B 340 17.73 -23.99 -25.43
C GLU B 340 18.42 -24.56 -24.19
N VAL B 341 17.87 -24.27 -23.02
CA VAL B 341 18.47 -24.66 -21.76
C VAL B 341 17.75 -25.88 -21.16
N PRO B 342 18.52 -26.92 -20.78
CA PRO B 342 17.93 -28.04 -20.03
C PRO B 342 17.41 -27.52 -18.69
N PHE B 343 16.12 -27.75 -18.43
CA PHE B 343 15.44 -27.14 -17.28
C PHE B 343 15.99 -27.63 -15.94
N GLY B 344 16.53 -26.69 -15.17
CA GLY B 344 17.18 -27.00 -13.89
C GLY B 344 18.66 -26.69 -13.92
N GLN B 345 19.21 -26.57 -15.13
CA GLN B 345 20.63 -26.27 -15.33
C GLN B 345 20.84 -24.79 -15.65
N ASP B 346 22.04 -24.29 -15.36
CA ASP B 346 22.42 -22.93 -15.72
C ASP B 346 22.64 -22.83 -17.22
N GLY B 347 22.12 -21.77 -17.83
CA GLY B 347 22.19 -21.60 -19.27
C GLY B 347 22.75 -20.26 -19.71
N SER B 348 23.35 -20.25 -20.90
CA SER B 348 23.82 -19.04 -21.54
C SER B 348 23.23 -18.93 -22.95
N TYR B 349 23.07 -17.70 -23.43
CA TYR B 349 22.43 -17.45 -24.72
C TYR B 349 22.96 -16.17 -25.38
N ASN B 350 22.78 -16.07 -26.70
CA ASN B 350 23.02 -14.84 -27.45
C ASN B 350 22.03 -14.65 -28.60
N GLU B 351 22.17 -13.54 -29.31
CA GLU B 351 21.29 -13.21 -30.44
C GLU B 351 21.31 -14.29 -31.52
N ASP B 352 22.48 -14.85 -31.80
CA ASP B 352 22.65 -15.88 -32.82
C ASP B 352 21.97 -17.20 -32.44
N ALA B 353 21.90 -17.48 -31.15
CA ALA B 353 21.26 -18.70 -30.65
C ALA B 353 19.75 -18.66 -30.84
N ILE B 354 19.16 -17.48 -30.62
CA ILE B 354 17.72 -17.29 -30.81
C ILE B 354 17.34 -17.44 -32.28
N ILE B 355 18.06 -16.73 -33.16
CA ILE B 355 17.82 -16.78 -34.60
C ILE B 355 17.95 -18.22 -35.14
N GLY B 356 18.94 -18.94 -34.64
CA GLY B 356 19.19 -20.34 -35.03
C GLY B 356 18.05 -21.30 -34.76
N ARG B 357 17.23 -20.99 -33.75
CA ARG B 357 16.08 -21.83 -33.41
C ARG B 357 14.75 -21.30 -33.94
N VAL B 358 14.69 -20.00 -34.23
CA VAL B 358 13.51 -19.40 -34.85
C VAL B 358 13.42 -19.78 -36.34
N ASN B 359 14.57 -19.95 -36.97
CA ASN B 359 14.65 -20.28 -38.39
C ASN B 359 14.63 -21.78 -38.69
N ALA B 360 15.46 -22.55 -37.97
CA ALA B 360 15.60 -23.98 -38.22
C ALA B 360 14.49 -24.81 -37.57
N ASP B 361 14.23 -24.57 -36.29
CA ASP B 361 13.25 -25.35 -35.53
C ASP B 361 11.81 -25.00 -35.85
N LEU B 362 11.49 -23.70 -35.85
CA LEU B 362 10.11 -23.24 -36.01
C LEU B 362 9.70 -22.96 -37.45
N ALA B 363 10.48 -22.13 -38.15
CA ALA B 363 10.16 -21.72 -39.51
C ALA B 363 10.29 -22.85 -40.54
N ASN B 364 11.34 -23.65 -40.42
CA ASN B 364 11.61 -24.73 -41.36
C ASN B 364 11.00 -26.07 -40.96
N GLU B 365 11.52 -26.65 -39.87
CA GLU B 365 11.11 -27.99 -39.42
C GLU B 365 9.60 -28.11 -39.20
N LEU B 366 9.01 -27.14 -38.49
CA LEU B 366 7.58 -27.16 -38.18
C LEU B 366 6.75 -26.36 -39.18
N GLY B 367 7.17 -25.12 -39.43
CA GLY B 367 6.44 -24.19 -40.29
C GLY B 367 6.26 -24.65 -41.72
N ASN B 368 7.36 -25.03 -42.37
CA ASN B 368 7.34 -25.46 -43.77
C ASN B 368 6.65 -26.81 -43.98
N LEU B 369 6.81 -27.73 -43.02
CA LEU B 369 6.14 -29.02 -43.05
C LEU B 369 4.62 -28.86 -43.06
N ALA B 370 4.12 -27.98 -42.20
CA ALA B 370 2.70 -27.69 -42.13
C ALA B 370 2.21 -26.94 -43.37
N GLN B 371 3.00 -25.97 -43.84
CA GLN B 371 2.63 -25.16 -44.98
C GLN B 371 2.61 -25.94 -46.31
N ARG B 372 3.66 -26.73 -46.55
CA ARG B 372 3.74 -27.54 -47.76
C ARG B 372 2.60 -28.54 -47.88
N SER B 373 2.24 -29.16 -46.75
CA SER B 373 1.16 -30.13 -46.70
C SER B 373 -0.22 -29.49 -46.88
N LEU B 374 -0.47 -28.39 -46.15
CA LEU B 374 -1.75 -27.69 -46.22
C LEU B 374 -1.98 -26.98 -47.56
N SER B 375 -0.89 -26.57 -48.21
CA SER B 375 -0.95 -25.95 -49.54
C SER B 375 -1.42 -26.94 -50.59
N MET B 376 -0.93 -28.18 -50.50
CA MET B 376 -1.31 -29.25 -51.42
C MET B 376 -2.76 -29.66 -51.24
N VAL B 377 -3.26 -29.57 -50.01
CA VAL B 377 -4.66 -29.87 -49.71
C VAL B 377 -5.58 -28.77 -50.28
N ALA B 378 -5.13 -27.51 -50.18
CA ALA B 378 -5.90 -26.36 -50.64
C ALA B 378 -6.00 -26.28 -52.17
N LYS B 379 -4.95 -26.71 -52.86
CA LYS B 379 -4.87 -26.57 -54.31
C LYS B 379 -5.22 -27.86 -55.05
N ASN B 380 -4.72 -28.99 -54.57
CA ASN B 380 -4.86 -30.27 -55.27
C ASN B 380 -5.99 -31.16 -54.74
N LEU B 381 -6.55 -30.82 -53.59
CA LEU B 381 -7.55 -31.68 -52.94
C LEU B 381 -8.86 -30.98 -52.57
N GLY B 382 -9.03 -29.75 -53.06
CA GLY B 382 -10.27 -29.00 -52.86
C GLY B 382 -10.56 -28.55 -51.44
N ALA B 383 -9.50 -28.13 -50.73
CA ALA B 383 -9.58 -27.54 -49.39
C ALA B 383 -10.33 -28.41 -48.36
N ALA B 384 -10.13 -29.71 -48.43
CA ALA B 384 -10.76 -30.66 -47.51
C ALA B 384 -9.80 -31.79 -47.15
N VAL B 385 -9.88 -32.27 -45.91
CA VAL B 385 -9.04 -33.37 -45.43
C VAL B 385 -9.23 -34.59 -46.33
N PRO B 386 -8.14 -35.09 -46.93
CA PRO B 386 -8.20 -36.23 -47.86
C PRO B 386 -8.68 -37.52 -47.19
N ASP B 387 -9.39 -38.33 -47.96
CA ASP B 387 -9.81 -39.65 -47.52
C ASP B 387 -8.69 -40.65 -47.80
N PRO B 388 -8.05 -41.17 -46.73
CA PRO B 388 -6.92 -42.07 -46.92
C PRO B 388 -7.33 -43.45 -47.42
N GLY B 389 -6.40 -44.13 -48.08
CA GLY B 389 -6.60 -45.52 -48.50
C GLY B 389 -5.97 -46.44 -47.47
N GLU B 390 -5.31 -47.48 -47.95
CA GLU B 390 -4.63 -48.44 -47.08
C GLU B 390 -3.35 -47.85 -46.49
N PHE B 391 -3.14 -48.06 -45.20
CA PHE B 391 -1.94 -47.58 -44.53
C PHE B 391 -0.79 -48.58 -44.68
N THR B 392 0.35 -48.09 -45.15
CA THR B 392 1.56 -48.91 -45.31
C THR B 392 2.32 -48.99 -43.99
N ASP B 393 3.37 -49.82 -43.98
CA ASP B 393 4.24 -49.96 -42.80
C ASP B 393 4.91 -48.64 -42.42
N GLU B 394 5.26 -47.83 -43.42
CA GLU B 394 5.86 -46.52 -43.22
C GLU B 394 4.86 -45.50 -42.66
N ASP B 395 3.62 -45.56 -43.15
CA ASP B 395 2.53 -44.75 -42.61
C ASP B 395 2.31 -45.09 -41.14
N THR B 396 2.27 -46.39 -40.85
CA THR B 396 1.96 -46.92 -39.52
C THR B 396 3.02 -46.54 -38.48
N ALA B 397 4.29 -46.65 -38.84
CA ALA B 397 5.41 -46.36 -37.94
C ALA B 397 5.50 -44.89 -37.56
N LEU B 398 5.18 -44.00 -38.50
CA LEU B 398 5.17 -42.56 -38.25
C LEU B 398 4.03 -42.17 -37.31
N LEU B 399 2.85 -42.75 -37.55
CA LEU B 399 1.69 -42.52 -36.69
C LEU B 399 1.93 -43.07 -35.28
N ALA B 400 2.60 -44.21 -35.18
CA ALA B 400 2.94 -44.82 -33.90
C ALA B 400 3.86 -43.95 -33.06
N ALA B 401 4.81 -43.29 -33.72
CA ALA B 401 5.72 -42.36 -33.05
C ALA B 401 4.97 -41.12 -32.56
N ALA B 402 4.03 -40.63 -33.37
CA ALA B 402 3.20 -39.50 -33.00
C ALA B 402 2.22 -39.83 -31.88
N ASP B 403 1.60 -41.01 -31.96
CA ASP B 403 0.63 -41.46 -30.96
C ASP B 403 1.24 -41.72 -29.59
N ALA B 404 2.54 -42.03 -29.57
CA ALA B 404 3.26 -42.28 -28.32
C ALA B 404 3.66 -41.01 -27.60
N LEU B 405 3.52 -39.86 -28.27
CA LEU B 405 3.98 -38.57 -27.74
C LEU B 405 3.29 -38.09 -26.46
N LEU B 406 1.96 -38.22 -26.40
CA LEU B 406 1.20 -37.72 -25.25
C LEU B 406 1.70 -38.27 -23.91
N GLU B 407 1.87 -39.60 -23.85
CA GLU B 407 2.30 -40.26 -22.62
C GLU B 407 3.72 -39.89 -22.21
N ARG B 408 4.63 -39.81 -23.18
CA ARG B 408 6.03 -39.47 -22.89
C ARG B 408 6.21 -37.97 -22.56
N VAL B 409 5.44 -37.11 -23.23
CA VAL B 409 5.48 -35.66 -22.99
C VAL B 409 4.89 -35.32 -21.62
N ARG B 410 3.84 -36.04 -21.22
CA ARG B 410 3.25 -35.91 -19.88
C ARG B 410 4.27 -36.20 -18.79
N GLU B 411 5.06 -37.26 -18.99
CA GLU B 411 6.13 -37.64 -18.07
C GLU B 411 7.19 -36.55 -17.95
N HIS B 412 7.54 -35.94 -19.08
CA HIS B 412 8.52 -34.86 -19.12
C HIS B 412 8.02 -33.62 -18.38
N PHE B 413 6.75 -33.28 -18.55
CA PHE B 413 6.15 -32.11 -17.90
C PHE B 413 6.01 -32.27 -16.38
N ASP B 414 5.94 -33.51 -15.91
CA ASP B 414 5.83 -33.80 -14.48
C ASP B 414 7.18 -33.73 -13.73
N VAL B 415 8.27 -33.60 -14.48
CA VAL B 415 9.61 -33.54 -13.89
C VAL B 415 9.86 -32.25 -13.08
N PRO B 416 9.73 -31.05 -13.70
CA PRO B 416 9.43 -30.71 -15.08
C PRO B 416 10.68 -30.64 -15.98
N ALA B 417 10.51 -31.05 -17.23
CA ALA B 417 11.60 -31.07 -18.20
C ALA B 417 11.03 -30.76 -19.59
N MET B 418 10.59 -29.52 -19.77
CA MET B 418 9.98 -29.07 -21.02
C MET B 418 10.89 -29.22 -22.24
N HIS B 419 12.20 -29.08 -22.02
CA HIS B 419 13.19 -29.23 -23.08
C HIS B 419 13.15 -30.63 -23.72
N LEU B 420 13.02 -31.65 -22.89
CA LEU B 420 12.93 -33.03 -23.35
C LEU B 420 11.63 -33.31 -24.11
N ALA B 421 10.54 -32.67 -23.66
CA ALA B 421 9.24 -32.78 -24.33
C ALA B 421 9.29 -32.15 -25.72
N LEU B 422 9.93 -30.99 -25.82
CA LEU B 422 10.10 -30.29 -27.11
C LEU B 422 11.01 -31.08 -28.05
N GLU B 423 12.06 -31.69 -27.49
CA GLU B 423 12.97 -32.56 -28.25
C GLU B 423 12.23 -33.77 -28.82
N ALA B 424 11.36 -34.36 -28.01
CA ALA B 424 10.56 -35.52 -28.41
C ALA B 424 9.61 -35.19 -29.54
N ILE B 425 8.92 -34.06 -29.43
CA ILE B 425 7.99 -33.59 -30.46
C ILE B 425 8.70 -33.30 -31.78
N TRP B 426 9.85 -32.62 -31.70
CA TRP B 426 10.66 -32.30 -32.88
C TRP B 426 11.32 -33.53 -33.51
N SER B 427 11.57 -34.56 -32.71
CA SER B 427 12.06 -35.83 -33.22
C SER B 427 11.02 -36.48 -34.14
N VAL B 428 9.75 -36.40 -33.74
CA VAL B 428 8.63 -36.90 -34.54
C VAL B 428 8.39 -36.00 -35.77
N LEU B 429 8.54 -34.68 -35.57
CA LEU B 429 8.42 -33.73 -36.68
C LEU B 429 9.50 -33.94 -37.74
N GLY B 430 10.71 -34.30 -37.29
CA GLY B 430 11.81 -34.65 -38.19
C GLY B 430 11.52 -35.90 -38.99
N ALA B 431 10.93 -36.90 -38.34
CA ALA B 431 10.52 -38.14 -38.99
C ALA B 431 9.45 -37.87 -40.04
N ALA B 432 8.53 -36.96 -39.73
CA ALA B 432 7.45 -36.58 -40.63
C ALA B 432 7.97 -35.86 -41.88
N ASN B 433 9.02 -35.06 -41.71
CA ASN B 433 9.69 -34.39 -42.83
C ASN B 433 10.44 -35.37 -43.73
N ARG B 434 11.13 -36.34 -43.12
CA ARG B 434 11.82 -37.41 -43.86
C ARG B 434 10.83 -38.32 -44.57
N TYR B 435 9.68 -38.53 -43.94
CA TYR B 435 8.57 -39.29 -44.52
C TYR B 435 8.00 -38.55 -45.74
N PHE B 436 7.75 -37.25 -45.57
CA PHE B 436 7.21 -36.41 -46.63
C PHE B 436 8.13 -36.35 -47.85
N SER B 437 9.44 -36.36 -47.61
CA SER B 437 10.43 -36.30 -48.69
C SER B 437 10.54 -37.62 -49.45
N ALA B 438 10.54 -38.73 -48.71
CA ALA B 438 10.67 -40.06 -49.29
C ALA B 438 9.44 -40.47 -50.12
N GLN B 439 8.26 -39.99 -49.70
CA GLN B 439 7.01 -40.36 -50.35
C GLN B 439 6.75 -39.59 -51.66
N GLU B 440 7.40 -38.43 -51.80
CA GLU B 440 7.30 -37.58 -52.99
C GLU B 440 5.85 -37.32 -53.46
N PRO B 441 5.04 -36.64 -52.63
CA PRO B 441 3.64 -36.38 -53.01
C PRO B 441 3.50 -35.39 -54.17
N TRP B 442 4.54 -34.59 -54.41
CA TRP B 442 4.57 -33.67 -55.55
C TRP B 442 4.73 -34.43 -56.88
N VAL B 443 5.24 -35.65 -56.81
CA VAL B 443 5.33 -36.54 -57.97
C VAL B 443 4.03 -37.32 -58.12
N LEU B 444 3.48 -37.80 -57.00
CA LEU B 444 2.27 -38.62 -56.99
C LEU B 444 1.01 -37.87 -57.45
N ARG B 445 0.99 -36.55 -57.23
CA ARG B 445 -0.15 -35.72 -57.60
C ARG B 445 -0.31 -35.57 -59.11
N LYS B 446 0.81 -35.66 -59.84
CA LYS B 446 0.82 -35.48 -61.30
C LYS B 446 0.71 -36.81 -62.06
N SER B 447 0.64 -37.91 -61.32
CA SER B 447 0.59 -39.25 -61.93
C SER B 447 -0.78 -39.61 -62.49
N ASP B 448 -0.76 -40.42 -63.54
CA ASP B 448 -1.99 -40.88 -64.21
C ASP B 448 -2.64 -42.05 -63.48
N ALA B 449 -1.81 -42.87 -62.84
CA ALA B 449 -2.27 -44.09 -62.17
C ALA B 449 -3.13 -43.81 -60.93
N ALA B 450 -4.17 -44.61 -60.75
CA ALA B 450 -5.07 -44.49 -59.61
C ALA B 450 -4.41 -44.91 -58.30
N GLU B 451 -3.44 -45.83 -58.39
CA GLU B 451 -2.64 -46.28 -57.26
C GLU B 451 -1.89 -45.11 -56.63
N ASP B 452 -1.30 -44.27 -57.47
CA ASP B 452 -0.51 -43.12 -57.03
C ASP B 452 -1.39 -41.99 -56.47
N GLN B 453 -2.57 -41.83 -57.05
CA GLN B 453 -3.50 -40.78 -56.61
C GLN B 453 -4.13 -41.09 -55.25
N GLN B 454 -4.31 -42.37 -54.96
CA GLN B 454 -4.79 -42.81 -53.65
C GLN B 454 -3.66 -42.71 -52.63
N ARG B 455 -2.43 -42.99 -53.07
CA ARG B 455 -1.24 -42.90 -52.24
C ARG B 455 -0.95 -41.45 -51.85
N PHE B 456 -1.20 -40.54 -52.79
CA PHE B 456 -1.07 -39.09 -52.57
C PHE B 456 -1.99 -38.59 -51.45
N ARG B 457 -3.21 -39.13 -51.41
CA ARG B 457 -4.19 -38.77 -50.39
C ARG B 457 -3.85 -39.35 -49.02
N THR B 458 -3.33 -40.58 -49.01
CA THR B 458 -2.94 -41.26 -47.78
C THR B 458 -1.73 -40.59 -47.11
N VAL B 459 -0.74 -40.23 -47.93
CA VAL B 459 0.47 -39.56 -47.44
C VAL B 459 0.14 -38.19 -46.84
N LEU B 460 -0.77 -37.47 -47.49
CA LEU B 460 -1.20 -36.16 -46.99
C LEU B 460 -2.06 -36.26 -45.74
N TYR B 461 -2.92 -37.28 -45.66
CA TYR B 461 -3.70 -37.54 -44.45
C TYR B 461 -2.78 -37.81 -43.26
N THR B 462 -1.80 -38.70 -43.48
CA THR B 462 -0.85 -39.10 -42.44
C THR B 462 -0.02 -37.91 -41.95
N THR B 463 0.41 -37.06 -42.89
CA THR B 463 1.19 -35.86 -42.59
C THR B 463 0.40 -34.87 -41.74
N LEU B 464 -0.85 -34.62 -42.12
CA LEU B 464 -1.72 -33.70 -41.40
C LEU B 464 -2.05 -34.18 -39.98
N GLU B 465 -2.21 -35.50 -39.84
CA GLU B 465 -2.49 -36.11 -38.55
C GLU B 465 -1.33 -35.93 -37.56
N VAL B 466 -0.11 -36.09 -38.05
CA VAL B 466 1.09 -35.85 -37.24
C VAL B 466 1.17 -34.38 -36.82
N VAL B 467 0.93 -33.48 -37.77
CA VAL B 467 0.92 -32.04 -37.52
C VAL B 467 -0.17 -31.65 -36.50
N ARG B 468 -1.33 -32.29 -36.61
CA ARG B 468 -2.42 -32.08 -35.66
C ARG B 468 -2.02 -32.45 -34.23
N ILE B 469 -1.42 -33.63 -34.07
CA ILE B 469 -1.00 -34.12 -32.76
C ILE B 469 0.07 -33.20 -32.14
N ALA B 470 1.04 -32.80 -32.96
CA ALA B 470 2.09 -31.87 -32.54
C ALA B 470 1.51 -30.53 -32.11
N SER B 471 0.58 -30.00 -32.91
CA SER B 471 -0.05 -28.71 -32.63
C SER B 471 -0.81 -28.69 -31.31
N LEU B 472 -1.56 -29.76 -31.05
CA LEU B 472 -2.31 -29.90 -29.80
C LEU B 472 -1.39 -29.96 -28.58
N LEU B 473 -0.24 -30.63 -28.73
CA LEU B 473 0.73 -30.80 -27.65
C LEU B 473 1.59 -29.58 -27.40
N LEU B 474 1.75 -28.75 -28.42
CA LEU B 474 2.58 -27.54 -28.33
C LEU B 474 1.82 -26.31 -27.83
N GLN B 475 0.51 -26.48 -27.62
CA GLN B 475 -0.36 -25.40 -27.10
C GLN B 475 0.15 -24.72 -25.82
N PRO B 476 0.63 -25.51 -24.83
CA PRO B 476 1.15 -24.89 -23.61
C PRO B 476 2.39 -24.03 -23.83
N VAL B 477 3.20 -24.37 -24.83
CA VAL B 477 4.43 -23.65 -25.12
C VAL B 477 4.17 -22.41 -25.99
N MET B 478 3.35 -22.57 -27.03
CA MET B 478 3.05 -21.50 -27.98
C MET B 478 1.54 -21.37 -28.24
N PRO B 479 0.81 -20.71 -27.31
CA PRO B 479 -0.65 -20.66 -27.34
C PRO B 479 -1.30 -20.11 -28.61
N GLU B 480 -0.85 -18.93 -29.06
CA GLU B 480 -1.48 -18.24 -30.19
C GLU B 480 -1.18 -18.89 -31.55
N SER B 481 0.07 -19.31 -31.74
CA SER B 481 0.50 -19.93 -33.00
C SER B 481 -0.17 -21.28 -33.23
N THR B 482 -0.26 -22.09 -32.18
CA THR B 482 -0.92 -23.40 -32.26
C THR B 482 -2.42 -23.27 -32.48
N ALA B 483 -3.01 -22.22 -31.92
CA ALA B 483 -4.43 -21.91 -32.14
C ALA B 483 -4.73 -21.65 -33.61
N LYS B 484 -3.86 -20.87 -34.27
CA LYS B 484 -3.97 -20.59 -35.69
C LYS B 484 -3.69 -21.82 -36.54
N LEU B 485 -2.71 -22.62 -36.11
CA LEU B 485 -2.33 -23.85 -36.80
C LEU B 485 -3.45 -24.89 -36.73
N LEU B 486 -4.14 -24.95 -35.60
CA LEU B 486 -5.29 -25.84 -35.43
C LEU B 486 -6.52 -25.36 -36.20
N ASP B 487 -6.61 -24.05 -36.42
CA ASP B 487 -7.65 -23.47 -37.28
C ASP B 487 -7.51 -23.96 -38.71
N LEU B 488 -6.26 -23.97 -39.20
CA LEU B 488 -5.95 -24.41 -40.56
C LEU B 488 -6.12 -25.92 -40.74
N LEU B 489 -6.10 -26.65 -39.62
CA LEU B 489 -6.31 -28.09 -39.63
C LEU B 489 -7.78 -28.46 -39.42
N GLY B 490 -8.63 -27.43 -39.32
CA GLY B 490 -10.07 -27.61 -39.21
C GLY B 490 -10.54 -28.21 -37.89
N GLN B 491 -9.69 -28.10 -36.87
CA GLN B 491 -10.01 -28.63 -35.54
C GLN B 491 -11.00 -27.72 -34.82
N PRO B 492 -12.13 -28.29 -34.37
CA PRO B 492 -13.14 -27.55 -33.59
C PRO B 492 -12.55 -27.02 -32.29
N THR B 493 -13.00 -25.83 -31.88
CA THR B 493 -12.47 -25.15 -30.69
C THR B 493 -12.82 -25.88 -29.38
N ASP B 494 -13.94 -26.59 -29.38
CA ASP B 494 -14.36 -27.38 -28.22
C ASP B 494 -13.71 -28.77 -28.17
N GLU B 495 -12.84 -29.06 -29.15
CA GLU B 495 -12.11 -30.32 -29.19
C GLU B 495 -10.60 -30.05 -29.30
N ARG B 496 -10.07 -29.33 -28.32
CA ARG B 496 -8.65 -28.94 -28.32
C ARG B 496 -7.91 -29.29 -27.01
N ASP B 497 -8.58 -30.05 -26.14
CA ASP B 497 -7.93 -30.65 -24.97
C ASP B 497 -7.10 -31.85 -25.43
N PHE B 498 -6.24 -32.36 -24.55
CA PHE B 498 -5.39 -33.50 -24.89
C PHE B 498 -6.15 -34.79 -25.19
N SER B 499 -7.43 -34.83 -24.78
CA SER B 499 -8.31 -35.96 -25.06
C SER B 499 -8.62 -36.09 -26.55
N ALA B 500 -8.54 -34.99 -27.28
CA ALA B 500 -8.80 -34.95 -28.72
C ALA B 500 -7.70 -35.61 -29.55
N ILE B 501 -6.53 -35.80 -28.95
CA ILE B 501 -5.39 -36.45 -29.61
C ILE B 501 -5.70 -37.88 -30.01
N ALA B 502 -6.46 -38.58 -29.16
CA ALA B 502 -6.88 -39.97 -29.41
C ALA B 502 -7.81 -40.10 -30.63
N ASN B 503 -8.56 -39.03 -30.93
CA ASN B 503 -9.48 -39.01 -32.06
C ASN B 503 -8.82 -38.52 -33.34
N ARG B 504 -8.66 -39.43 -34.30
CA ARG B 504 -8.01 -39.13 -35.58
C ARG B 504 -8.71 -38.01 -36.34
N ILE B 505 -7.94 -37.25 -37.11
CA ILE B 505 -8.48 -36.17 -37.94
C ILE B 505 -9.51 -36.73 -38.93
N LYS B 506 -10.65 -36.06 -39.03
CA LYS B 506 -11.77 -36.55 -39.83
C LYS B 506 -11.63 -36.17 -41.31
N PRO B 507 -11.70 -37.18 -42.20
CA PRO B 507 -11.69 -36.91 -43.64
C PRO B 507 -12.95 -36.17 -44.08
N GLY B 508 -12.79 -35.21 -44.99
CA GLY B 508 -13.89 -34.40 -45.48
C GLY B 508 -14.06 -33.08 -44.76
N THR B 509 -13.36 -32.91 -43.65
CA THR B 509 -13.40 -31.67 -42.86
C THR B 509 -12.83 -30.51 -43.67
N SER B 510 -13.60 -29.42 -43.73
CA SER B 510 -13.22 -28.23 -44.50
C SER B 510 -12.06 -27.49 -43.84
N LEU B 511 -11.09 -27.10 -44.67
CA LEU B 511 -9.92 -26.36 -44.21
C LEU B 511 -9.84 -24.98 -44.87
N PRO B 512 -9.66 -23.93 -44.06
CA PRO B 512 -9.52 -22.57 -44.57
C PRO B 512 -8.18 -22.36 -45.29
N ALA B 513 -8.10 -21.30 -46.08
CA ALA B 513 -6.90 -20.97 -46.85
C ALA B 513 -5.66 -20.85 -45.96
N PRO B 514 -4.62 -21.64 -46.25
CA PRO B 514 -3.42 -21.69 -45.41
C PRO B 514 -2.41 -20.60 -45.71
N SER B 515 -1.89 -19.99 -44.65
CA SER B 515 -0.81 -19.01 -44.74
C SER B 515 0.29 -19.35 -43.74
N GLY B 516 1.43 -18.68 -43.86
CA GLY B 516 2.56 -18.90 -42.97
C GLY B 516 2.26 -18.55 -41.52
N ILE B 517 2.66 -19.45 -40.62
CA ILE B 517 2.45 -19.27 -39.18
C ILE B 517 3.75 -18.84 -38.49
N PHE B 518 4.86 -19.47 -38.88
CA PHE B 518 6.17 -19.17 -38.31
C PHE B 518 7.08 -18.54 -39.37
N PRO B 519 7.11 -17.20 -39.43
CA PRO B 519 7.92 -16.50 -40.43
C PRO B 519 9.41 -16.54 -40.11
N ARG B 520 10.23 -16.52 -41.16
CA ARG B 520 11.68 -16.52 -41.01
C ARG B 520 12.16 -15.12 -40.65
N TYR B 521 13.06 -15.04 -39.67
CA TYR B 521 13.61 -13.76 -39.21
C TYR B 521 14.65 -13.22 -40.19
N SER C 11 34.41 25.98 41.82
CA SER C 11 33.88 24.78 41.11
C SER C 11 33.22 23.81 42.09
N GLU C 12 32.07 24.23 42.62
CA GLU C 12 31.36 23.50 43.66
C GLU C 12 30.77 22.19 43.13
N PRO C 13 30.92 21.10 43.89
CA PRO C 13 30.30 19.83 43.51
C PRO C 13 28.78 19.88 43.56
N PHE C 14 28.14 19.12 42.67
CA PHE C 14 26.69 18.98 42.65
C PHE C 14 26.34 17.53 42.31
N TYR C 15 25.72 16.84 43.26
CA TYR C 15 25.37 15.44 43.08
C TYR C 15 23.86 15.26 43.00
N ILE C 16 23.41 14.78 41.84
CA ILE C 16 21.99 14.58 41.57
C ILE C 16 21.72 13.12 41.16
N THR C 17 20.56 12.62 41.57
CA THR C 17 20.18 11.24 41.29
C THR C 17 18.72 11.15 40.82
N THR C 18 18.39 10.06 40.13
CA THR C 18 17.01 9.70 39.86
C THR C 18 16.67 8.45 40.66
N ALA C 19 15.38 8.16 40.79
CA ALA C 19 14.94 6.87 41.29
C ALA C 19 15.38 5.80 40.29
N ILE C 20 15.79 4.64 40.81
CA ILE C 20 16.19 3.53 39.96
C ILE C 20 14.99 2.61 39.70
N ALA C 21 14.65 2.42 38.42
CA ALA C 21 13.43 1.73 38.03
C ALA C 21 13.48 0.21 38.21
N TYR C 22 12.35 -0.37 38.62
CA TYR C 22 12.14 -1.80 38.51
C TYR C 22 12.01 -2.13 37.02
N PRO C 23 12.90 -2.98 36.49
CA PRO C 23 12.82 -3.33 35.09
C PRO C 23 11.93 -4.56 34.84
N ASN C 24 10.71 -4.55 35.37
CA ASN C 24 9.77 -5.63 35.16
C ASN C 24 9.25 -5.69 33.72
N GLY C 25 8.93 -4.52 33.17
CA GLY C 25 8.43 -4.42 31.80
C GLY C 25 9.15 -3.36 30.99
N VAL C 26 8.49 -2.87 29.94
CA VAL C 26 9.04 -1.82 29.09
C VAL C 26 9.01 -0.46 29.81
N PRO C 27 9.94 0.44 29.46
CA PRO C 27 9.86 1.80 30.02
C PRO C 27 8.74 2.59 29.36
N HIS C 28 8.06 3.41 30.15
CA HIS C 28 6.98 4.25 29.63
C HIS C 28 7.27 5.75 29.82
N ILE C 29 6.28 6.57 29.52
CA ILE C 29 6.43 8.03 29.52
C ILE C 29 6.83 8.61 30.88
N GLY C 30 6.34 8.01 31.96
CA GLY C 30 6.65 8.45 33.31
C GLY C 30 8.12 8.33 33.68
N HIS C 31 8.76 7.25 33.21
CA HIS C 31 10.19 7.07 33.37
C HIS C 31 10.96 8.15 32.60
N ALA C 32 10.60 8.31 31.33
CA ALA C 32 11.22 9.31 30.45
C ALA C 32 11.09 10.72 31.00
N TYR C 33 9.93 11.01 31.58
CA TYR C 33 9.64 12.30 32.21
C TYR C 33 10.65 12.62 33.30
N GLU C 34 10.87 11.66 34.20
CA GLU C 34 11.81 11.83 35.31
C GLU C 34 13.25 12.00 34.83
N TYR C 35 13.64 11.23 33.82
CA TYR C 35 15.02 11.27 33.31
C TYR C 35 15.34 12.60 32.63
N ILE C 36 14.42 13.08 31.79
CA ILE C 36 14.59 14.35 31.07
C ILE C 36 14.65 15.53 32.06
N ALA C 37 13.76 15.52 33.04
CA ALA C 37 13.71 16.56 34.06
C ALA C 37 15.03 16.64 34.85
N THR C 38 15.54 15.48 35.25
CA THR C 38 16.80 15.39 35.98
C THR C 38 17.98 15.77 35.09
N ASP C 39 17.93 15.36 33.82
CA ASP C 39 18.96 15.71 32.85
C ASP C 39 19.08 17.22 32.66
N ALA C 40 17.94 17.90 32.59
CA ALA C 40 17.90 19.35 32.42
C ALA C 40 18.59 20.08 33.56
N ILE C 41 18.38 19.61 34.79
CA ILE C 41 19.01 20.20 35.98
C ILE C 41 20.52 19.92 35.99
N ALA C 42 20.91 18.67 35.75
CA ALA C 42 22.32 18.30 35.67
C ALA C 42 23.06 19.10 34.58
N ARG C 43 22.44 19.22 33.42
CA ARG C 43 23.01 20.00 32.30
C ARG C 43 23.11 21.49 32.62
N PHE C 44 22.10 22.02 33.32
CA PHE C 44 22.11 23.41 33.75
C PHE C 44 23.28 23.70 34.68
N LYS C 45 23.48 22.82 35.66
CA LYS C 45 24.54 22.97 36.66
C LYS C 45 25.93 22.90 36.03
N ARG C 46 26.11 22.02 35.05
CA ARG C 46 27.37 21.93 34.31
C ARG C 46 27.68 23.21 33.55
N LEU C 47 26.66 23.81 32.95
CA LEU C 47 26.79 25.05 32.18
C LEU C 47 26.90 26.28 33.10
N ASP C 48 26.52 26.11 34.36
CA ASP C 48 26.59 27.19 35.34
C ASP C 48 27.88 27.12 36.16
N GLY C 49 28.73 26.14 35.85
CA GLY C 49 30.07 26.05 36.43
C GLY C 49 30.29 25.02 37.52
N TYR C 50 29.30 24.14 37.74
CA TYR C 50 29.37 23.14 38.81
C TYR C 50 30.08 21.86 38.39
N ASP C 51 30.68 21.17 39.36
CA ASP C 51 31.25 19.85 39.18
C ASP C 51 30.18 18.81 39.48
N VAL C 52 29.56 18.28 38.42
CA VAL C 52 28.36 17.46 38.53
C VAL C 52 28.62 15.96 38.46
N ARG C 53 28.03 15.23 39.40
CA ARG C 53 27.85 13.79 39.26
C ARG C 53 26.36 13.47 39.12
N TYR C 54 26.02 12.70 38.08
CA TYR C 54 24.65 12.38 37.72
C TYR C 54 24.48 10.86 37.76
N LEU C 55 23.73 10.37 38.74
CA LEU C 55 23.47 8.92 38.86
C LEU C 55 22.04 8.55 38.48
N THR C 56 21.91 7.46 37.73
CA THR C 56 20.61 6.88 37.37
C THR C 56 20.80 5.38 37.20
N GLY C 57 19.71 4.64 36.96
CA GLY C 57 19.83 3.22 36.66
C GLY C 57 18.62 2.36 36.94
N THR C 58 18.86 1.12 37.38
CA THR C 58 17.80 0.15 37.60
C THR C 58 17.89 -0.57 38.94
N ASP C 59 16.73 -0.95 39.46
CA ASP C 59 16.57 -1.64 40.73
C ASP C 59 16.12 -3.08 40.44
N VAL C 60 17.08 -4.01 40.40
CA VAL C 60 16.85 -5.33 39.81
C VAL C 60 16.30 -6.43 40.73
N HIS C 61 16.44 -6.26 42.04
CA HIS C 61 15.99 -7.29 42.98
C HIS C 61 14.52 -7.14 43.37
N GLY C 62 14.06 -7.96 44.30
CA GLY C 62 12.69 -7.89 44.82
C GLY C 62 11.82 -9.06 44.40
N GLN C 63 10.74 -9.26 45.15
CA GLN C 63 9.80 -10.35 44.93
C GLN C 63 9.07 -10.23 43.59
N LYS C 64 8.70 -9.02 43.22
CA LYS C 64 7.93 -8.78 41.99
C LYS C 64 8.77 -9.00 40.73
N MET C 65 10.06 -8.71 40.80
CA MET C 65 11.00 -9.01 39.72
C MET C 65 11.16 -10.52 39.55
N ALA C 66 11.18 -11.25 40.66
CA ALA C 66 11.26 -12.71 40.65
C ALA C 66 10.02 -13.34 40.03
N GLU C 67 8.85 -12.76 40.33
CA GLU C 67 7.57 -13.24 39.80
C GLU C 67 7.42 -13.00 38.30
N THR C 68 7.87 -11.83 37.84
CA THR C 68 7.85 -11.49 36.42
C THR C 68 8.77 -12.43 35.63
N ALA C 69 9.93 -12.73 36.20
CA ALA C 69 10.90 -13.65 35.61
C ALA C 69 10.35 -15.08 35.50
N ALA C 70 9.63 -15.50 36.54
CA ALA C 70 9.01 -16.82 36.59
C ALA C 70 7.96 -17.00 35.49
N LYS C 71 7.10 -15.99 35.33
CA LYS C 71 6.04 -16.03 34.32
C LYS C 71 6.56 -16.08 32.89
N GLU C 72 7.77 -15.58 32.67
CA GLU C 72 8.39 -15.57 31.34
C GLU C 72 9.34 -16.75 31.10
N GLY C 73 9.56 -17.57 32.13
CA GLY C 73 10.44 -18.74 32.03
C GLY C 73 11.90 -18.37 31.89
N ILE C 74 12.29 -17.33 32.62
CA ILE C 74 13.64 -16.77 32.55
C ILE C 74 14.17 -16.59 33.97
N PRO C 75 15.44 -16.98 34.24
CA PRO C 75 16.04 -16.71 35.54
C PRO C 75 16.08 -15.21 35.85
N ALA C 76 15.84 -14.86 37.11
CA ALA C 76 15.74 -13.46 37.53
C ALA C 76 16.92 -12.59 37.11
N ALA C 77 18.14 -13.14 37.25
CA ALA C 77 19.36 -12.44 36.87
C ALA C 77 19.44 -12.11 35.37
N GLU C 78 18.93 -13.03 34.54
CA GLU C 78 18.92 -12.81 33.09
C GLU C 78 17.90 -11.74 32.70
N LEU C 79 16.70 -11.81 33.26
CA LEU C 79 15.67 -10.81 33.04
C LEU C 79 16.17 -9.43 33.49
N ALA C 80 16.84 -9.40 34.63
CA ALA C 80 17.41 -8.17 35.18
C ALA C 80 18.39 -7.52 34.21
N ARG C 81 19.26 -8.33 33.61
CA ARG C 81 20.27 -7.83 32.66
C ARG C 81 19.63 -7.33 31.36
N ARG C 82 18.76 -8.15 30.77
CA ARG C 82 18.18 -7.85 29.46
C ARG C 82 17.18 -6.68 29.50
N ASN C 83 16.35 -6.63 30.54
CA ASN C 83 15.40 -5.53 30.71
C ASN C 83 16.04 -4.21 31.13
N SER C 84 17.17 -4.30 31.85
CA SER C 84 17.94 -3.09 32.22
C SER C 84 18.58 -2.45 31.00
N ASP C 85 19.05 -3.28 30.07
CA ASP C 85 19.61 -2.82 28.80
C ASP C 85 18.61 -1.95 28.03
N VAL C 86 17.34 -2.34 28.04
CA VAL C 86 16.27 -1.58 27.40
C VAL C 86 16.14 -0.19 28.03
N PHE C 87 16.17 -0.13 29.36
CA PHE C 87 16.12 1.12 30.10
C PHE C 87 17.34 2.01 29.82
N GLN C 88 18.52 1.41 29.74
CA GLN C 88 19.75 2.16 29.43
C GLN C 88 19.72 2.68 28.00
N ARG C 89 19.23 1.86 27.06
CA ARG C 89 19.11 2.27 25.66
C ARG C 89 18.12 3.42 25.47
N LEU C 90 17.06 3.44 26.29
CA LEU C 90 16.11 4.56 26.28
C LEU C 90 16.79 5.85 26.71
N GLN C 91 17.53 5.79 27.82
CA GLN C 91 18.24 6.96 28.34
C GLN C 91 19.28 7.48 27.35
N GLU C 92 19.89 6.57 26.59
CA GLU C 92 20.80 6.94 25.51
C GLU C 92 20.05 7.65 24.38
N LYS C 93 18.87 7.14 24.03
CA LYS C 93 18.03 7.75 23.01
C LYS C 93 17.46 9.11 23.43
N LEU C 94 17.26 9.28 24.74
CA LEU C 94 16.77 10.54 25.29
C LEU C 94 17.88 11.57 25.50
N ASN C 95 19.11 11.20 25.17
CA ASN C 95 20.30 12.04 25.32
C ASN C 95 20.56 12.44 26.78
N ILE C 96 20.41 11.47 27.68
CA ILE C 96 20.64 11.69 29.11
C ILE C 96 22.13 11.67 29.43
N SER C 97 22.60 12.71 30.11
CA SER C 97 24.02 12.91 30.36
C SER C 97 24.52 12.32 31.69
N PHE C 98 23.99 11.15 32.05
CA PHE C 98 24.41 10.47 33.29
C PHE C 98 25.88 10.10 33.26
N ASP C 99 26.50 10.08 34.44
CA ASP C 99 27.91 9.72 34.57
C ASP C 99 28.07 8.22 34.83
N ARG C 100 27.05 7.62 35.43
CA ARG C 100 27.00 6.17 35.63
C ARG C 100 25.57 5.66 35.59
N PHE C 101 25.36 4.57 34.87
CA PHE C 101 24.11 3.83 34.90
C PHE C 101 24.30 2.66 35.86
N ILE C 102 23.78 2.82 37.08
CA ILE C 102 23.95 1.82 38.13
C ILE C 102 22.89 0.72 38.08
N ARG C 103 23.32 -0.51 38.32
CA ARG C 103 22.40 -1.63 38.49
C ARG C 103 22.69 -2.26 39.85
N THR C 104 21.65 -2.61 40.59
CA THR C 104 21.81 -3.15 41.94
C THR C 104 22.44 -4.55 41.94
N SER C 105 22.64 -5.09 40.75
CA SER C 105 23.36 -6.36 40.56
C SER C 105 24.87 -6.16 40.54
N ASP C 106 25.32 -4.92 40.42
CA ASP C 106 26.74 -4.58 40.39
C ASP C 106 27.46 -5.06 41.65
N ALA C 107 28.69 -5.51 41.48
CA ALA C 107 29.51 -6.07 42.57
C ALA C 107 29.75 -5.06 43.70
N ASP C 108 30.06 -3.82 43.33
CA ASP C 108 30.33 -2.77 44.33
C ASP C 108 29.08 -2.37 45.11
N HIS C 109 27.91 -2.58 44.51
CA HIS C 109 26.64 -2.33 45.18
C HIS C 109 26.37 -3.37 46.27
N TYR C 110 26.77 -4.61 46.02
CA TYR C 110 26.69 -5.67 47.02
C TYR C 110 27.53 -5.33 48.25
N GLU C 111 28.76 -4.87 48.01
CA GLU C 111 29.65 -4.42 49.07
C GLU C 111 29.04 -3.28 49.88
N ALA C 112 28.52 -2.27 49.17
CA ALA C 112 27.93 -1.10 49.79
C ALA C 112 26.69 -1.45 50.63
N SER C 113 25.87 -2.36 50.10
CA SER C 113 24.68 -2.83 50.80
C SER C 113 25.04 -3.57 52.08
N LYS C 114 26.06 -4.41 52.00
CA LYS C 114 26.54 -5.18 53.15
C LYS C 114 27.13 -4.28 54.22
N ALA C 115 27.79 -3.20 53.78
CA ALA C 115 28.45 -2.25 54.69
C ALA C 115 27.46 -1.37 55.45
N ILE C 116 26.41 -0.91 54.78
CA ILE C 116 25.39 -0.09 55.46
C ILE C 116 24.55 -0.92 56.42
N TRP C 117 24.34 -2.19 56.08
CA TRP C 117 23.66 -3.13 56.97
C TRP C 117 24.50 -3.34 58.24
N LYS C 118 25.80 -3.50 58.05
CA LYS C 118 26.75 -3.69 59.15
C LYS C 118 26.77 -2.48 60.08
N ARG C 119 26.73 -1.28 59.50
CA ARG C 119 26.74 -0.03 60.26
C ARG C 119 25.50 0.11 61.15
N MET C 120 24.35 -0.24 60.58
CA MET C 120 23.06 -0.14 61.28
C MET C 120 22.92 -1.19 62.38
N ALA C 121 23.44 -2.40 62.12
CA ALA C 121 23.42 -3.49 63.09
C ALA C 121 24.37 -3.23 64.26
N ASP C 122 25.56 -2.68 63.96
CA ASP C 122 26.53 -2.30 64.98
C ASP C 122 26.03 -1.14 65.85
N ALA C 123 25.14 -0.32 65.27
CA ALA C 123 24.53 0.79 65.99
C ALA C 123 23.39 0.32 66.91
N GLY C 124 23.01 -0.95 66.75
CA GLY C 124 21.97 -1.56 67.59
C GLY C 124 20.56 -1.37 67.06
N ASP C 125 20.43 -1.11 65.78
CA ASP C 125 19.13 -0.80 65.17
C ASP C 125 18.50 -1.95 64.37
N ILE C 126 19.18 -3.09 64.33
CA ILE C 126 18.66 -4.29 63.66
C ILE C 126 18.48 -5.45 64.63
N TYR C 127 17.24 -5.95 64.71
CA TYR C 127 16.91 -7.09 65.59
C TYR C 127 16.00 -8.09 64.89
N LEU C 128 16.01 -9.33 65.36
CA LEU C 128 15.20 -10.41 64.80
C LEU C 128 13.87 -10.57 65.55
N ASP C 129 12.77 -10.64 64.80
CA ASP C 129 11.43 -10.81 65.37
C ASP C 129 10.43 -11.39 64.35
N ALA C 130 9.19 -11.56 64.78
CA ALA C 130 8.12 -12.11 63.94
C ALA C 130 7.40 -11.03 63.12
N TYR C 131 7.01 -11.39 61.91
CA TYR C 131 6.36 -10.48 60.97
C TYR C 131 5.04 -11.05 60.48
N THR C 168 -0.58 -15.70 57.67
CA THR C 168 0.83 -15.56 57.27
C THR C 168 1.73 -15.16 58.44
N GLU C 169 2.87 -15.84 58.55
CA GLU C 169 3.85 -15.58 59.59
C GLU C 169 5.26 -15.80 59.06
N GLU C 170 6.16 -14.88 59.39
CA GLU C 170 7.54 -14.93 58.90
C GLU C 170 8.52 -14.38 59.95
N GLN C 171 9.67 -15.04 60.06
CA GLN C 171 10.75 -14.60 60.95
C GLN C 171 11.71 -13.69 60.17
N THR C 172 11.63 -12.38 60.39
CA THR C 172 12.44 -11.41 59.66
C THR C 172 13.16 -10.41 60.56
N TYR C 173 14.22 -9.81 60.03
CA TYR C 173 14.92 -8.72 60.72
C TYR C 173 14.15 -7.41 60.61
N PHE C 174 14.26 -6.60 61.66
CA PHE C 174 13.54 -5.33 61.75
C PHE C 174 14.49 -4.16 61.99
N PHE C 175 14.18 -3.03 61.36
CA PHE C 175 14.89 -1.78 61.63
C PHE C 175 14.09 -0.94 62.63
N ARG C 176 14.79 -0.39 63.61
CA ARG C 176 14.16 0.37 64.69
C ARG C 176 13.71 1.77 64.24
N LEU C 177 12.68 1.81 63.39
CA LEU C 177 12.16 3.07 62.85
C LEU C 177 11.42 3.88 63.93
N SER C 178 10.84 3.17 64.90
CA SER C 178 10.15 3.79 66.04
C SER C 178 11.07 4.65 66.91
N ALA C 179 12.38 4.39 66.81
CA ALA C 179 13.38 5.12 67.58
C ALA C 179 13.75 6.48 66.97
N TYR C 180 13.35 6.70 65.71
CA TYR C 180 13.78 7.89 64.96
C TYR C 180 12.66 8.87 64.63
N THR C 181 11.46 8.60 65.15
CA THR C 181 10.26 9.40 64.86
C THR C 181 10.47 10.90 65.11
N ASP C 182 10.84 11.26 66.34
CA ASP C 182 10.99 12.67 66.73
C ASP C 182 12.21 13.33 66.13
N ARG C 183 13.25 12.55 65.87
CA ARG C 183 14.46 13.04 65.20
C ARG C 183 14.19 13.37 63.73
N LEU C 184 13.30 12.60 63.10
CA LEU C 184 12.84 12.87 61.75
C LEU C 184 11.97 14.13 61.71
N LEU C 185 11.11 14.28 62.71
CA LEU C 185 10.25 15.46 62.84
C LEU C 185 11.07 16.74 63.06
N ALA C 186 12.18 16.60 63.80
CA ALA C 186 13.11 17.71 64.03
C ALA C 186 13.84 18.09 62.75
N LEU C 187 14.09 17.10 61.89
CA LEU C 187 14.70 17.33 60.58
C LEU C 187 13.80 18.15 59.67
N TYR C 188 12.51 17.81 59.63
CA TYR C 188 11.54 18.50 58.78
C TYR C 188 11.34 19.96 59.19
N GLU C 189 11.34 20.20 60.50
CA GLU C 189 11.15 21.54 61.05
C GLU C 189 12.37 22.45 60.79
N GLU C 190 13.56 21.92 61.08
CA GLU C 190 14.81 22.66 60.93
C GLU C 190 15.22 22.82 59.46
N HIS C 191 14.99 21.77 58.66
CA HIS C 191 15.36 21.78 57.25
C HIS C 191 14.14 21.52 56.35
N PRO C 192 13.29 22.55 56.14
CA PRO C 192 12.10 22.37 55.31
C PRO C 192 12.43 22.12 53.83
N GLU C 193 13.65 22.44 53.42
CA GLU C 193 14.12 22.21 52.06
C GLU C 193 14.35 20.72 51.76
N PHE C 194 14.40 19.92 52.82
CA PHE C 194 14.62 18.47 52.71
C PHE C 194 13.55 17.77 51.87
N ILE C 195 12.33 18.30 51.89
CA ILE C 195 11.23 17.76 51.10
C ILE C 195 10.56 18.84 50.24
N GLY C 196 10.44 18.55 48.95
CA GLY C 196 9.75 19.44 48.01
C GLY C 196 8.79 18.67 47.11
N PRO C 197 7.67 19.29 46.70
CA PRO C 197 7.23 20.63 47.10
C PRO C 197 6.59 20.67 48.49
N ASP C 198 6.19 21.87 48.92
CA ASP C 198 5.65 22.11 50.27
C ASP C 198 4.49 21.19 50.66
N ALA C 199 3.53 21.03 49.76
CA ALA C 199 2.35 20.19 50.02
C ALA C 199 2.75 18.76 50.36
N ARG C 200 3.82 18.29 49.73
CA ARG C 200 4.31 16.93 49.94
C ARG C 200 5.04 16.80 51.29
N ARG C 201 5.67 17.89 51.74
CA ARG C 201 6.33 17.91 53.05
C ARG C 201 5.30 17.88 54.17
N ASN C 202 4.19 18.58 53.99
CA ASN C 202 3.10 18.61 54.96
C ASN C 202 2.48 17.24 55.17
N GLU C 203 2.38 16.46 54.09
CA GLU C 203 1.86 15.09 54.14
C GLU C 203 2.79 14.15 54.93
N ILE C 204 4.10 14.31 54.73
CA ILE C 204 5.09 13.50 55.43
C ILE C 204 5.13 13.84 56.93
N VAL C 205 5.10 15.13 57.26
CA VAL C 205 5.03 15.58 58.65
C VAL C 205 3.80 14.99 59.33
N SER C 206 2.65 15.07 58.65
CA SER C 206 1.39 14.51 59.15
C SER C 206 1.46 12.99 59.35
N PHE C 207 2.19 12.30 58.47
CA PHE C 207 2.35 10.85 58.57
C PHE C 207 3.25 10.43 59.73
N VAL C 208 4.39 11.10 59.87
CA VAL C 208 5.35 10.79 60.94
C VAL C 208 4.82 11.18 62.33
N SER C 209 4.01 12.24 62.38
CA SER C 209 3.40 12.72 63.64
C SER C 209 2.42 11.72 64.25
N GLY C 210 1.89 10.81 63.42
CA GLY C 210 0.99 9.76 63.89
C GLY C 210 1.71 8.59 64.54
N GLY C 211 3.04 8.63 64.55
CA GLY C 211 3.85 7.57 65.14
C GLY C 211 4.31 6.56 64.12
N LEU C 212 5.56 6.10 64.26
CA LEU C 212 6.13 5.14 63.33
C LEU C 212 6.34 3.78 63.98
N LYS C 213 5.99 2.72 63.24
CA LYS C 213 6.24 1.36 63.66
C LYS C 213 7.54 0.85 63.02
N ASP C 214 8.14 -0.16 63.64
CA ASP C 214 9.38 -0.75 63.12
C ASP C 214 9.17 -1.42 61.76
N LEU C 215 10.23 -1.48 60.96
CA LEU C 215 10.14 -1.92 59.57
C LEU C 215 10.90 -3.22 59.30
N SER C 216 10.19 -4.17 58.69
CA SER C 216 10.80 -5.44 58.27
C SER C 216 11.78 -5.19 57.12
N ILE C 217 13.02 -5.63 57.31
CA ILE C 217 14.10 -5.32 56.36
C ILE C 217 14.81 -6.56 55.79
N SER C 218 14.21 -7.74 55.98
CA SER C 218 14.73 -8.98 55.41
C SER C 218 13.61 -9.89 54.92
N ARG C 219 13.97 -10.84 54.05
CA ARG C 219 13.00 -11.80 53.49
C ARG C 219 13.58 -13.21 53.47
N THR C 220 12.71 -14.21 53.70
CA THR C 220 13.13 -15.61 53.74
C THR C 220 12.40 -16.49 52.72
N THR C 221 11.25 -16.03 52.23
CA THR C 221 10.43 -16.78 51.27
C THR C 221 11.06 -16.90 49.88
N PHE C 222 11.88 -15.92 49.52
CA PHE C 222 12.63 -15.93 48.26
C PHE C 222 14.07 -15.46 48.48
N ASP C 223 14.94 -15.75 47.52
CA ASP C 223 16.36 -15.42 47.65
C ASP C 223 16.90 -14.43 46.60
N TRP C 224 16.00 -13.81 45.84
CA TRP C 224 16.40 -12.83 44.84
C TRP C 224 16.67 -11.48 45.47
N GLY C 225 17.93 -11.26 45.86
CA GLY C 225 18.37 -10.04 46.53
C GLY C 225 19.74 -10.19 47.15
N VAL C 226 20.22 -9.11 47.77
CA VAL C 226 21.51 -9.10 48.44
C VAL C 226 21.42 -9.87 49.76
N PRO C 227 22.27 -10.91 49.94
CA PRO C 227 22.25 -11.71 51.17
C PRO C 227 22.67 -10.89 52.39
N VAL C 228 21.97 -11.11 53.49
CA VAL C 228 22.31 -10.48 54.77
C VAL C 228 23.62 -11.08 55.29
N PRO C 229 24.59 -10.22 55.65
CA PRO C 229 25.88 -10.69 56.19
C PRO C 229 25.69 -11.62 57.39
N ASP C 230 26.41 -12.75 57.35
CA ASP C 230 26.38 -13.78 58.41
C ASP C 230 25.05 -14.53 58.52
N HIS C 231 24.10 -14.20 57.64
CA HIS C 231 22.80 -14.86 57.60
C HIS C 231 22.35 -15.10 56.15
N PRO C 232 22.84 -16.20 55.54
CA PRO C 232 22.57 -16.52 54.13
C PRO C 232 21.11 -16.90 53.87
N ASP C 233 20.39 -17.27 54.91
CA ASP C 233 18.97 -17.59 54.83
C ASP C 233 18.09 -16.35 54.64
N HIS C 234 18.68 -15.18 54.87
CA HIS C 234 17.97 -13.91 54.72
C HIS C 234 18.54 -13.08 53.57
N VAL C 235 17.64 -12.48 52.78
CA VAL C 235 18.03 -11.47 51.81
C VAL C 235 17.45 -10.11 52.22
N MET C 236 18.19 -9.04 51.91
CA MET C 236 17.75 -7.69 52.25
C MET C 236 16.46 -7.33 51.52
N TYR C 237 15.54 -6.69 52.23
CA TYR C 237 14.35 -6.12 51.62
C TYR C 237 14.79 -5.17 50.51
N VAL C 238 14.16 -5.32 49.34
CA VAL C 238 14.58 -4.63 48.12
C VAL C 238 14.88 -3.14 48.33
N TRP C 239 14.05 -2.45 49.11
CA TRP C 239 14.18 -1.02 49.33
C TRP C 239 15.45 -0.59 50.08
N VAL C 240 15.94 -1.45 50.98
CA VAL C 240 17.17 -1.17 51.73
C VAL C 240 18.38 -1.20 50.79
N ASP C 241 18.47 -2.21 49.94
CA ASP C 241 19.56 -2.30 48.98
C ASP C 241 19.38 -1.28 47.85
N ALA C 242 18.12 -0.96 47.52
CA ALA C 242 17.79 0.00 46.46
C ALA C 242 18.27 1.41 46.77
N LEU C 243 17.91 1.90 47.97
CA LEU C 243 18.28 3.25 48.41
C LEU C 243 19.78 3.44 48.55
N THR C 244 20.49 2.34 48.83
CA THR C 244 21.95 2.34 48.98
C THR C 244 22.70 2.66 47.67
N ASN C 245 21.99 2.57 46.54
CA ASN C 245 22.60 2.87 45.24
C ASN C 245 23.18 4.28 45.17
N TYR C 246 22.50 5.22 45.84
CA TYR C 246 22.92 6.61 45.89
C TYR C 246 24.30 6.75 46.54
N LEU C 247 24.57 5.90 47.52
CA LEU C 247 25.88 5.83 48.17
C LEU C 247 26.90 5.10 47.29
N THR C 248 26.46 4.02 46.65
CA THR C 248 27.32 3.22 45.77
C THR C 248 27.87 4.03 44.60
N GLY C 249 27.02 4.88 44.04
CA GLY C 249 27.38 5.70 42.88
C GLY C 249 28.47 6.72 43.12
N VAL C 250 28.89 6.87 44.37
CA VAL C 250 29.95 7.81 44.74
C VAL C 250 31.10 7.21 45.56
N GLY C 251 31.18 5.88 45.60
CA GLY C 251 32.35 5.20 46.16
C GLY C 251 32.19 4.45 47.47
N PHE C 252 31.00 4.53 48.08
CA PHE C 252 30.69 3.79 49.32
C PHE C 252 30.87 2.29 49.08
N PRO C 253 31.46 1.56 50.06
CA PRO C 253 31.81 1.93 51.43
C PRO C 253 33.17 2.60 51.65
N ASP C 254 33.87 2.95 50.56
CA ASP C 254 35.12 3.69 50.68
C ASP C 254 34.81 5.17 50.91
N THR C 255 34.49 5.50 52.17
CA THR C 255 34.12 6.87 52.56
C THR C 255 35.30 7.84 52.53
N GLU C 256 36.50 7.30 52.34
CA GLU C 256 37.73 8.10 52.34
C GLU C 256 38.24 8.37 50.92
N SER C 257 37.50 7.87 49.93
CA SER C 257 37.82 8.12 48.52
C SER C 257 37.47 9.55 48.13
N GLU C 258 38.08 10.04 47.05
CA GLU C 258 37.87 11.41 46.57
C GLU C 258 36.43 11.64 46.11
N SER C 259 35.83 10.62 45.51
CA SER C 259 34.45 10.69 45.02
C SER C 259 33.43 10.89 46.15
N PHE C 260 33.59 10.13 47.23
CA PHE C 260 32.66 10.22 48.36
C PHE C 260 32.82 11.52 49.15
N ARG C 261 34.06 11.96 49.31
CA ARG C 261 34.38 13.18 50.05
C ARG C 261 33.69 14.41 49.48
N ARG C 262 33.73 14.57 48.16
CA ARG C 262 33.21 15.76 47.50
C ARG C 262 31.72 15.70 47.11
N TYR C 263 31.25 14.51 46.74
CA TYR C 263 29.88 14.38 46.22
C TYR C 263 28.80 14.08 47.27
N TRP C 264 29.10 13.22 48.23
CA TRP C 264 28.17 12.96 49.33
C TRP C 264 28.33 14.01 50.43
N PRO C 265 27.21 14.55 50.95
CA PRO C 265 25.80 14.22 50.69
C PRO C 265 25.25 14.73 49.36
N ALA C 266 24.31 13.97 48.80
CA ALA C 266 23.62 14.33 47.56
C ALA C 266 22.86 15.65 47.71
N ASP C 267 22.92 16.48 46.67
CA ASP C 267 22.21 17.75 46.66
C ASP C 267 20.72 17.56 46.40
N LEU C 268 20.39 16.65 45.47
CA LEU C 268 19.01 16.44 45.06
C LEU C 268 18.70 15.00 44.66
N HIS C 269 17.70 14.42 45.34
CA HIS C 269 17.11 13.16 44.91
C HIS C 269 15.83 13.45 44.14
N MET C 270 15.83 13.09 42.86
CA MET C 270 14.64 13.25 42.03
C MET C 270 13.84 11.95 42.04
N ILE C 271 12.58 12.04 42.49
CA ILE C 271 11.68 10.89 42.57
C ILE C 271 10.25 11.27 42.20
N GLY C 272 9.39 10.27 42.07
CA GLY C 272 7.95 10.51 41.93
C GLY C 272 7.27 10.47 43.28
N LYS C 273 6.03 10.98 43.34
CA LYS C 273 5.30 11.09 44.60
C LYS C 273 4.89 9.75 45.22
N ASP C 274 4.84 8.70 44.42
CA ASP C 274 4.43 7.37 44.88
C ASP C 274 5.42 6.71 45.84
N ILE C 275 6.68 7.17 45.81
CA ILE C 275 7.75 6.57 46.61
C ILE C 275 8.41 7.56 47.57
N ILE C 276 7.66 8.60 47.96
CA ILE C 276 8.19 9.66 48.82
C ILE C 276 8.57 9.19 50.23
N ARG C 277 7.74 8.33 50.81
CA ARG C 277 7.93 7.84 52.19
C ARG C 277 9.22 7.03 52.33
N PHE C 278 9.60 6.33 51.28
CA PHE C 278 10.85 5.56 51.27
C PHE C 278 12.08 6.47 51.32
N HIS C 279 11.98 7.63 50.65
CA HIS C 279 13.10 8.56 50.53
C HIS C 279 13.16 9.61 51.63
N THR C 280 12.01 9.89 52.25
CA THR C 280 11.92 10.97 53.24
C THR C 280 11.71 10.49 54.68
N VAL C 281 11.35 9.22 54.84
CA VAL C 281 11.19 8.63 56.17
C VAL C 281 12.23 7.54 56.42
N TYR C 282 12.21 6.48 55.63
CA TYR C 282 13.13 5.35 55.83
C TYR C 282 14.58 5.70 55.54
N TRP C 283 14.81 6.39 54.42
CA TRP C 283 16.16 6.72 53.94
C TRP C 283 16.97 7.57 54.92
N PRO C 284 16.42 8.68 55.42
CA PRO C 284 17.18 9.45 56.42
C PRO C 284 17.39 8.70 57.73
N ALA C 285 16.42 7.88 58.12
CA ALA C 285 16.54 7.03 59.31
C ALA C 285 17.67 6.01 59.19
N PHE C 286 17.82 5.43 58.00
CA PHE C 286 18.91 4.49 57.72
C PHE C 286 20.27 5.18 57.83
N LEU C 287 20.37 6.40 57.31
CA LEU C 287 21.61 7.15 57.28
C LEU C 287 22.00 7.71 58.65
N MET C 288 21.01 8.13 59.43
CA MET C 288 21.23 8.55 60.82
C MET C 288 21.77 7.39 61.64
N SER C 289 21.19 6.20 61.43
CA SER C 289 21.64 4.97 62.06
C SER C 289 23.06 4.60 61.64
N ALA C 290 23.35 4.77 60.35
CA ALA C 290 24.67 4.46 59.79
C ALA C 290 25.72 5.55 60.09
N GLY C 291 25.27 6.67 60.65
CA GLY C 291 26.16 7.79 60.96
C GLY C 291 26.66 8.50 59.73
N LEU C 292 25.76 8.67 58.74
CA LEU C 292 26.10 9.28 57.47
C LEU C 292 25.31 10.56 57.24
N PRO C 293 25.94 11.58 56.62
CA PRO C 293 25.26 12.83 56.30
C PRO C 293 24.04 12.61 55.42
N LEU C 294 22.98 13.37 55.69
CA LEU C 294 21.72 13.24 54.98
C LEU C 294 21.73 14.04 53.68
N PRO C 295 20.99 13.58 52.65
CA PRO C 295 20.87 14.37 51.42
C PRO C 295 20.20 15.70 51.71
N LYS C 296 20.49 16.71 50.88
CA LYS C 296 20.03 18.06 51.14
C LYS C 296 18.57 18.30 50.75
N ARG C 297 18.12 17.65 49.69
CA ARG C 297 16.77 17.87 49.15
C ARG C 297 16.24 16.66 48.39
N ILE C 298 15.01 16.27 48.72
CA ILE C 298 14.27 15.28 47.94
C ILE C 298 13.08 15.98 47.29
N PHE C 299 13.00 15.91 45.97
CA PHE C 299 11.87 16.48 45.24
C PHE C 299 11.06 15.41 44.52
N ALA C 300 9.77 15.37 44.83
CA ALA C 300 8.86 14.43 44.21
C ALA C 300 8.02 15.10 43.14
N HIS C 301 8.24 14.70 41.88
CA HIS C 301 7.45 15.20 40.77
C HIS C 301 6.09 14.50 40.71
N GLY C 302 5.17 15.08 39.95
CA GLY C 302 3.83 14.53 39.81
C GLY C 302 3.73 13.39 38.82
N TRP C 303 2.52 12.86 38.68
CA TRP C 303 2.24 11.73 37.80
C TRP C 303 1.80 12.24 36.44
N LEU C 304 2.37 11.65 35.37
CA LEU C 304 2.00 12.01 34.02
C LEU C 304 1.29 10.84 33.33
N LEU C 305 0.10 11.12 32.82
CA LEU C 305 -0.76 10.09 32.20
C LEU C 305 -1.37 10.59 30.91
N ASN C 306 -1.71 9.67 30.01
CA ASN C 306 -2.34 10.04 28.74
C ASN C 306 -3.87 9.99 28.79
N ARG C 307 -4.52 10.84 28.00
CA ARG C 307 -5.98 10.86 27.89
C ARG C 307 -6.42 10.18 26.60
N GLY C 308 -7.49 9.40 26.69
CA GLY C 308 -8.03 8.70 25.54
C GLY C 308 -7.39 7.35 25.31
N GLU C 309 -7.47 6.88 24.06
CA GLU C 309 -6.91 5.58 23.67
C GLU C 309 -5.38 5.57 23.71
N LYS C 310 -4.83 4.45 24.16
CA LYS C 310 -3.38 4.25 24.22
C LYS C 310 -2.78 4.20 22.81
N MET C 311 -3.50 3.56 21.90
CA MET C 311 -3.06 3.43 20.51
C MET C 311 -3.75 4.45 19.61
N SER C 312 -2.95 5.35 19.04
CA SER C 312 -3.43 6.34 18.10
C SER C 312 -3.47 5.77 16.68
N LYS C 313 -4.48 6.18 15.93
CA LYS C 313 -4.68 5.72 14.56
C LYS C 313 -3.63 6.31 13.61
N SER C 314 -3.10 7.48 13.96
CA SER C 314 -2.12 8.17 13.12
C SER C 314 -0.67 7.96 13.55
N ILE C 315 -0.41 7.93 14.86
CA ILE C 315 0.97 7.90 15.36
C ILE C 315 1.36 6.62 16.15
N GLY C 316 0.38 5.82 16.54
CA GLY C 316 0.63 4.57 17.24
C GLY C 316 0.62 4.69 18.74
N ASN C 317 1.58 4.04 19.39
CA ASN C 317 1.67 4.02 20.86
C ASN C 317 2.04 5.38 21.47
N VAL C 318 1.11 5.95 22.22
CA VAL C 318 1.23 7.31 22.76
C VAL C 318 1.97 7.34 24.12
N VAL C 319 2.04 6.19 24.79
CA VAL C 319 2.74 6.10 26.09
C VAL C 319 4.18 5.59 25.94
N ASP C 320 4.54 5.19 24.72
CA ASP C 320 5.89 4.71 24.42
C ASP C 320 6.80 5.89 24.07
N PRO C 321 7.76 6.20 24.97
CA PRO C 321 8.64 7.36 24.80
C PRO C 321 9.53 7.25 23.55
N VAL C 322 9.92 6.04 23.20
CA VAL C 322 10.70 5.76 21.99
C VAL C 322 9.92 6.19 20.74
N ASN C 323 8.64 5.80 20.68
CA ASN C 323 7.77 6.16 19.55
C ASN C 323 7.52 7.66 19.44
N LEU C 324 7.32 8.32 20.58
CA LEU C 324 7.08 9.76 20.63
C LEU C 324 8.30 10.56 20.13
N VAL C 325 9.49 10.10 20.50
CA VAL C 325 10.75 10.72 20.05
C VAL C 325 10.91 10.55 18.53
N ASP C 326 10.65 9.34 18.04
CA ASP C 326 10.71 9.04 16.61
C ASP C 326 9.66 9.83 15.81
N THR C 327 8.52 10.11 16.43
CA THR C 327 7.42 10.80 15.77
C THR C 327 7.59 12.32 15.77
N PHE C 328 7.89 12.89 16.93
CA PHE C 328 7.92 14.35 17.09
C PHE C 328 9.32 14.95 17.09
N GLY C 329 10.33 14.12 17.32
CA GLY C 329 11.70 14.60 17.52
C GLY C 329 12.02 14.66 19.00
N LEU C 330 13.27 14.38 19.35
CA LEU C 330 13.70 14.30 20.76
C LEU C 330 13.49 15.61 21.53
N ASP C 331 14.01 16.70 20.98
CA ASP C 331 13.96 18.00 21.65
C ASP C 331 12.55 18.55 21.79
N GLN C 332 11.69 18.19 20.84
CA GLN C 332 10.27 18.52 20.90
C GLN C 332 9.59 17.83 22.09
N VAL C 333 9.88 16.55 22.27
CA VAL C 333 9.34 15.77 23.39
C VAL C 333 9.89 16.29 24.73
N ARG C 334 11.20 16.54 24.77
CA ARG C 334 11.87 17.08 25.95
C ARG C 334 11.26 18.41 26.41
N TYR C 335 11.01 19.30 25.45
CA TYR C 335 10.41 20.60 25.74
C TYR C 335 8.97 20.46 26.24
N PHE C 336 8.17 19.64 25.55
CA PHE C 336 6.76 19.45 25.90
C PHE C 336 6.59 18.95 27.33
N LEU C 337 7.38 17.95 27.73
CA LEU C 337 7.27 17.35 29.05
C LEU C 337 7.62 18.32 30.18
N LEU C 338 8.55 19.25 29.90
CA LEU C 338 9.00 20.22 30.89
C LEU C 338 8.18 21.51 30.92
N ARG C 339 7.39 21.74 29.87
CA ARG C 339 6.58 22.96 29.76
C ARG C 339 5.11 22.74 30.10
N GLU C 340 4.54 21.63 29.64
CA GLU C 340 3.12 21.35 29.74
C GLU C 340 2.59 21.25 31.17
N VAL C 341 3.35 20.56 32.03
CA VAL C 341 2.93 20.31 33.40
C VAL C 341 3.83 21.05 34.38
N PRO C 342 3.23 21.85 35.30
CA PRO C 342 4.01 22.47 36.36
C PRO C 342 4.69 21.40 37.21
N PHE C 343 6.01 21.51 37.37
CA PHE C 343 6.81 20.47 37.99
C PHE C 343 6.48 20.27 39.47
N GLY C 344 6.03 19.06 39.79
CA GLY C 344 5.55 18.74 41.14
C GLY C 344 4.07 18.37 41.13
N GLN C 345 3.36 18.88 40.13
CA GLN C 345 1.92 18.64 39.99
C GLN C 345 1.63 17.46 39.05
N ASP C 346 0.46 16.87 39.20
CA ASP C 346 -0.02 15.83 38.29
C ASP C 346 -0.47 16.45 36.98
N GLY C 347 -0.28 15.71 35.88
CA GLY C 347 -0.66 16.21 34.56
C GLY C 347 -1.16 15.14 33.63
N SER C 348 -1.74 15.58 32.51
CA SER C 348 -2.21 14.68 31.46
C SER C 348 -1.91 15.25 30.08
N TYR C 349 -1.91 14.39 29.07
CA TYR C 349 -1.59 14.79 27.70
C TYR C 349 -2.30 13.92 26.67
N ASN C 350 -2.33 14.40 25.43
CA ASN C 350 -2.70 13.58 24.28
C ASN C 350 -1.94 14.01 23.03
N GLU C 351 -2.20 13.34 21.91
CA GLU C 351 -1.57 13.64 20.63
C GLU C 351 -1.67 15.12 20.26
N ASP C 352 -2.87 15.68 20.40
CA ASP C 352 -3.15 17.07 20.02
C ASP C 352 -2.39 18.10 20.87
N ALA C 353 -2.23 17.81 22.15
CA ALA C 353 -1.52 18.71 23.07
C ALA C 353 -0.03 18.82 22.71
N ILE C 354 0.55 17.70 22.28
CA ILE C 354 1.94 17.66 21.84
C ILE C 354 2.12 18.45 20.55
N ILE C 355 1.25 18.19 19.57
CA ILE C 355 1.28 18.88 18.27
C ILE C 355 1.15 20.39 18.46
N GLY C 356 0.16 20.81 19.27
CA GLY C 356 -0.08 22.22 19.55
C GLY C 356 1.12 22.92 20.14
N ARG C 357 1.74 22.29 21.13
CA ARG C 357 2.91 22.83 21.83
C ARG C 357 4.14 22.88 20.92
N VAL C 358 4.29 21.88 20.05
CA VAL C 358 5.42 21.82 19.11
C VAL C 358 5.34 22.88 18.01
N ASN C 359 4.16 23.00 17.39
CA ASN C 359 3.96 23.95 16.29
C ASN C 359 3.92 25.41 16.71
N ALA C 360 3.33 25.70 17.87
CA ALA C 360 3.18 27.07 18.37
C ALA C 360 4.44 27.61 19.05
N ASP C 361 4.89 26.92 20.09
CA ASP C 361 6.02 27.37 20.90
C ASP C 361 7.36 27.24 20.20
N LEU C 362 7.61 26.09 19.60
CA LEU C 362 8.91 25.80 19.00
C LEU C 362 9.01 26.25 17.55
N ALA C 363 8.12 25.75 16.70
CA ALA C 363 8.14 26.02 15.26
C ALA C 363 7.84 27.48 14.91
N ASN C 364 6.85 28.07 15.58
CA ASN C 364 6.44 29.44 15.29
C ASN C 364 7.15 30.49 16.14
N GLU C 365 6.94 30.44 17.45
CA GLU C 365 7.44 31.46 18.37
C GLU C 365 8.96 31.60 18.35
N LEU C 366 9.67 30.47 18.48
CA LEU C 366 11.14 30.46 18.46
C LEU C 366 11.69 30.27 17.05
N GLY C 367 11.15 29.29 16.33
CA GLY C 367 11.62 28.90 15.01
C GLY C 367 11.57 29.99 13.95
N ASN C 368 10.42 30.64 13.83
CA ASN C 368 10.23 31.72 12.85
C ASN C 368 11.00 33.00 13.20
N LEU C 369 11.10 33.30 14.48
CA LEU C 369 11.88 34.44 14.96
C LEU C 369 13.35 34.29 14.56
N ALA C 370 13.92 33.11 14.79
CA ALA C 370 15.29 32.80 14.43
C ALA C 370 15.48 32.81 12.91
N GLN C 371 14.55 32.17 12.20
CA GLN C 371 14.64 32.04 10.74
C GLN C 371 14.50 33.37 10.01
N ARG C 372 13.54 34.20 10.42
CA ARG C 372 13.32 35.52 9.81
C ARG C 372 14.54 36.44 9.97
N SER C 373 15.13 36.44 11.15
CA SER C 373 16.27 37.30 11.46
C SER C 373 17.57 36.79 10.83
N LEU C 374 17.77 35.47 10.85
CA LEU C 374 18.94 34.86 10.20
C LEU C 374 18.85 34.93 8.67
N SER C 375 17.62 34.93 8.15
CA SER C 375 17.38 35.07 6.71
C SER C 375 17.75 36.47 6.22
N MET C 376 17.46 37.48 7.03
CA MET C 376 17.82 38.86 6.75
C MET C 376 19.33 39.09 6.80
N VAL C 377 20.02 38.33 7.66
CA VAL C 377 21.47 38.38 7.72
C VAL C 377 22.08 37.81 6.44
N ALA C 378 21.53 36.68 5.99
CA ALA C 378 22.02 35.98 4.81
C ALA C 378 21.72 36.71 3.50
N LYS C 379 20.59 37.41 3.45
CA LYS C 379 20.13 38.07 2.22
C LYS C 379 20.50 39.55 2.12
N ASN C 380 20.55 40.25 3.26
CA ASN C 380 20.73 41.70 3.27
C ASN C 380 22.05 42.17 3.89
N LEU C 381 22.66 41.31 4.70
CA LEU C 381 23.90 41.67 5.41
C LEU C 381 25.10 40.83 5.00
N GLY C 382 25.00 40.14 3.86
CA GLY C 382 26.09 39.35 3.30
C GLY C 382 26.59 38.23 4.21
N ALA C 383 25.66 37.59 4.92
CA ALA C 383 25.94 36.47 5.81
C ALA C 383 26.80 36.82 7.03
N ALA C 384 26.68 38.07 7.49
CA ALA C 384 27.46 38.54 8.63
C ALA C 384 26.62 39.31 9.65
N VAL C 385 26.96 39.17 10.92
CA VAL C 385 26.28 39.87 12.01
C VAL C 385 26.43 41.38 11.86
N PRO C 386 25.30 42.11 11.78
CA PRO C 386 25.35 43.56 11.56
C PRO C 386 25.99 44.32 12.71
N ASP C 387 26.65 45.44 12.38
CA ASP C 387 27.15 46.37 13.38
C ASP C 387 26.00 47.29 13.75
N PRO C 388 25.53 47.23 15.02
CA PRO C 388 24.36 48.02 15.39
C PRO C 388 24.70 49.52 15.51
N GLY C 389 23.66 50.35 15.44
CA GLY C 389 23.82 51.77 15.70
C GLY C 389 23.44 52.08 17.14
N GLU C 390 22.85 53.26 17.34
CA GLU C 390 22.42 53.71 18.66
C GLU C 390 21.15 52.96 19.11
N PHE C 391 21.17 52.46 20.34
CA PHE C 391 20.03 51.74 20.90
C PHE C 391 18.97 52.69 21.42
N THR C 392 17.73 52.48 20.99
CA THR C 392 16.58 53.28 21.44
C THR C 392 15.99 52.66 22.73
N ASP C 393 14.98 53.32 23.27
CA ASP C 393 14.26 52.83 24.46
C ASP C 393 13.63 51.46 24.23
N GLU C 394 13.17 51.21 23.00
CA GLU C 394 12.56 49.94 22.62
C GLU C 394 13.59 48.81 22.56
N ASP C 395 14.75 49.09 21.96
CA ASP C 395 15.86 48.13 21.92
C ASP C 395 16.32 47.80 23.33
N THR C 396 16.45 48.85 24.15
CA THR C 396 16.95 48.74 25.52
C THR C 396 16.02 47.91 26.41
N ALA C 397 14.71 48.14 26.30
CA ALA C 397 13.71 47.42 27.10
C ALA C 397 13.67 45.93 26.79
N LEU C 398 13.89 45.59 25.52
CA LEU C 398 13.93 44.18 25.10
C LEU C 398 15.20 43.49 25.59
N LEU C 399 16.34 44.15 25.41
CA LEU C 399 17.62 43.62 25.84
C LEU C 399 17.71 43.45 27.36
N ALA C 400 17.08 44.37 28.09
CA ALA C 400 17.01 44.29 29.56
C ALA C 400 16.23 43.06 30.02
N ALA C 401 15.16 42.72 29.30
CA ALA C 401 14.34 41.55 29.59
C ALA C 401 15.12 40.26 29.32
N ALA C 402 15.94 40.27 28.26
CA ALA C 402 16.79 39.13 27.90
C ALA C 402 17.97 38.96 28.86
N ASP C 403 18.57 40.08 29.27
CA ASP C 403 19.71 40.06 30.19
C ASP C 403 19.31 39.61 31.61
N ALA C 404 18.06 39.84 31.97
CA ALA C 404 17.55 39.46 33.29
C ALA C 404 17.20 37.98 33.39
N LEU C 405 17.20 37.28 32.24
CA LEU C 405 16.79 35.87 32.19
C LEU C 405 17.63 34.92 33.03
N LEU C 406 18.95 35.00 32.91
CA LEU C 406 19.88 34.08 33.58
C LEU C 406 19.63 33.96 35.09
N GLU C 407 19.52 35.11 35.76
CA GLU C 407 19.27 35.14 37.20
C GLU C 407 17.92 34.52 37.55
N ARG C 408 16.88 34.88 36.80
CA ARG C 408 15.53 34.33 36.98
C ARG C 408 15.51 32.82 36.75
N VAL C 409 16.12 32.40 35.65
CA VAL C 409 16.16 30.98 35.26
C VAL C 409 16.94 30.14 36.26
N ARG C 410 18.06 30.68 36.77
CA ARG C 410 18.85 30.01 37.80
C ARG C 410 18.00 29.74 39.05
N GLU C 411 17.24 30.76 39.46
CA GLU C 411 16.32 30.64 40.60
C GLU C 411 15.26 29.56 40.37
N HIS C 412 14.72 29.50 39.16
CA HIS C 412 13.70 28.50 38.82
C HIS C 412 14.26 27.07 38.80
N PHE C 413 15.47 26.91 38.26
CA PHE C 413 16.13 25.61 38.20
C PHE C 413 16.54 25.07 39.58
N ASP C 414 16.69 25.96 40.56
CA ASP C 414 17.06 25.57 41.92
C ASP C 414 15.88 25.05 42.74
N VAL C 415 14.66 25.31 42.27
CA VAL C 415 13.43 24.93 43.00
C VAL C 415 13.25 23.41 43.18
N PRO C 416 13.26 22.62 42.07
CA PRO C 416 13.33 22.95 40.65
C PRO C 416 11.96 23.19 40.01
N ALA C 417 11.91 24.15 39.08
CA ALA C 417 10.68 24.50 38.39
C ALA C 417 10.97 24.89 36.94
N MET C 418 11.37 23.89 36.15
CA MET C 418 11.76 24.09 34.75
C MET C 418 10.66 24.74 33.90
N HIS C 419 9.40 24.45 34.22
CA HIS C 419 8.26 25.02 33.51
C HIS C 419 8.24 26.55 33.58
N LEU C 420 8.58 27.10 34.75
CA LEU C 420 8.61 28.55 34.95
C LEU C 420 9.81 29.20 34.25
N ALA C 421 10.89 28.45 34.11
CA ALA C 421 12.06 28.89 33.37
C ALA C 421 11.73 29.01 31.88
N LEU C 422 11.04 28.01 31.34
CA LEU C 422 10.61 28.01 29.94
C LEU C 422 9.58 29.10 29.64
N GLU C 423 8.67 29.32 30.59
CA GLU C 423 7.68 30.40 30.49
C GLU C 423 8.35 31.78 30.45
N ALA C 424 9.38 31.95 31.27
CA ALA C 424 10.14 33.20 31.34
C ALA C 424 10.86 33.50 30.03
N ILE C 425 11.51 32.47 29.47
CA ILE C 425 12.20 32.59 28.19
C ILE C 425 11.22 32.91 27.04
N TRP C 426 10.08 32.20 27.01
CA TRP C 426 9.08 32.41 25.98
C TRP C 426 8.33 33.76 26.08
N SER C 427 8.29 34.32 27.27
CA SER C 427 7.79 35.68 27.48
C SER C 427 8.69 36.69 26.77
N VAL C 428 10.00 36.46 26.84
CA VAL C 428 11.00 37.29 26.17
C VAL C 428 10.96 37.09 24.65
N LEU C 429 10.83 35.84 24.21
CA LEU C 429 10.70 35.51 22.79
C LEU C 429 9.43 36.11 22.20
N GLY C 430 8.38 36.18 23.00
CA GLY C 430 7.13 36.83 22.62
C GLY C 430 7.32 38.32 22.42
N ALA C 431 8.04 38.94 23.35
CA ALA C 431 8.38 40.35 23.28
C ALA C 431 9.26 40.65 22.07
N ALA C 432 10.18 39.74 21.76
CA ALA C 432 11.07 39.86 20.60
C ALA C 432 10.30 39.82 19.29
N ASN C 433 9.30 38.94 19.20
CA ASN C 433 8.42 38.83 18.04
C ASN C 433 7.56 40.07 17.83
N ARG C 434 7.03 40.62 18.93
CA ARG C 434 6.25 41.85 18.87
C ARG C 434 7.15 43.03 18.50
N TYR C 435 8.36 43.02 19.02
CA TYR C 435 9.39 44.01 18.69
C TYR C 435 9.74 43.96 17.21
N PHE C 436 9.95 42.74 16.70
CA PHE C 436 10.27 42.51 15.29
C PHE C 436 9.15 43.00 14.37
N SER C 437 7.91 42.79 14.78
CA SER C 437 6.74 43.22 14.01
C SER C 437 6.57 44.75 14.02
N ALA C 438 6.72 45.36 15.20
CA ALA C 438 6.53 46.80 15.36
C ALA C 438 7.61 47.63 14.66
N GLN C 439 8.83 47.10 14.63
CA GLN C 439 9.96 47.81 14.02
C GLN C 439 9.95 47.71 12.49
N GLU C 440 9.24 46.71 11.97
CA GLU C 440 9.09 46.49 10.51
C GLU C 440 10.42 46.55 9.73
N PRO C 441 11.39 45.69 10.09
CA PRO C 441 12.72 45.74 9.45
C PRO C 441 12.71 45.42 7.96
N TRP C 442 11.68 44.71 7.51
CA TRP C 442 11.53 44.39 6.08
C TRP C 442 11.18 45.63 5.25
N VAL C 443 10.65 46.66 5.91
CA VAL C 443 10.38 47.94 5.28
C VAL C 443 11.65 48.81 5.34
N LEU C 444 12.33 48.77 6.48
CA LEU C 444 13.54 49.58 6.71
C LEU C 444 14.71 49.23 5.80
N ARG C 445 14.83 47.95 5.41
CA ARG C 445 15.93 47.49 4.55
C ARG C 445 15.89 48.06 3.13
N LYS C 446 14.68 48.41 2.67
CA LYS C 446 14.49 48.95 1.33
C LYS C 446 14.80 50.45 1.25
N SER C 447 14.83 51.10 2.40
CA SER C 447 15.05 52.55 2.47
C SER C 447 16.50 52.96 2.24
N ASP C 448 16.68 54.11 1.59
CA ASP C 448 18.01 54.67 1.31
C ASP C 448 18.42 55.71 2.35
N ALA C 449 17.46 56.12 3.18
CA ALA C 449 17.70 57.12 4.22
C ALA C 449 18.66 56.62 5.28
N ALA C 450 19.59 57.49 5.70
CA ALA C 450 20.62 57.16 6.69
C ALA C 450 20.02 56.68 8.01
N GLU C 451 18.94 57.34 8.43
CA GLU C 451 18.26 57.02 9.69
C GLU C 451 17.66 55.61 9.70
N ASP C 452 17.05 55.23 8.58
CA ASP C 452 16.42 53.91 8.43
C ASP C 452 17.46 52.79 8.29
N GLN C 453 18.58 53.10 7.65
CA GLN C 453 19.67 52.15 7.48
C GLN C 453 20.31 51.80 8.82
N GLN C 454 20.43 52.80 9.69
CA GLN C 454 20.96 52.60 11.03
C GLN C 454 20.00 51.79 11.89
N ARG C 455 18.70 52.08 11.77
CA ARG C 455 17.67 51.36 12.51
C ARG C 455 17.58 49.90 12.10
N PHE C 456 17.73 49.64 10.79
CA PHE C 456 17.71 48.27 10.28
C PHE C 456 18.82 47.40 10.87
N ARG C 457 20.02 47.95 10.96
CA ARG C 457 21.16 47.27 11.57
C ARG C 457 20.94 47.00 13.05
N THR C 458 20.35 47.98 13.74
CA THR C 458 20.14 47.91 15.18
C THR C 458 19.04 46.91 15.55
N VAL C 459 17.93 46.97 14.80
CA VAL C 459 16.80 46.05 15.01
C VAL C 459 17.20 44.61 14.75
N LEU C 460 17.97 44.39 13.69
CA LEU C 460 18.44 43.05 13.33
C LEU C 460 19.42 42.51 14.39
N TYR C 461 20.35 43.36 14.83
CA TYR C 461 21.29 42.99 15.87
C TYR C 461 20.58 42.60 17.17
N THR C 462 19.65 43.46 17.60
CA THR C 462 18.92 43.27 18.85
C THR C 462 18.15 41.95 18.85
N THR C 463 17.49 41.64 17.73
CA THR C 463 16.74 40.40 17.57
C THR C 463 17.65 39.16 17.68
N LEU C 464 18.81 39.23 17.06
CA LEU C 464 19.78 38.11 17.08
C LEU C 464 20.34 37.87 18.48
N GLU C 465 20.58 38.94 19.22
CA GLU C 465 21.11 38.85 20.58
C GLU C 465 20.10 38.21 21.53
N VAL C 466 18.82 38.49 21.34
CA VAL C 466 17.75 37.83 22.11
C VAL C 466 17.74 36.33 21.81
N VAL C 467 17.81 35.98 20.53
CA VAL C 467 17.84 34.58 20.09
C VAL C 467 19.08 33.84 20.63
N ARG C 468 20.22 34.52 20.61
CA ARG C 468 21.47 33.96 21.14
C ARG C 468 21.39 33.63 22.63
N ILE C 469 20.87 34.58 23.42
CA ILE C 469 20.70 34.40 24.86
C ILE C 469 19.75 33.26 25.17
N ALA C 470 18.60 33.24 24.49
CA ALA C 470 17.62 32.18 24.64
C ALA C 470 18.18 30.80 24.29
N SER C 471 18.92 30.73 23.17
CA SER C 471 19.53 29.48 22.71
C SER C 471 20.52 28.89 23.73
N LEU C 472 21.33 29.76 24.33
CA LEU C 472 22.29 29.34 25.35
C LEU C 472 21.60 28.81 26.61
N LEU C 473 20.50 29.45 26.99
CA LEU C 473 19.75 29.08 28.19
C LEU C 473 18.88 27.84 28.02
N LEU C 474 18.53 27.53 26.77
CA LEU C 474 17.69 26.38 26.46
C LEU C 474 18.49 25.08 26.22
N GLN C 475 19.82 25.20 26.29
CA GLN C 475 20.72 24.05 26.11
C GLN C 475 20.44 22.85 27.05
N PRO C 476 20.09 23.12 28.33
CA PRO C 476 19.72 22.00 29.22
C PRO C 476 18.46 21.25 28.78
N VAL C 477 17.52 21.97 28.16
CA VAL C 477 16.24 21.39 27.75
C VAL C 477 16.31 20.73 26.36
N MET C 478 16.95 21.42 25.42
CA MET C 478 17.06 20.94 24.03
C MET C 478 18.50 20.98 23.52
N PRO C 479 19.35 20.04 23.96
CA PRO C 479 20.80 20.08 23.70
C PRO C 479 21.19 20.18 22.22
N GLU C 480 20.63 19.31 21.38
CA GLU C 480 21.02 19.22 19.98
C GLU C 480 20.53 20.38 19.10
N SER C 481 19.27 20.76 19.30
CA SER C 481 18.66 21.86 18.53
C SER C 481 19.31 23.22 18.81
N THR C 482 19.62 23.47 20.08
CA THR C 482 20.26 24.72 20.48
C THR C 482 21.71 24.78 20.00
N ALA C 483 22.38 23.62 19.98
CA ALA C 483 23.73 23.52 19.42
C ALA C 483 23.74 23.92 17.95
N LYS C 484 22.74 23.44 17.20
CA LYS C 484 22.60 23.76 15.78
C LYS C 484 22.23 25.24 15.57
N LEU C 485 21.39 25.76 16.46
CA LEU C 485 20.98 27.16 16.40
C LEU C 485 22.13 28.11 16.78
N LEU C 486 22.96 27.70 17.73
CA LEU C 486 24.14 28.47 18.11
C LEU C 486 25.22 28.45 17.03
N ASP C 487 25.29 27.35 16.28
CA ASP C 487 26.16 27.26 15.10
C ASP C 487 25.77 28.30 14.05
N LEU C 488 24.47 28.42 13.82
CA LEU C 488 23.93 29.41 12.87
C LEU C 488 24.13 30.85 13.35
N LEU C 489 24.25 31.02 14.66
CA LEU C 489 24.50 32.32 15.26
C LEU C 489 25.99 32.64 15.38
N GLY C 490 26.82 31.71 14.91
CA GLY C 490 28.27 31.89 14.87
C GLY C 490 28.96 31.89 16.22
N GLN C 491 28.27 31.34 17.22
CA GLN C 491 28.82 31.23 18.57
C GLN C 491 29.98 30.23 18.57
N PRO C 492 31.16 30.65 19.09
CA PRO C 492 32.32 29.78 19.18
C PRO C 492 32.02 28.50 19.95
N THR C 493 32.71 27.41 19.59
CA THR C 493 32.49 26.09 20.18
C THR C 493 32.77 26.06 21.68
N ASP C 494 33.78 26.82 22.10
CA ASP C 494 34.23 26.83 23.49
C ASP C 494 33.59 27.95 24.34
N GLU C 495 32.67 28.69 23.73
CA GLU C 495 31.96 29.77 24.43
C GLU C 495 30.47 29.49 24.51
N ARG C 496 30.11 28.38 25.13
CA ARG C 496 28.70 27.98 25.23
C ARG C 496 28.22 27.64 26.65
N ASP C 497 29.04 27.98 27.64
CA ASP C 497 28.61 27.98 29.04
C ASP C 497 27.79 29.25 29.29
N PHE C 498 27.14 29.33 30.44
CA PHE C 498 26.29 30.48 30.77
C PHE C 498 27.07 31.79 30.96
N SER C 499 28.38 31.69 31.17
CA SER C 499 29.25 32.86 31.31
C SER C 499 29.39 33.64 29.99
N ALA C 500 29.04 32.98 28.88
CA ALA C 500 29.09 33.59 27.55
C ALA C 500 27.86 34.44 27.24
N ILE C 501 26.87 34.41 28.13
CA ILE C 501 25.66 35.24 27.99
C ILE C 501 25.98 36.72 28.19
N ALA C 502 26.95 37.00 29.06
CA ALA C 502 27.39 38.37 29.37
C ALA C 502 28.09 39.05 28.19
N ASN C 503 28.70 38.25 27.31
CA ASN C 503 29.37 38.77 26.12
C ASN C 503 28.45 38.75 24.91
N ARG C 504 28.05 39.94 24.45
CA ARG C 504 27.10 40.06 23.35
C ARG C 504 27.65 39.53 22.02
N ILE C 505 26.74 39.18 21.13
CA ILE C 505 27.10 38.69 19.79
C ILE C 505 27.98 39.72 19.06
N LYS C 506 29.04 39.23 18.43
CA LYS C 506 30.03 40.11 17.82
C LYS C 506 29.68 40.49 16.38
N PRO C 507 29.63 41.80 16.09
CA PRO C 507 29.42 42.29 14.72
C PRO C 507 30.53 41.83 13.79
N GLY C 508 30.16 41.48 12.56
CA GLY C 508 31.11 41.01 11.56
C GLY C 508 31.32 39.50 11.53
N THR C 509 30.79 38.81 12.54
CA THR C 509 30.87 37.35 12.60
C THR C 509 30.10 36.73 11.43
N SER C 510 30.81 35.95 10.63
CA SER C 510 30.23 35.28 9.48
C SER C 510 29.33 34.13 9.91
N LEU C 511 28.11 34.10 9.38
CA LEU C 511 27.13 33.08 9.75
C LEU C 511 26.87 32.10 8.60
N PRO C 512 26.78 30.80 8.92
CA PRO C 512 26.48 29.77 7.92
C PRO C 512 25.06 29.94 7.36
N ALA C 513 24.83 29.40 6.17
CA ALA C 513 23.51 29.44 5.54
C ALA C 513 22.45 28.86 6.47
N PRO C 514 21.39 29.65 6.76
CA PRO C 514 20.40 29.22 7.76
C PRO C 514 19.33 28.27 7.21
N SER C 515 19.07 27.22 7.97
CA SER C 515 17.97 26.29 7.68
C SER C 515 17.10 26.13 8.93
N GLY C 516 15.96 25.44 8.79
CA GLY C 516 15.02 25.25 9.88
C GLY C 516 15.52 24.33 10.97
N ILE C 517 15.46 24.80 12.21
CA ILE C 517 15.85 23.99 13.37
C ILE C 517 14.61 23.32 13.98
N PHE C 518 13.50 24.04 13.98
CA PHE C 518 12.24 23.53 14.50
C PHE C 518 11.16 23.52 13.41
N PRO C 519 11.16 22.47 12.57
CA PRO C 519 10.12 22.38 11.54
C PRO C 519 8.77 22.03 12.13
N ARG C 520 7.69 22.45 11.46
CA ARG C 520 6.33 22.09 11.87
C ARG C 520 6.17 20.58 11.81
N TYR C 521 5.34 20.05 12.72
CA TYR C 521 5.09 18.61 12.78
C TYR C 521 4.51 18.07 11.47
N GLN C 522 5.12 16.99 10.98
CA GLN C 522 4.71 16.35 9.74
C GLN C 522 4.69 14.83 9.90
N MET D . -12.51 16.00 -8.74
CA MET D . -13.75 16.49 -9.32
C MET D . -14.96 16.06 -8.50
O MET D . -16.05 16.64 -8.62
CB MET D . -13.90 16.00 -10.77
CG MET D . -12.77 16.41 -11.69
SD MET D . -13.04 15.85 -13.38
CE MET D . -11.58 16.48 -14.18
OXT MET D . -14.89 15.13 -7.69
O5' ADN E . -16.89 12.75 -8.27
C5' ADN E . -16.71 12.19 -9.57
C4' ADN E . -18.05 12.09 -10.30
O4' ADN E . -19.04 11.43 -9.51
C3' ADN E . -18.60 13.46 -10.66
O3' ADN E . -18.81 13.55 -12.07
C2' ADN E . -19.92 13.56 -9.90
O2' ADN E . -20.93 14.22 -10.67
C1' ADN E . -20.28 12.10 -9.63
N9 ADN E . -21.13 11.98 -8.42
C8 ADN E . -20.74 12.23 -7.15
N7 ADN E . -21.77 12.02 -6.28
C5 ADN E . -22.84 11.63 -6.99
C6 ADN E . -24.24 11.24 -6.70
N6 ADN E . -24.71 11.23 -5.43
N1 ADN E . -25.03 10.90 -7.75
C2 ADN E . -24.58 10.89 -9.02
N3 ADN E . -23.31 11.24 -9.36
C4 ADN E . -22.41 11.61 -8.40
S CXS F . -9.72 34.24 -29.83
O1 CXS F . -11.17 34.00 -29.68
O2 CXS F . -9.50 35.41 -30.70
O3 CXS F . -9.09 33.05 -30.44
C1 CXS F . -9.06 34.54 -28.33
C2 CXS F . -7.54 34.65 -28.43
C3 CXS F . -6.94 35.22 -27.15
N CXS F . -5.71 35.94 -27.43
C4 CXS F . -5.05 36.78 -26.45
C5 CXS F . -3.64 37.09 -26.94
C6 CXS F . -2.89 38.03 -26.00
C7 CXS F . -3.67 39.32 -25.74
C8 CXS F . -5.11 39.03 -25.29
C9 CXS F . -5.83 38.07 -26.23
P 2HP G . -29.83 14.82 -26.17
O1 2HP G . -30.38 14.83 -27.57
O2 2HP G . -28.39 15.22 -25.96
O3 2HP G . -30.75 15.81 -25.28
O4 2HP G . -30.02 13.34 -25.58
N MET H . 11.32 -11.72 -3.57
CA MET H . 12.15 -12.93 -3.65
C MET H . 13.22 -12.78 -4.72
O MET H . 14.27 -13.42 -4.64
CB MET H . 11.28 -14.16 -3.93
CG MET H . 10.18 -14.41 -2.91
SD MET H . 9.30 -15.96 -3.21
CE MET H . 8.23 -16.01 -1.77
OXT MET H . 13.06 -12.04 -5.68
O5' ADN I . 13.04 -12.96 -8.69
C5' ADN I . 11.95 -13.87 -8.86
C4' ADN I . 12.43 -15.17 -9.50
O4' ADN I . 13.11 -14.93 -10.73
C3' ADN I . 13.37 -15.94 -8.59
O3' ADN I . 12.92 -17.28 -8.44
C2' ADN I . 14.70 -15.92 -9.33
O2' ADN I . 15.44 -17.13 -9.14
C1' ADN I . 14.30 -15.72 -10.78
N9 ADN I . 15.39 -15.05 -11.54
C8 ADN I . 15.83 -13.79 -11.37
N7 ADN I . 16.85 -13.51 -12.23
C5 ADN I . 17.08 -14.61 -12.96
C6 ADN I . 18.02 -15.00 -14.05
N6 ADN I . 18.93 -14.13 -14.54
N1 ADN I . 17.92 -16.25 -14.54
C2 ADN I . 17.02 -17.14 -14.08
N3 ADN I . 16.14 -16.85 -13.10
C4 ADN I . 16.12 -15.63 -12.51
S CXS J . 9.24 -30.78 16.58
O1 CXS J . 10.17 -31.49 15.69
O2 CXS J . 9.16 -31.50 17.87
O3 CXS J . 7.90 -30.73 15.95
C1 CXS J . 9.81 -29.23 16.85
C2 CXS J . 8.74 -28.41 17.56
C3 CXS J . 9.36 -27.25 18.33
N CXS J . 8.66 -26.99 19.58
C4 CXS J . 9.05 -25.88 20.42
C5 CXS J . 7.81 -25.37 21.19
C6 CXS J . 8.03 -25.28 22.70
C7 CXS J . 9.34 -24.59 23.08
C8 CXS J . 10.54 -25.19 22.35
C9 CXS J . 10.18 -26.29 21.36
P 2HP K . 14.92 -34.67 -10.73
O1 2HP K . 14.51 -36.05 -11.14
O2 2HP K . 14.32 -34.12 -9.46
O3 2HP K . 16.53 -34.65 -10.57
O4 2HP K . 14.55 -33.66 -11.92
N MET L . 12.48 0.71 42.09
CA MET L . 11.68 1.74 42.76
C MET L . 10.41 2.06 41.97
O MET L . 9.43 2.54 42.53
CB MET L . 12.49 3.00 42.99
CG MET L . 13.75 2.81 43.83
SD MET L . 14.60 4.37 44.15
CE MET L . 15.88 3.82 45.28
OXT MET L . 10.35 1.85 40.74
O5' ADN M . 11.75 4.47 39.30
C5' ADN M . 10.60 4.80 38.51
C4' ADN M . 10.25 6.28 38.74
O4' ADN M . 9.38 6.75 37.70
C3' ADN M . 9.52 6.48 40.06
O3' ADN M . 10.13 7.56 40.77
C2' ADN M . 8.10 6.83 39.68
O2' ADN M . 7.55 7.82 40.54
C1' ADN M . 8.22 7.37 38.25
N9 ADN M . 7.01 7.05 37.46
C8 ADN M . 6.55 5.82 37.15
N7 ADN M . 5.41 5.89 36.42
C5 ADN M . 5.11 7.20 36.25
C6 ADN M . 4.04 7.97 35.58
N6 ADN M . 3.03 7.36 34.92
N1 ADN M . 4.10 9.33 35.65
C2 ADN M . 5.10 9.96 36.31
N3 ADN M . 6.11 9.32 36.94
C4 ADN M . 6.17 7.96 36.94
S CXS N . 18.16 8.48 68.32
O1 CXS N . 19.45 8.90 67.71
O2 CXS N . 17.10 9.44 67.93
O3 CXS N . 18.30 8.48 69.80
C1 CXS N . 17.75 6.96 67.81
C2 CXS N . 18.90 5.99 68.02
C3 CXS N . 18.42 4.55 68.12
N CXS N . 19.05 3.85 69.23
C4 CXS N . 18.81 2.44 69.44
C5 CXS N . 20.16 1.73 69.65
C6 CXS N . 20.26 0.99 70.97
C7 CXS N . 19.07 0.06 71.22
C8 CXS N . 17.73 0.77 71.05
C9 CXS N . 17.88 2.24 70.64
P 2HP O . 8.64 24.22 47.20
O1 2HP O . 9.01 25.64 47.59
O2 2HP O . 9.38 23.10 47.89
O3 2HP O . 7.07 24.04 47.47
O4 2HP O . 8.87 24.07 45.62
#